data_1JOI
# 
_entry.id   1JOI 
# 
_audit_conform.dict_name       mmcif_pdbx.dic 
_audit_conform.dict_version    5.398 
_audit_conform.dict_location   http://mmcif.pdb.org/dictionaries/ascii/mmcif_pdbx.dic 
# 
loop_
_database_2.database_id 
_database_2.database_code 
_database_2.pdbx_database_accession 
_database_2.pdbx_DOI 
PDB   1JOI         pdb_00001joi 10.2210/pdb1joi/pdb 
WWPDB D_1000174353 ?            ?                   
# 
loop_
_pdbx_audit_revision_history.ordinal 
_pdbx_audit_revision_history.data_content_type 
_pdbx_audit_revision_history.major_revision 
_pdbx_audit_revision_history.minor_revision 
_pdbx_audit_revision_history.revision_date 
1 'Structure model' 1 0 1997-12-10 
2 'Structure model' 1 1 2008-03-24 
3 'Structure model' 1 2 2011-07-13 
4 'Structure model' 1 3 2018-04-18 
5 'Structure model' 1 4 2023-08-09 
6 'Structure model' 1 5 2024-11-06 
# 
_pdbx_audit_revision_details.ordinal             1 
_pdbx_audit_revision_details.revision_ordinal    1 
_pdbx_audit_revision_details.data_content_type   'Structure model' 
_pdbx_audit_revision_details.provider            repository 
_pdbx_audit_revision_details.type                'Initial release' 
_pdbx_audit_revision_details.description         ? 
_pdbx_audit_revision_details.details             ? 
# 
loop_
_pdbx_audit_revision_group.ordinal 
_pdbx_audit_revision_group.revision_ordinal 
_pdbx_audit_revision_group.data_content_type 
_pdbx_audit_revision_group.group 
1 2 'Structure model' 'Version format compliance' 
2 3 'Structure model' 'Version format compliance' 
3 4 'Structure model' 'Data collection'           
4 4 'Structure model' Other                       
5 5 'Structure model' 'Database references'       
6 5 'Structure model' 'Derived calculations'      
7 5 'Structure model' 'Refinement description'    
8 6 'Structure model' 'Data collection'           
9 6 'Structure model' 'Structure summary'         
# 
loop_
_pdbx_audit_revision_category.ordinal 
_pdbx_audit_revision_category.revision_ordinal 
_pdbx_audit_revision_category.data_content_type 
_pdbx_audit_revision_category.category 
1  4 'Structure model' diffrn_detector               
2  4 'Structure model' pdbx_database_status          
3  5 'Structure model' database_2                    
4  5 'Structure model' pdbx_initial_refinement_model 
5  5 'Structure model' struct_conn                   
6  5 'Structure model' struct_ref_seq_dif            
7  5 'Structure model' struct_site                   
8  6 'Structure model' chem_comp_atom                
9  6 'Structure model' chem_comp_bond                
10 6 'Structure model' pdbx_entry_details            
11 6 'Structure model' pdbx_modification_feature     
# 
loop_
_pdbx_audit_revision_item.ordinal 
_pdbx_audit_revision_item.revision_ordinal 
_pdbx_audit_revision_item.data_content_type 
_pdbx_audit_revision_item.item 
1  4 'Structure model' '_diffrn_detector.detector'           
2  4 'Structure model' '_pdbx_database_status.process_site'  
3  5 'Structure model' '_database_2.pdbx_DOI'                
4  5 'Structure model' '_database_2.pdbx_database_accession' 
5  5 'Structure model' '_struct_conn.ptnr1_auth_comp_id'     
6  5 'Structure model' '_struct_conn.ptnr1_auth_seq_id'      
7  5 'Structure model' '_struct_conn.ptnr1_label_asym_id'    
8  5 'Structure model' '_struct_conn.ptnr1_label_atom_id'    
9  5 'Structure model' '_struct_conn.ptnr1_label_comp_id'    
10 5 'Structure model' '_struct_conn.ptnr1_label_seq_id'     
11 5 'Structure model' '_struct_conn.ptnr2_auth_comp_id'     
12 5 'Structure model' '_struct_conn.ptnr2_auth_seq_id'      
13 5 'Structure model' '_struct_conn.ptnr2_label_asym_id'    
14 5 'Structure model' '_struct_conn.ptnr2_label_atom_id'    
15 5 'Structure model' '_struct_conn.ptnr2_label_comp_id'    
16 5 'Structure model' '_struct_conn.ptnr2_label_seq_id'     
17 5 'Structure model' '_struct_ref_seq_dif.details'         
18 5 'Structure model' '_struct_site.pdbx_auth_asym_id'      
19 5 'Structure model' '_struct_site.pdbx_auth_comp_id'      
20 5 'Structure model' '_struct_site.pdbx_auth_seq_id'       
# 
_pdbx_database_status.status_code                     REL 
_pdbx_database_status.entry_id                        1JOI 
_pdbx_database_status.recvd_initial_deposition_date   1997-06-09 
_pdbx_database_status.deposit_site                    ? 
_pdbx_database_status.process_site                    BNL 
_pdbx_database_status.status_code_sf                  REL 
_pdbx_database_status.status_code_mr                  ? 
_pdbx_database_status.SG_entry                        ? 
_pdbx_database_status.pdb_format_compatible           Y 
_pdbx_database_status.status_code_cs                  ? 
_pdbx_database_status.methods_development_category    ? 
_pdbx_database_status.status_code_nmr_data            ? 
# 
loop_
_audit_author.name 
_audit_author.pdbx_ordinal 
'Lee, X.'          1 
'Ton-that, H.'     2 
'Zhu, D.-W.'       3 
'Biesterfedlt, J.' 4 
'Lanthier, P.H.'   5 
'Yachuchi, M.'     6 
'Dahms, T.'        7 
'Szabo, A.G.'      8 
# 
_citation.id                        primary 
_citation.title                     
'Crystallization and preliminary crystallographic studies of the crystals of the azurin Pseudomonas fluorescens.' 
_citation.journal_abbrev            Arch.Biochem.Biophys. 
_citation.journal_volume            308 
_citation.page_first                469 
_citation.page_last                 470 
_citation.year                      1994 
_citation.journal_id_ASTM           ABBIA4 
_citation.country                   US 
_citation.journal_id_ISSN           0003-9861 
_citation.journal_id_CSD            0158 
_citation.book_publisher            ? 
_citation.pdbx_database_id_PubMed   8109977 
_citation.pdbx_database_id_DOI      10.1006/abbi.1994.1066 
# 
loop_
_citation_author.citation_id 
_citation_author.name 
_citation_author.ordinal 
_citation_author.identifier_ORCID 
primary 'Zhu, D.W.'   1 ? 
primary 'Dahms, T.'   2 ? 
primary 'Willis, K.'  3 ? 
primary 'Szabo, A.G.' 4 ? 
primary 'Lee, X.'     5 ? 
# 
loop_
_entity.id 
_entity.type 
_entity.src_method 
_entity.pdbx_description 
_entity.formula_weight 
_entity.pdbx_number_of_molecules 
_entity.pdbx_ec 
_entity.pdbx_mutation 
_entity.pdbx_fragment 
_entity.details 
1 polymer     nat AZURIN            13643.533 1   ? ? ? 'HOLO AZURIN' 
2 non-polymer syn 'COPPER (II) ION' 63.546    1   ? ? ? ?             
3 water       nat water             18.015    114 ? ? ? ?             
# 
_entity_poly.entity_id                      1 
_entity_poly.type                           'polypeptide(L)' 
_entity_poly.nstd_linkage                   no 
_entity_poly.nstd_monomer                   no 
_entity_poly.pdbx_seq_one_letter_code       
;AECKVTVDSTDQMSFNTKAIEIDKSCKTFTVELTHSGSLPKNVMGHNWVLSSAADMPGIASDGMAAGIDKNYLKEGDTRV
IAHTKIIGAGEKDSVTFDVSKLAAGTDYAFFCSFPGHISMMKGTVTVK
;
_entity_poly.pdbx_seq_one_letter_code_can   
;AECKVTVDSTDQMSFNTKAIEIDKSCKTFTVELTHSGSLPKNVMGHNWVLSSAADMPGIASDGMAAGIDKNYLKEGDTRV
IAHTKIIGAGEKDSVTFDVSKLAAGTDYAFFCSFPGHISMMKGTVTVK
;
_entity_poly.pdbx_strand_id                 A 
_entity_poly.pdbx_target_identifier         ? 
# 
loop_
_pdbx_entity_nonpoly.entity_id 
_pdbx_entity_nonpoly.name 
_pdbx_entity_nonpoly.comp_id 
2 'COPPER (II) ION' CU  
3 water             HOH 
# 
loop_
_entity_poly_seq.entity_id 
_entity_poly_seq.num 
_entity_poly_seq.mon_id 
_entity_poly_seq.hetero 
1 1   ALA n 
1 2   GLU n 
1 3   CYS n 
1 4   LYS n 
1 5   VAL n 
1 6   THR n 
1 7   VAL n 
1 8   ASP n 
1 9   SER n 
1 10  THR n 
1 11  ASP n 
1 12  GLN n 
1 13  MET n 
1 14  SER n 
1 15  PHE n 
1 16  ASN n 
1 17  THR n 
1 18  LYS n 
1 19  ALA n 
1 20  ILE n 
1 21  GLU n 
1 22  ILE n 
1 23  ASP n 
1 24  LYS n 
1 25  SER n 
1 26  CYS n 
1 27  LYS n 
1 28  THR n 
1 29  PHE n 
1 30  THR n 
1 31  VAL n 
1 32  GLU n 
1 33  LEU n 
1 34  THR n 
1 35  HIS n 
1 36  SER n 
1 37  GLY n 
1 38  SER n 
1 39  LEU n 
1 40  PRO n 
1 41  LYS n 
1 42  ASN n 
1 43  VAL n 
1 44  MET n 
1 45  GLY n 
1 46  HIS n 
1 47  ASN n 
1 48  TRP n 
1 49  VAL n 
1 50  LEU n 
1 51  SER n 
1 52  SER n 
1 53  ALA n 
1 54  ALA n 
1 55  ASP n 
1 56  MET n 
1 57  PRO n 
1 58  GLY n 
1 59  ILE n 
1 60  ALA n 
1 61  SER n 
1 62  ASP n 
1 63  GLY n 
1 64  MET n 
1 65  ALA n 
1 66  ALA n 
1 67  GLY n 
1 68  ILE n 
1 69  ASP n 
1 70  LYS n 
1 71  ASN n 
1 72  TYR n 
1 73  LEU n 
1 74  LYS n 
1 75  GLU n 
1 76  GLY n 
1 77  ASP n 
1 78  THR n 
1 79  ARG n 
1 80  VAL n 
1 81  ILE n 
1 82  ALA n 
1 83  HIS n 
1 84  THR n 
1 85  LYS n 
1 86  ILE n 
1 87  ILE n 
1 88  GLY n 
1 89  ALA n 
1 90  GLY n 
1 91  GLU n 
1 92  LYS n 
1 93  ASP n 
1 94  SER n 
1 95  VAL n 
1 96  THR n 
1 97  PHE n 
1 98  ASP n 
1 99  VAL n 
1 100 SER n 
1 101 LYS n 
1 102 LEU n 
1 103 ALA n 
1 104 ALA n 
1 105 GLY n 
1 106 THR n 
1 107 ASP n 
1 108 TYR n 
1 109 ALA n 
1 110 PHE n 
1 111 PHE n 
1 112 CYS n 
1 113 SER n 
1 114 PHE n 
1 115 PRO n 
1 116 GLY n 
1 117 HIS n 
1 118 ILE n 
1 119 SER n 
1 120 MET n 
1 121 MET n 
1 122 LYS n 
1 123 GLY n 
1 124 THR n 
1 125 VAL n 
1 126 THR n 
1 127 VAL n 
1 128 LYS n 
# 
_entity_src_nat.entity_id                  1 
_entity_src_nat.pdbx_src_id                1 
_entity_src_nat.pdbx_alt_source_flag       sample 
_entity_src_nat.pdbx_beg_seq_num           ? 
_entity_src_nat.pdbx_end_seq_num           ? 
_entity_src_nat.common_name                ? 
_entity_src_nat.pdbx_organism_scientific   'Pseudomonas fluorescens bv. A' 
_entity_src_nat.pdbx_ncbi_taxonomy_id      32035 
_entity_src_nat.genus                      Pseudomonas 
_entity_src_nat.species                    'Pseudomonas fluorescens' 
_entity_src_nat.strain                     'BIOTYPE A' 
_entity_src_nat.tissue                     ? 
_entity_src_nat.tissue_fraction            ? 
_entity_src_nat.pdbx_secretion             ? 
_entity_src_nat.pdbx_fragment              ? 
_entity_src_nat.pdbx_variant               ? 
_entity_src_nat.pdbx_cell_line             ? 
_entity_src_nat.pdbx_atcc                  13525 
_entity_src_nat.pdbx_cellular_location     ? 
_entity_src_nat.pdbx_organ                 ? 
_entity_src_nat.pdbx_organelle             ? 
_entity_src_nat.pdbx_cell                  ? 
_entity_src_nat.pdbx_plasmid_name          ? 
_entity_src_nat.pdbx_plasmid_details       ? 
_entity_src_nat.details                    ? 
# 
loop_
_chem_comp.id 
_chem_comp.type 
_chem_comp.mon_nstd_flag 
_chem_comp.name 
_chem_comp.pdbx_synonyms 
_chem_comp.formula 
_chem_comp.formula_weight 
ALA 'L-peptide linking' y ALANINE           ? 'C3 H7 N O2'     89.093  
ARG 'L-peptide linking' y ARGININE          ? 'C6 H15 N4 O2 1' 175.209 
ASN 'L-peptide linking' y ASPARAGINE        ? 'C4 H8 N2 O3'    132.118 
ASP 'L-peptide linking' y 'ASPARTIC ACID'   ? 'C4 H7 N O4'     133.103 
CU  non-polymer         . 'COPPER (II) ION' ? 'Cu 2'           63.546  
CYS 'L-peptide linking' y CYSTEINE          ? 'C3 H7 N O2 S'   121.158 
GLN 'L-peptide linking' y GLUTAMINE         ? 'C5 H10 N2 O3'   146.144 
GLU 'L-peptide linking' y 'GLUTAMIC ACID'   ? 'C5 H9 N O4'     147.129 
GLY 'peptide linking'   y GLYCINE           ? 'C2 H5 N O2'     75.067  
HIS 'L-peptide linking' y HISTIDINE         ? 'C6 H10 N3 O2 1' 156.162 
HOH non-polymer         . WATER             ? 'H2 O'           18.015  
ILE 'L-peptide linking' y ISOLEUCINE        ? 'C6 H13 N O2'    131.173 
LEU 'L-peptide linking' y LEUCINE           ? 'C6 H13 N O2'    131.173 
LYS 'L-peptide linking' y LYSINE            ? 'C6 H15 N2 O2 1' 147.195 
MET 'L-peptide linking' y METHIONINE        ? 'C5 H11 N O2 S'  149.211 
PHE 'L-peptide linking' y PHENYLALANINE     ? 'C9 H11 N O2'    165.189 
PRO 'L-peptide linking' y PROLINE           ? 'C5 H9 N O2'     115.130 
SER 'L-peptide linking' y SERINE            ? 'C3 H7 N O3'     105.093 
THR 'L-peptide linking' y THREONINE         ? 'C4 H9 N O3'     119.119 
TRP 'L-peptide linking' y TRYPTOPHAN        ? 'C11 H12 N2 O2'  204.225 
TYR 'L-peptide linking' y TYROSINE          ? 'C9 H11 N O3'    181.189 
VAL 'L-peptide linking' y VALINE            ? 'C5 H11 N O2'    117.146 
# 
loop_
_pdbx_poly_seq_scheme.asym_id 
_pdbx_poly_seq_scheme.entity_id 
_pdbx_poly_seq_scheme.seq_id 
_pdbx_poly_seq_scheme.mon_id 
_pdbx_poly_seq_scheme.ndb_seq_num 
_pdbx_poly_seq_scheme.pdb_seq_num 
_pdbx_poly_seq_scheme.auth_seq_num 
_pdbx_poly_seq_scheme.pdb_mon_id 
_pdbx_poly_seq_scheme.auth_mon_id 
_pdbx_poly_seq_scheme.pdb_strand_id 
_pdbx_poly_seq_scheme.pdb_ins_code 
_pdbx_poly_seq_scheme.hetero 
A 1 1   ALA 1   1   1   ALA ALA A . n 
A 1 2   GLU 2   2   2   GLU GLU A . n 
A 1 3   CYS 3   3   3   CYS CYS A . n 
A 1 4   LYS 4   4   4   LYS LYS A . n 
A 1 5   VAL 5   5   5   VAL VAL A . n 
A 1 6   THR 6   6   6   THR THR A . n 
A 1 7   VAL 7   7   7   VAL VAL A . n 
A 1 8   ASP 8   8   8   ASP ASP A . n 
A 1 9   SER 9   9   9   SER SER A . n 
A 1 10  THR 10  10  10  THR THR A . n 
A 1 11  ASP 11  11  11  ASP ASP A . n 
A 1 12  GLN 12  12  12  GLN GLN A . n 
A 1 13  MET 13  13  13  MET MET A . n 
A 1 14  SER 14  14  14  SER SER A . n 
A 1 15  PHE 15  15  15  PHE PHE A . n 
A 1 16  ASN 16  16  16  ASN ASN A . n 
A 1 17  THR 17  17  17  THR THR A . n 
A 1 18  LYS 18  18  18  LYS LYS A . n 
A 1 19  ALA 19  19  19  ALA ALA A . n 
A 1 20  ILE 20  20  20  ILE ILE A . n 
A 1 21  GLU 21  21  21  GLU GLU A . n 
A 1 22  ILE 22  22  22  ILE ILE A . n 
A 1 23  ASP 23  23  23  ASP ASP A . n 
A 1 24  LYS 24  24  24  LYS LYS A . n 
A 1 25  SER 25  25  25  SER SER A . n 
A 1 26  CYS 26  26  26  CYS CYS A . n 
A 1 27  LYS 27  27  27  LYS LYS A . n 
A 1 28  THR 28  28  28  THR THR A . n 
A 1 29  PHE 29  29  29  PHE PHE A . n 
A 1 30  THR 30  30  30  THR THR A . n 
A 1 31  VAL 31  31  31  VAL VAL A . n 
A 1 32  GLU 32  32  32  GLU GLU A . n 
A 1 33  LEU 33  33  33  LEU LEU A . n 
A 1 34  THR 34  34  34  THR THR A . n 
A 1 35  HIS 35  35  35  HIS HIS A . n 
A 1 36  SER 36  36  36  SER SER A . n 
A 1 37  GLY 37  37  37  GLY GLY A . n 
A 1 38  SER 38  38  38  SER SER A . n 
A 1 39  LEU 39  39  39  LEU LEU A . n 
A 1 40  PRO 40  40  40  PRO PRO A . n 
A 1 41  LYS 41  41  41  LYS LYS A . n 
A 1 42  ASN 42  42  42  ASN ASN A . n 
A 1 43  VAL 43  43  43  VAL VAL A . n 
A 1 44  MET 44  44  44  MET MET A . n 
A 1 45  GLY 45  45  45  GLY GLY A . n 
A 1 46  HIS 46  46  46  HIS HIS A . n 
A 1 47  ASN 47  47  47  ASN ASN A . n 
A 1 48  TRP 48  48  48  TRP TRP A . n 
A 1 49  VAL 49  49  49  VAL VAL A . n 
A 1 50  LEU 50  50  50  LEU LEU A . n 
A 1 51  SER 51  51  51  SER SER A . n 
A 1 52  SER 52  52  52  SER SER A . n 
A 1 53  ALA 53  53  53  ALA ALA A . n 
A 1 54  ALA 54  54  54  ALA ALA A . n 
A 1 55  ASP 55  55  55  ASP ASP A . n 
A 1 56  MET 56  56  56  MET MET A . n 
A 1 57  PRO 57  57  57  PRO PRO A . n 
A 1 58  GLY 58  58  58  GLY GLY A . n 
A 1 59  ILE 59  59  59  ILE ILE A . n 
A 1 60  ALA 60  60  60  ALA ALA A . n 
A 1 61  SER 61  61  61  SER SER A . n 
A 1 62  ASP 62  62  62  ASP ASP A . n 
A 1 63  GLY 63  63  63  GLY GLY A . n 
A 1 64  MET 64  64  64  MET MET A . n 
A 1 65  ALA 65  65  65  ALA ALA A . n 
A 1 66  ALA 66  66  66  ALA ALA A . n 
A 1 67  GLY 67  67  67  GLY GLY A . n 
A 1 68  ILE 68  68  68  ILE ILE A . n 
A 1 69  ASP 69  69  69  ASP ASP A . n 
A 1 70  LYS 70  70  70  LYS LYS A . n 
A 1 71  ASN 71  71  71  ASN ASN A . n 
A 1 72  TYR 72  72  72  TYR TYR A . n 
A 1 73  LEU 73  73  73  LEU LEU A . n 
A 1 74  LYS 74  74  74  LYS LYS A . n 
A 1 75  GLU 75  75  75  GLU GLU A . n 
A 1 76  GLY 76  76  76  GLY GLY A . n 
A 1 77  ASP 77  77  77  ASP ASP A . n 
A 1 78  THR 78  78  78  THR THR A . n 
A 1 79  ARG 79  79  79  ARG ARG A . n 
A 1 80  VAL 80  80  80  VAL VAL A . n 
A 1 81  ILE 81  81  81  ILE ILE A . n 
A 1 82  ALA 82  82  82  ALA ALA A . n 
A 1 83  HIS 83  83  83  HIS HIS A . n 
A 1 84  THR 84  84  84  THR THR A . n 
A 1 85  LYS 85  85  85  LYS LYS A . n 
A 1 86  ILE 86  86  86  ILE ILE A . n 
A 1 87  ILE 87  87  87  ILE ILE A . n 
A 1 88  GLY 88  88  88  GLY GLY A . n 
A 1 89  ALA 89  89  89  ALA ALA A . n 
A 1 90  GLY 90  90  90  GLY GLY A . n 
A 1 91  GLU 91  91  91  GLU GLU A . n 
A 1 92  LYS 92  92  92  LYS LYS A . n 
A 1 93  ASP 93  93  93  ASP ASP A . n 
A 1 94  SER 94  94  94  SER SER A . n 
A 1 95  VAL 95  95  95  VAL VAL A . n 
A 1 96  THR 96  96  96  THR THR A . n 
A 1 97  PHE 97  97  97  PHE PHE A . n 
A 1 98  ASP 98  98  98  ASP ASP A . n 
A 1 99  VAL 99  99  99  VAL VAL A . n 
A 1 100 SER 100 100 100 SER SER A . n 
A 1 101 LYS 101 101 101 LYS LYS A . n 
A 1 102 LEU 102 102 102 LEU LEU A . n 
A 1 103 ALA 103 103 103 ALA ALA A . n 
A 1 104 ALA 104 104 104 ALA ALA A . n 
A 1 105 GLY 105 105 105 GLY GLY A . n 
A 1 106 THR 106 106 106 THR THR A . n 
A 1 107 ASP 107 107 107 ASP ASP A . n 
A 1 108 TYR 108 108 108 TYR TYR A . n 
A 1 109 ALA 109 109 109 ALA ALA A . n 
A 1 110 PHE 110 110 110 PHE PHE A . n 
A 1 111 PHE 111 111 111 PHE PHE A . n 
A 1 112 CYS 112 112 112 CYS CYS A . n 
A 1 113 SER 113 113 113 SER SER A . n 
A 1 114 PHE 114 114 114 PHE PHE A . n 
A 1 115 PRO 115 115 115 PRO PRO A . n 
A 1 116 GLY 116 116 116 GLY GLY A . n 
A 1 117 HIS 117 117 117 HIS HIS A . n 
A 1 118 ILE 118 118 118 ILE ILE A . n 
A 1 119 SER 119 119 119 SER SER A . n 
A 1 120 MET 120 120 120 MET MET A . n 
A 1 121 MET 121 121 121 MET MET A . n 
A 1 122 LYS 122 122 122 LYS LYS A . n 
A 1 123 GLY 123 123 123 GLY GLY A . n 
A 1 124 THR 124 124 124 THR THR A . n 
A 1 125 VAL 125 125 125 VAL VAL A . n 
A 1 126 THR 126 126 126 THR THR A . n 
A 1 127 VAL 127 127 127 VAL VAL A . n 
A 1 128 LYS 128 128 128 LYS LYS A . n 
# 
loop_
_pdbx_nonpoly_scheme.asym_id 
_pdbx_nonpoly_scheme.entity_id 
_pdbx_nonpoly_scheme.mon_id 
_pdbx_nonpoly_scheme.ndb_seq_num 
_pdbx_nonpoly_scheme.pdb_seq_num 
_pdbx_nonpoly_scheme.auth_seq_num 
_pdbx_nonpoly_scheme.pdb_mon_id 
_pdbx_nonpoly_scheme.auth_mon_id 
_pdbx_nonpoly_scheme.pdb_strand_id 
_pdbx_nonpoly_scheme.pdb_ins_code 
B 2 CU  1   129 129 CU  CU  A . 
C 3 HOH 1   130 130 HOH HOH A . 
C 3 HOH 2   131 131 HOH HOH A . 
C 3 HOH 3   132 132 HOH HOH A . 
C 3 HOH 4   133 133 HOH HOH A . 
C 3 HOH 5   134 134 HOH HOH A . 
C 3 HOH 6   135 135 HOH HOH A . 
C 3 HOH 7   136 136 HOH HOH A . 
C 3 HOH 8   137 137 HOH HOH A . 
C 3 HOH 9   138 138 HOH HOH A . 
C 3 HOH 10  139 139 HOH HOH A . 
C 3 HOH 11  140 140 HOH HOH A . 
C 3 HOH 12  141 141 HOH HOH A . 
C 3 HOH 13  142 142 HOH HOH A . 
C 3 HOH 14  143 143 HOH HOH A . 
C 3 HOH 15  144 144 HOH HOH A . 
C 3 HOH 16  145 145 HOH HOH A . 
C 3 HOH 17  146 146 HOH HOH A . 
C 3 HOH 18  147 147 HOH HOH A . 
C 3 HOH 19  148 148 HOH HOH A . 
C 3 HOH 20  149 149 HOH HOH A . 
C 3 HOH 21  150 150 HOH HOH A . 
C 3 HOH 22  151 151 HOH HOH A . 
C 3 HOH 23  152 152 HOH HOH A . 
C 3 HOH 24  153 153 HOH HOH A . 
C 3 HOH 25  154 154 HOH HOH A . 
C 3 HOH 26  155 155 HOH HOH A . 
C 3 HOH 27  156 156 HOH HOH A . 
C 3 HOH 28  157 157 HOH HOH A . 
C 3 HOH 29  158 158 HOH HOH A . 
C 3 HOH 30  159 159 HOH HOH A . 
C 3 HOH 31  160 160 HOH HOH A . 
C 3 HOH 32  161 161 HOH HOH A . 
C 3 HOH 33  162 162 HOH HOH A . 
C 3 HOH 34  163 163 HOH HOH A . 
C 3 HOH 35  164 164 HOH HOH A . 
C 3 HOH 36  165 165 HOH HOH A . 
C 3 HOH 37  166 166 HOH HOH A . 
C 3 HOH 38  167 167 HOH HOH A . 
C 3 HOH 39  168 168 HOH HOH A . 
C 3 HOH 40  169 169 HOH HOH A . 
C 3 HOH 41  170 170 HOH HOH A . 
C 3 HOH 42  171 171 HOH HOH A . 
C 3 HOH 43  172 172 HOH HOH A . 
C 3 HOH 44  173 173 HOH HOH A . 
C 3 HOH 45  174 174 HOH HOH A . 
C 3 HOH 46  175 175 HOH HOH A . 
C 3 HOH 47  176 176 HOH HOH A . 
C 3 HOH 48  177 177 HOH HOH A . 
C 3 HOH 49  178 178 HOH HOH A . 
C 3 HOH 50  179 179 HOH HOH A . 
C 3 HOH 51  180 180 HOH HOH A . 
C 3 HOH 52  181 181 HOH HOH A . 
C 3 HOH 53  182 182 HOH HOH A . 
C 3 HOH 54  183 183 HOH HOH A . 
C 3 HOH 55  184 184 HOH HOH A . 
C 3 HOH 56  185 185 HOH HOH A . 
C 3 HOH 57  186 186 HOH HOH A . 
C 3 HOH 58  187 187 HOH HOH A . 
C 3 HOH 59  188 188 HOH HOH A . 
C 3 HOH 60  189 189 HOH HOH A . 
C 3 HOH 61  190 190 HOH HOH A . 
C 3 HOH 62  191 191 HOH HOH A . 
C 3 HOH 63  192 192 HOH HOH A . 
C 3 HOH 64  193 193 HOH HOH A . 
C 3 HOH 65  194 194 HOH HOH A . 
C 3 HOH 66  195 195 HOH HOH A . 
C 3 HOH 67  196 196 HOH HOH A . 
C 3 HOH 68  197 197 HOH HOH A . 
C 3 HOH 69  198 198 HOH HOH A . 
C 3 HOH 70  199 199 HOH HOH A . 
C 3 HOH 71  200 200 HOH HOH A . 
C 3 HOH 72  201 201 HOH HOH A . 
C 3 HOH 73  202 202 HOH HOH A . 
C 3 HOH 74  203 203 HOH HOH A . 
C 3 HOH 75  204 204 HOH HOH A . 
C 3 HOH 76  205 205 HOH HOH A . 
C 3 HOH 77  206 206 HOH HOH A . 
C 3 HOH 78  207 207 HOH HOH A . 
C 3 HOH 79  208 208 HOH HOH A . 
C 3 HOH 80  209 209 HOH HOH A . 
C 3 HOH 81  210 210 HOH HOH A . 
C 3 HOH 82  211 211 HOH HOH A . 
C 3 HOH 83  212 212 HOH HOH A . 
C 3 HOH 84  213 213 HOH HOH A . 
C 3 HOH 85  214 214 HOH HOH A . 
C 3 HOH 86  215 215 HOH HOH A . 
C 3 HOH 87  216 216 HOH HOH A . 
C 3 HOH 88  217 217 HOH HOH A . 
C 3 HOH 89  218 218 HOH HOH A . 
C 3 HOH 90  219 219 HOH HOH A . 
C 3 HOH 91  220 220 HOH HOH A . 
C 3 HOH 92  221 221 HOH HOH A . 
C 3 HOH 93  222 222 HOH HOH A . 
C 3 HOH 94  223 223 HOH HOH A . 
C 3 HOH 95  224 224 HOH HOH A . 
C 3 HOH 96  225 225 HOH HOH A . 
C 3 HOH 97  226 226 HOH HOH A . 
C 3 HOH 98  227 227 HOH HOH A . 
C 3 HOH 99  228 228 HOH HOH A . 
C 3 HOH 100 229 229 HOH HOH A . 
C 3 HOH 101 230 230 HOH HOH A . 
C 3 HOH 102 231 231 HOH HOH A . 
C 3 HOH 103 232 232 HOH HOH A . 
C 3 HOH 104 233 233 HOH HOH A . 
C 3 HOH 105 234 234 HOH HOH A . 
C 3 HOH 106 235 235 HOH HOH A . 
C 3 HOH 107 236 236 HOH HOH A . 
C 3 HOH 108 237 237 HOH HOH A . 
C 3 HOH 109 238 238 HOH HOH A . 
C 3 HOH 110 239 239 HOH HOH A . 
C 3 HOH 111 240 240 HOH HOH A . 
C 3 HOH 112 241 241 HOH HOH A . 
C 3 HOH 113 242 242 HOH HOH A . 
C 3 HOH 114 243 243 HOH HOH A . 
# 
loop_
_software.name 
_software.classification 
_software.version 
_software.citation_id 
_software.pdbx_ordinal 
MADNES 'data collection' .   ? 1 
CCP4   'data reduction'  .   ? 2 
X-PLOR 'model building'  3.1 ? 3 
X-PLOR refinement        3.1 ? 4 
MADNES 'data reduction'  .   ? 5 
CCP4   'data scaling'    .   ? 6 
X-PLOR phasing           3.1 ? 7 
# 
_cell.entry_id           1JOI 
_cell.length_a           31.950 
_cell.length_b           43.780 
_cell.length_c           78.810 
_cell.angle_alpha        90.00 
_cell.angle_beta         90.00 
_cell.angle_gamma        90.00 
_cell.Z_PDB              4 
_cell.pdbx_unique_axis   ? 
# 
_symmetry.entry_id                         1JOI 
_symmetry.space_group_name_H-M             'P 21 21 21' 
_symmetry.pdbx_full_space_group_name_H-M   ? 
_symmetry.cell_setting                     ? 
_symmetry.Int_Tables_number                19 
# 
_exptl.entry_id          1JOI 
_exptl.method            'X-RAY DIFFRACTION' 
_exptl.crystals_number   1 
# 
_exptl_crystal.id                    1 
_exptl_crystal.density_meas          ? 
_exptl_crystal.density_Matthews      2.01 
_exptl_crystal.density_percent_sol   39. 
_exptl_crystal.description           ? 
# 
_exptl_crystal_grow.crystal_id      1 
_exptl_crystal_grow.method          'VAPOR DIFFUSION, HANGING DROP' 
_exptl_crystal_grow.temp            ? 
_exptl_crystal_grow.temp_details    ? 
_exptl_crystal_grow.pH              7.5 
_exptl_crystal_grow.pdbx_pH_range   ? 
_exptl_crystal_grow.pdbx_details    
;CONVENTIONAL VAPOR DIFFUSION OF HANGING DROP. 3M OF AMMONIUM SULFATE BUFFERED WITH 0.2 TRIS BUFFER AT PH7.5 IN RESERVOIR. DROPS MADE OF 6 MICROLITERS OF PROTEIN SOLUTION (6.2 MG/ML) AND EQUAL VOLUME OF RESERVOIR SOLUTION., vapor diffusion - hanging drop
;
# 
_diffrn.id                     1 
_diffrn.ambient_temp           300 
_diffrn.ambient_temp_details   ? 
_diffrn.crystal_id             1 
# 
_diffrn_detector.diffrn_id              1 
_diffrn_detector.detector               DIFFRACTOMETER 
_diffrn_detector.type                   'ENRAF-NONIUS FAST' 
_diffrn_detector.pdbx_collection_date   1992-02 
_diffrn_detector.details                ? 
# 
_diffrn_radiation.diffrn_id                        1 
_diffrn_radiation.wavelength_id                    1 
_diffrn_radiation.pdbx_monochromatic_or_laue_m_l   M 
_diffrn_radiation.monochromator                    Y 
_diffrn_radiation.pdbx_diffrn_protocol             ? 
_diffrn_radiation.pdbx_scattering_type             x-ray 
# 
_diffrn_radiation_wavelength.id           1 
_diffrn_radiation_wavelength.wavelength   1.5418 
_diffrn_radiation_wavelength.wt           1.0 
# 
_diffrn_source.diffrn_id                   1 
_diffrn_source.source                      'ROTATING ANODE' 
_diffrn_source.type                        RIGAKU 
_diffrn_source.pdbx_synchrotron_site       ? 
_diffrn_source.pdbx_synchrotron_beamline   ? 
_diffrn_source.pdbx_wavelength             1.5418 
_diffrn_source.pdbx_wavelength_list        ? 
# 
_reflns.entry_id                     1JOI 
_reflns.observed_criterion_sigma_I   3.0 
_reflns.observed_criterion_sigma_F   ? 
_reflns.d_resolution_low             30.0 
_reflns.d_resolution_high            2.05 
_reflns.number_obs                   7076 
_reflns.number_all                   ? 
_reflns.percent_possible_obs         ? 
_reflns.pdbx_Rmerge_I_obs            0.051 
_reflns.pdbx_Rsym_value              ? 
_reflns.pdbx_netI_over_sigmaI        7.84 
_reflns.B_iso_Wilson_estimate        14.1 
_reflns.pdbx_redundancy              2.45 
_reflns.pdbx_diffrn_id               1 
_reflns.pdbx_ordinal                 1 
# 
_reflns_shell.d_res_high             2.05 
_reflns_shell.d_res_low              2.14 
_reflns_shell.percent_possible_all   80.02 
_reflns_shell.Rmerge_I_obs           ? 
_reflns_shell.pdbx_Rsym_value        ? 
_reflns_shell.meanI_over_sigI_obs    ? 
_reflns_shell.pdbx_redundancy        ? 
_reflns_shell.pdbx_diffrn_id         ? 
_reflns_shell.pdbx_ordinal           1 
# 
_refine.entry_id                                 1JOI 
_refine.ls_number_reflns_obs                     7076 
_refine.ls_number_reflns_all                     ? 
_refine.pdbx_ls_sigma_I                          ? 
_refine.pdbx_ls_sigma_F                          2. 
_refine.pdbx_data_cutoff_high_absF               ? 
_refine.pdbx_data_cutoff_low_absF                ? 
_refine.pdbx_data_cutoff_high_rms_absF           ? 
_refine.ls_d_res_low                             6.0 
_refine.ls_d_res_high                            2.05 
_refine.ls_percent_reflns_obs                    95.8 
_refine.ls_R_factor_obs                          0.17 
_refine.ls_R_factor_all                          ? 
_refine.ls_R_factor_R_work                       0.17 
_refine.ls_R_factor_R_free                       0.241 
_refine.ls_R_factor_R_free_error                 ? 
_refine.ls_R_factor_R_free_error_details         ? 
_refine.ls_percent_reflns_R_free                 11.9 
_refine.ls_number_reflns_R_free                  770 
_refine.ls_number_parameters                     ? 
_refine.ls_number_restraints                     ? 
_refine.occupancy_min                            ? 
_refine.occupancy_max                            ? 
_refine.B_iso_mean                               12.65 
_refine.aniso_B[1][1]                            ? 
_refine.aniso_B[2][2]                            ? 
_refine.aniso_B[3][3]                            ? 
_refine.aniso_B[1][2]                            ? 
_refine.aniso_B[1][3]                            ? 
_refine.aniso_B[2][3]                            ? 
_refine.solvent_model_details                    ? 
_refine.solvent_model_param_ksol                 ? 
_refine.solvent_model_param_bsol                 ? 
_refine.pdbx_ls_cross_valid_method               ? 
_refine.details                                  ? 
_refine.pdbx_starting_model                      'PDB ENTRY 2AZA' 
_refine.pdbx_method_to_determine_struct          'MOLECULAR REPLACEMENT' 
_refine.pdbx_isotropic_thermal_model             ? 
_refine.pdbx_stereochemistry_target_values       ? 
_refine.pdbx_stereochem_target_val_spec_case     ? 
_refine.pdbx_R_Free_selection_details            ? 
_refine.pdbx_overall_ESU_R                       ? 
_refine.pdbx_overall_ESU_R_Free                  ? 
_refine.overall_SU_ML                            ? 
_refine.overall_SU_B                             ? 
_refine.pdbx_refine_id                           'X-RAY DIFFRACTION' 
_refine.pdbx_diffrn_id                           1 
_refine.pdbx_TLS_residual_ADP_flag               ? 
_refine.correlation_coeff_Fo_to_Fc               ? 
_refine.correlation_coeff_Fo_to_Fc_free          ? 
_refine.pdbx_solvent_vdw_probe_radii             ? 
_refine.pdbx_solvent_ion_probe_radii             ? 
_refine.pdbx_solvent_shrinkage_radii             ? 
_refine.pdbx_overall_phase_error                 ? 
_refine.overall_SU_R_Cruickshank_DPI             ? 
_refine.pdbx_overall_SU_R_free_Cruickshank_DPI   ? 
_refine.pdbx_overall_SU_R_Blow_DPI               ? 
_refine.pdbx_overall_SU_R_free_Blow_DPI          ? 
# 
_refine_analyze.entry_id                        1JOI 
_refine_analyze.Luzzati_coordinate_error_obs    0.25 
_refine_analyze.Luzzati_sigma_a_obs             ? 
_refine_analyze.Luzzati_d_res_low_obs           10.0 
_refine_analyze.Luzzati_coordinate_error_free   ? 
_refine_analyze.Luzzati_sigma_a_free            ? 
_refine_analyze.Luzzati_d_res_low_free          ? 
_refine_analyze.number_disordered_residues      ? 
_refine_analyze.occupancy_sum_hydrogen          ? 
_refine_analyze.occupancy_sum_non_hydrogen      ? 
_refine_analyze.pdbx_refine_id                  'X-RAY DIFFRACTION' 
# 
_refine_hist.pdbx_refine_id                   'X-RAY DIFFRACTION' 
_refine_hist.cycle_id                         LAST 
_refine_hist.pdbx_number_atoms_protein        951 
_refine_hist.pdbx_number_atoms_nucleic_acid   0 
_refine_hist.pdbx_number_atoms_ligand         1 
_refine_hist.number_atoms_solvent             114 
_refine_hist.number_atoms_total               1066 
_refine_hist.d_res_high                       2.05 
_refine_hist.d_res_low                        6.0 
# 
loop_
_refine_ls_restr.type 
_refine_ls_restr.dev_ideal 
_refine_ls_restr.dev_ideal_target 
_refine_ls_restr.weight 
_refine_ls_restr.number 
_refine_ls_restr.pdbx_refine_id 
_refine_ls_restr.pdbx_restraint_function 
x_bond_d                0.010 ? ? ? 'X-RAY DIFFRACTION' ? 
x_bond_d_na             ?     ? ? ? 'X-RAY DIFFRACTION' ? 
x_bond_d_prot           ?     ? ? ? 'X-RAY DIFFRACTION' ? 
x_angle_d               ?     ? ? ? 'X-RAY DIFFRACTION' ? 
x_angle_d_na            ?     ? ? ? 'X-RAY DIFFRACTION' ? 
x_angle_d_prot          ?     ? ? ? 'X-RAY DIFFRACTION' ? 
x_angle_deg             2.59  ? ? ? 'X-RAY DIFFRACTION' ? 
x_angle_deg_na          ?     ? ? ? 'X-RAY DIFFRACTION' ? 
x_angle_deg_prot        ?     ? ? ? 'X-RAY DIFFRACTION' ? 
x_dihedral_angle_d      25.8  ? ? ? 'X-RAY DIFFRACTION' ? 
x_dihedral_angle_d_na   ?     ? ? ? 'X-RAY DIFFRACTION' ? 
x_dihedral_angle_d_prot ?     ? ? ? 'X-RAY DIFFRACTION' ? 
x_improper_angle_d      0.91  ? ? ? 'X-RAY DIFFRACTION' ? 
x_improper_angle_d_na   ?     ? ? ? 'X-RAY DIFFRACTION' ? 
x_improper_angle_d_prot ?     ? ? ? 'X-RAY DIFFRACTION' ? 
x_mcbond_it             ?     ? ? ? 'X-RAY DIFFRACTION' ? 
x_mcangle_it            ?     ? ? ? 'X-RAY DIFFRACTION' ? 
x_scbond_it             ?     ? ? ? 'X-RAY DIFFRACTION' ? 
x_scangle_it            ?     ? ? ? 'X-RAY DIFFRACTION' ? 
# 
_struct.entry_id                  1JOI 
_struct.title                     'STRUCTURE OF PSEUDOMONAS FLUORESCENS HOLO AZURIN' 
_struct.pdbx_model_details        ? 
_struct.pdbx_CASP_flag            ? 
_struct.pdbx_model_type_details   ? 
# 
_struct_keywords.entry_id        1JOI 
_struct_keywords.pdbx_keywords   'ELECTRON TRANSPORT' 
_struct_keywords.text            'PHOSPHOLIPASE A2, AZURIN, ELECTRON TRANSPORT, ELECTRON TRANSFER, FLUORESCENCE QUENCHING' 
# 
loop_
_struct_asym.id 
_struct_asym.pdbx_blank_PDB_chainid_flag 
_struct_asym.pdbx_modified 
_struct_asym.entity_id 
_struct_asym.details 
A N N 1 ? 
B N N 2 ? 
C N N 3 ? 
# 
_struct_ref.id                         1 
_struct_ref.db_name                    UNP 
_struct_ref.db_code                    AZUR_PSEFA 
_struct_ref.entity_id                  1 
_struct_ref.pdbx_db_accession          P80546 
_struct_ref.pdbx_align_begin           1 
_struct_ref.pdbx_seq_one_letter_code   
;AECKVTVDSTDQMSFNTKAIEIDKSCKTFTVELTHSGSLPKNVMGHNWVLSSAADMPGIASDGMAAGIDKNYLKEGDIRV
IAHTKIIGAGEKDSVTFDVSKLAAGTDYAFFCSFPGHISMMKGTVTVK
;
_struct_ref.pdbx_db_isoform            ? 
# 
_struct_ref_seq.align_id                      1 
_struct_ref_seq.ref_id                        1 
_struct_ref_seq.pdbx_PDB_id_code              1JOI 
_struct_ref_seq.pdbx_strand_id                A 
_struct_ref_seq.seq_align_beg                 1 
_struct_ref_seq.pdbx_seq_align_beg_ins_code   ? 
_struct_ref_seq.seq_align_end                 128 
_struct_ref_seq.pdbx_seq_align_end_ins_code   ? 
_struct_ref_seq.pdbx_db_accession             P80546 
_struct_ref_seq.db_align_beg                  1 
_struct_ref_seq.pdbx_db_align_beg_ins_code    ? 
_struct_ref_seq.db_align_end                  128 
_struct_ref_seq.pdbx_db_align_end_ins_code    ? 
_struct_ref_seq.pdbx_auth_seq_align_beg       1 
_struct_ref_seq.pdbx_auth_seq_align_end       128 
# 
_struct_ref_seq_dif.align_id                     1 
_struct_ref_seq_dif.pdbx_pdb_id_code             1JOI 
_struct_ref_seq_dif.mon_id                       THR 
_struct_ref_seq_dif.pdbx_pdb_strand_id           A 
_struct_ref_seq_dif.seq_num                      78 
_struct_ref_seq_dif.pdbx_pdb_ins_code            ? 
_struct_ref_seq_dif.pdbx_seq_db_name             UNP 
_struct_ref_seq_dif.pdbx_seq_db_accession_code   P80546 
_struct_ref_seq_dif.db_mon_id                    ILE 
_struct_ref_seq_dif.pdbx_seq_db_seq_num          78 
_struct_ref_seq_dif.details                      conflict 
_struct_ref_seq_dif.pdbx_auth_seq_num            78 
_struct_ref_seq_dif.pdbx_ordinal                 1 
# 
_pdbx_struct_assembly.id                   1 
_pdbx_struct_assembly.details              author_defined_assembly 
_pdbx_struct_assembly.method_details       ? 
_pdbx_struct_assembly.oligomeric_details   monomeric 
_pdbx_struct_assembly.oligomeric_count     1 
# 
_pdbx_struct_assembly_gen.assembly_id       1 
_pdbx_struct_assembly_gen.oper_expression   1 
_pdbx_struct_assembly_gen.asym_id_list      A,B,C 
# 
_pdbx_struct_oper_list.id                   1 
_pdbx_struct_oper_list.type                 'identity operation' 
_pdbx_struct_oper_list.name                 1_555 
_pdbx_struct_oper_list.symmetry_operation   x,y,z 
_pdbx_struct_oper_list.matrix[1][1]         1.0000000000 
_pdbx_struct_oper_list.matrix[1][2]         0.0000000000 
_pdbx_struct_oper_list.matrix[1][3]         0.0000000000 
_pdbx_struct_oper_list.vector[1]            0.0000000000 
_pdbx_struct_oper_list.matrix[2][1]         0.0000000000 
_pdbx_struct_oper_list.matrix[2][2]         1.0000000000 
_pdbx_struct_oper_list.matrix[2][3]         0.0000000000 
_pdbx_struct_oper_list.vector[2]            0.0000000000 
_pdbx_struct_oper_list.matrix[3][1]         0.0000000000 
_pdbx_struct_oper_list.matrix[3][2]         0.0000000000 
_pdbx_struct_oper_list.matrix[3][3]         1.0000000000 
_pdbx_struct_oper_list.vector[3]            0.0000000000 
# 
_struct_biol.id   1 
# 
loop_
_struct_conf.conf_type_id 
_struct_conf.id 
_struct_conf.pdbx_PDB_helix_id 
_struct_conf.beg_label_comp_id 
_struct_conf.beg_label_asym_id 
_struct_conf.beg_label_seq_id 
_struct_conf.pdbx_beg_PDB_ins_code 
_struct_conf.end_label_comp_id 
_struct_conf.end_label_asym_id 
_struct_conf.end_label_seq_id 
_struct_conf.pdbx_end_PDB_ins_code 
_struct_conf.beg_auth_comp_id 
_struct_conf.beg_auth_asym_id 
_struct_conf.beg_auth_seq_id 
_struct_conf.end_auth_comp_id 
_struct_conf.end_auth_asym_id 
_struct_conf.end_auth_seq_id 
_struct_conf.pdbx_PDB_helix_class 
_struct_conf.details 
_struct_conf.pdbx_PDB_helix_length 
HELX_P HELX_P1 1 LYS A 41  ? MET A 44  ? LYS A 41  MET A 44  1 ? 4  
HELX_P HELX_P2 2 ALA A 53  ? ALA A 66  ? ALA A 53  ALA A 66  1 ? 14 
HELX_P HELX_P3 3 ILE A 68  ? LYS A 70  ? ILE A 68  LYS A 70  5 ? 3  
HELX_P HELX_P4 4 VAL A 99  ? LYS A 101 ? VAL A 99  LYS A 101 5 ? 3  
HELX_P HELX_P5 5 HIS A 117 ? SER A 119 ? HIS A 117 SER A 119 5 ? 3  
# 
_struct_conf_type.id          HELX_P 
_struct_conf_type.criteria    ? 
_struct_conf_type.reference   ? 
# 
loop_
_struct_conn.id 
_struct_conn.conn_type_id 
_struct_conn.pdbx_leaving_atom_flag 
_struct_conn.pdbx_PDB_id 
_struct_conn.ptnr1_label_asym_id 
_struct_conn.ptnr1_label_comp_id 
_struct_conn.ptnr1_label_seq_id 
_struct_conn.ptnr1_label_atom_id 
_struct_conn.pdbx_ptnr1_label_alt_id 
_struct_conn.pdbx_ptnr1_PDB_ins_code 
_struct_conn.pdbx_ptnr1_standard_comp_id 
_struct_conn.ptnr1_symmetry 
_struct_conn.ptnr2_label_asym_id 
_struct_conn.ptnr2_label_comp_id 
_struct_conn.ptnr2_label_seq_id 
_struct_conn.ptnr2_label_atom_id 
_struct_conn.pdbx_ptnr2_label_alt_id 
_struct_conn.pdbx_ptnr2_PDB_ins_code 
_struct_conn.ptnr1_auth_asym_id 
_struct_conn.ptnr1_auth_comp_id 
_struct_conn.ptnr1_auth_seq_id 
_struct_conn.ptnr2_auth_asym_id 
_struct_conn.ptnr2_auth_comp_id 
_struct_conn.ptnr2_auth_seq_id 
_struct_conn.ptnr2_symmetry 
_struct_conn.pdbx_ptnr3_label_atom_id 
_struct_conn.pdbx_ptnr3_label_seq_id 
_struct_conn.pdbx_ptnr3_label_comp_id 
_struct_conn.pdbx_ptnr3_label_asym_id 
_struct_conn.pdbx_ptnr3_label_alt_id 
_struct_conn.pdbx_ptnr3_PDB_ins_code 
_struct_conn.details 
_struct_conn.pdbx_dist_value 
_struct_conn.pdbx_value_order 
_struct_conn.pdbx_role 
disulf1 disulf ? ? A CYS 3   SG  ? ? ? 1_555 A CYS 26 SG ? ? A CYS 3   A CYS 26  1_555 ? ? ? ? ? ? ? 2.033 ? ? 
metalc1 metalc ? ? A HIS 46  ND1 ? ? ? 1_555 B CU  .  CU ? ? A HIS 46  A CU  129 1_555 ? ? ? ? ? ? ? 2.100 ? ? 
metalc2 metalc ? ? A CYS 112 SG  ? ? ? 1_555 B CU  .  CU ? ? A CYS 112 A CU  129 1_555 ? ? ? ? ? ? ? 2.096 ? ? 
metalc3 metalc ? ? A HIS 117 ND1 ? ? ? 1_555 B CU  .  CU ? ? A HIS 117 A CU  129 1_555 ? ? ? ? ? ? ? 2.013 ? ? 
# 
loop_
_struct_conn_type.id 
_struct_conn_type.criteria 
_struct_conn_type.reference 
disulf ? ? 
metalc ? ? 
# 
loop_
_pdbx_struct_conn_angle.id 
_pdbx_struct_conn_angle.ptnr1_label_atom_id 
_pdbx_struct_conn_angle.ptnr1_label_alt_id 
_pdbx_struct_conn_angle.ptnr1_label_asym_id 
_pdbx_struct_conn_angle.ptnr1_label_comp_id 
_pdbx_struct_conn_angle.ptnr1_label_seq_id 
_pdbx_struct_conn_angle.ptnr1_auth_atom_id 
_pdbx_struct_conn_angle.ptnr1_auth_asym_id 
_pdbx_struct_conn_angle.ptnr1_auth_comp_id 
_pdbx_struct_conn_angle.ptnr1_auth_seq_id 
_pdbx_struct_conn_angle.ptnr1_PDB_ins_code 
_pdbx_struct_conn_angle.ptnr1_symmetry 
_pdbx_struct_conn_angle.ptnr2_label_atom_id 
_pdbx_struct_conn_angle.ptnr2_label_alt_id 
_pdbx_struct_conn_angle.ptnr2_label_asym_id 
_pdbx_struct_conn_angle.ptnr2_label_comp_id 
_pdbx_struct_conn_angle.ptnr2_label_seq_id 
_pdbx_struct_conn_angle.ptnr2_auth_atom_id 
_pdbx_struct_conn_angle.ptnr2_auth_asym_id 
_pdbx_struct_conn_angle.ptnr2_auth_comp_id 
_pdbx_struct_conn_angle.ptnr2_auth_seq_id 
_pdbx_struct_conn_angle.ptnr2_PDB_ins_code 
_pdbx_struct_conn_angle.ptnr2_symmetry 
_pdbx_struct_conn_angle.ptnr3_label_atom_id 
_pdbx_struct_conn_angle.ptnr3_label_alt_id 
_pdbx_struct_conn_angle.ptnr3_label_asym_id 
_pdbx_struct_conn_angle.ptnr3_label_comp_id 
_pdbx_struct_conn_angle.ptnr3_label_seq_id 
_pdbx_struct_conn_angle.ptnr3_auth_atom_id 
_pdbx_struct_conn_angle.ptnr3_auth_asym_id 
_pdbx_struct_conn_angle.ptnr3_auth_comp_id 
_pdbx_struct_conn_angle.ptnr3_auth_seq_id 
_pdbx_struct_conn_angle.ptnr3_PDB_ins_code 
_pdbx_struct_conn_angle.ptnr3_symmetry 
_pdbx_struct_conn_angle.value 
_pdbx_struct_conn_angle.value_esd 
1 ND1 ? A HIS 46  ? A HIS 46  ? 1_555 CU ? B CU . ? A CU 129 ? 1_555 SG  ? A CYS 112 ? A CYS 112 ? 1_555 135.2 ? 
2 ND1 ? A HIS 46  ? A HIS 46  ? 1_555 CU ? B CU . ? A CU 129 ? 1_555 ND1 ? A HIS 117 ? A HIS 117 ? 1_555 99.3  ? 
3 SG  ? A CYS 112 ? A CYS 112 ? 1_555 CU ? B CU . ? A CU 129 ? 1_555 ND1 ? A HIS 117 ? A HIS 117 ? 1_555 125.2 ? 
# 
_pdbx_modification_feature.ordinal                            1 
_pdbx_modification_feature.label_comp_id                      CYS 
_pdbx_modification_feature.label_asym_id                      A 
_pdbx_modification_feature.label_seq_id                       3 
_pdbx_modification_feature.label_alt_id                       ? 
_pdbx_modification_feature.modified_residue_label_comp_id     CYS 
_pdbx_modification_feature.modified_residue_label_asym_id     A 
_pdbx_modification_feature.modified_residue_label_seq_id      26 
_pdbx_modification_feature.modified_residue_label_alt_id      ? 
_pdbx_modification_feature.auth_comp_id                       CYS 
_pdbx_modification_feature.auth_asym_id                       A 
_pdbx_modification_feature.auth_seq_id                        3 
_pdbx_modification_feature.PDB_ins_code                       ? 
_pdbx_modification_feature.symmetry                           1_555 
_pdbx_modification_feature.modified_residue_auth_comp_id      CYS 
_pdbx_modification_feature.modified_residue_auth_asym_id      A 
_pdbx_modification_feature.modified_residue_auth_seq_id       26 
_pdbx_modification_feature.modified_residue_PDB_ins_code      ? 
_pdbx_modification_feature.modified_residue_symmetry          1_555 
_pdbx_modification_feature.comp_id_linking_atom               SG 
_pdbx_modification_feature.modified_residue_id_linking_atom   SG 
_pdbx_modification_feature.modified_residue_id                . 
_pdbx_modification_feature.ref_pcm_id                         . 
_pdbx_modification_feature.ref_comp_id                        . 
_pdbx_modification_feature.type                               None 
_pdbx_modification_feature.category                           'Disulfide bridge' 
# 
loop_
_struct_sheet.id 
_struct_sheet.type 
_struct_sheet.number_strands 
_struct_sheet.details 
A ? 3 ? 
B ? 4 ? 
# 
loop_
_struct_sheet_order.sheet_id 
_struct_sheet_order.range_id_1 
_struct_sheet_order.range_id_2 
_struct_sheet_order.offset 
_struct_sheet_order.sense 
A 1 2 ? parallel      
A 2 3 ? anti-parallel 
B 1 2 ? parallel      
B 2 3 ? anti-parallel 
B 3 4 ? anti-parallel 
# 
loop_
_struct_sheet_range.sheet_id 
_struct_sheet_range.id 
_struct_sheet_range.beg_label_comp_id 
_struct_sheet_range.beg_label_asym_id 
_struct_sheet_range.beg_label_seq_id 
_struct_sheet_range.pdbx_beg_PDB_ins_code 
_struct_sheet_range.end_label_comp_id 
_struct_sheet_range.end_label_asym_id 
_struct_sheet_range.end_label_seq_id 
_struct_sheet_range.pdbx_end_PDB_ins_code 
_struct_sheet_range.beg_auth_comp_id 
_struct_sheet_range.beg_auth_asym_id 
_struct_sheet_range.beg_auth_seq_id 
_struct_sheet_range.end_auth_comp_id 
_struct_sheet_range.end_auth_asym_id 
_struct_sheet_range.end_auth_seq_id 
A 1 LYS A 4   ? SER A 9   ? LYS A 4   SER A 9   
A 2 THR A 28  ? HIS A 35  ? THR A 28  HIS A 35  
A 3 LYS A 92  ? ASP A 98  ? LYS A 92  ASP A 98  
B 1 ALA A 19  ? ASP A 23  ? ALA A 19  ASP A 23  
B 2 LYS A 122 ? LYS A 128 ? LYS A 122 LYS A 128 
B 3 TYR A 108 ? PHE A 111 ? TYR A 108 PHE A 111 
B 4 VAL A 49  ? SER A 52  ? VAL A 49  SER A 52  
# 
loop_
_pdbx_struct_sheet_hbond.sheet_id 
_pdbx_struct_sheet_hbond.range_id_1 
_pdbx_struct_sheet_hbond.range_id_2 
_pdbx_struct_sheet_hbond.range_1_label_atom_id 
_pdbx_struct_sheet_hbond.range_1_label_comp_id 
_pdbx_struct_sheet_hbond.range_1_label_asym_id 
_pdbx_struct_sheet_hbond.range_1_label_seq_id 
_pdbx_struct_sheet_hbond.range_1_PDB_ins_code 
_pdbx_struct_sheet_hbond.range_1_auth_atom_id 
_pdbx_struct_sheet_hbond.range_1_auth_comp_id 
_pdbx_struct_sheet_hbond.range_1_auth_asym_id 
_pdbx_struct_sheet_hbond.range_1_auth_seq_id 
_pdbx_struct_sheet_hbond.range_2_label_atom_id 
_pdbx_struct_sheet_hbond.range_2_label_comp_id 
_pdbx_struct_sheet_hbond.range_2_label_asym_id 
_pdbx_struct_sheet_hbond.range_2_label_seq_id 
_pdbx_struct_sheet_hbond.range_2_PDB_ins_code 
_pdbx_struct_sheet_hbond.range_2_auth_atom_id 
_pdbx_struct_sheet_hbond.range_2_auth_comp_id 
_pdbx_struct_sheet_hbond.range_2_auth_asym_id 
_pdbx_struct_sheet_hbond.range_2_auth_seq_id 
A 1 2 O VAL A 5   ? O VAL A 5   N THR A 30  ? N THR A 30  
A 2 3 O PHE A 29  ? O PHE A 29  N PHE A 97  ? N PHE A 97  
B 1 2 O ILE A 20  ? O ILE A 20  N THR A 124 ? N THR A 124 
B 2 3 O GLY A 123 ? O GLY A 123 N PHE A 110 ? N PHE A 110 
B 3 4 O ALA A 109 ? O ALA A 109 N SER A 51  ? N SER A 51  
# 
_struct_site.id                   AC1 
_struct_site.pdbx_evidence_code   Software 
_struct_site.pdbx_auth_asym_id    A 
_struct_site.pdbx_auth_comp_id    CU 
_struct_site.pdbx_auth_seq_id     129 
_struct_site.pdbx_auth_ins_code   ? 
_struct_site.pdbx_num_residues    5 
_struct_site.details              'BINDING SITE FOR RESIDUE CU A 129' 
# 
loop_
_struct_site_gen.id 
_struct_site_gen.site_id 
_struct_site_gen.pdbx_num_res 
_struct_site_gen.label_comp_id 
_struct_site_gen.label_asym_id 
_struct_site_gen.label_seq_id 
_struct_site_gen.pdbx_auth_ins_code 
_struct_site_gen.auth_comp_id 
_struct_site_gen.auth_asym_id 
_struct_site_gen.auth_seq_id 
_struct_site_gen.label_atom_id 
_struct_site_gen.label_alt_id 
_struct_site_gen.symmetry 
_struct_site_gen.details 
1 AC1 5 GLY A 45  ? GLY A 45  . ? 1_555 ? 
2 AC1 5 HIS A 46  ? HIS A 46  . ? 1_555 ? 
3 AC1 5 CYS A 112 ? CYS A 112 . ? 1_555 ? 
4 AC1 5 HIS A 117 ? HIS A 117 . ? 1_555 ? 
5 AC1 5 MET A 121 ? MET A 121 . ? 1_555 ? 
# 
_pdbx_entry_details.entry_id                   1JOI 
_pdbx_entry_details.compound_details           ? 
_pdbx_entry_details.source_details             ? 
_pdbx_entry_details.nonpolymer_details         ? 
_pdbx_entry_details.sequence_details           ? 
_pdbx_entry_details.has_ligand_of_interest     ? 
_pdbx_entry_details.has_protein_modification   Y 
# 
loop_
_pdbx_validate_rmsd_bond.id 
_pdbx_validate_rmsd_bond.PDB_model_num 
_pdbx_validate_rmsd_bond.auth_atom_id_1 
_pdbx_validate_rmsd_bond.auth_asym_id_1 
_pdbx_validate_rmsd_bond.auth_comp_id_1 
_pdbx_validate_rmsd_bond.auth_seq_id_1 
_pdbx_validate_rmsd_bond.PDB_ins_code_1 
_pdbx_validate_rmsd_bond.label_alt_id_1 
_pdbx_validate_rmsd_bond.auth_atom_id_2 
_pdbx_validate_rmsd_bond.auth_asym_id_2 
_pdbx_validate_rmsd_bond.auth_comp_id_2 
_pdbx_validate_rmsd_bond.auth_seq_id_2 
_pdbx_validate_rmsd_bond.PDB_ins_code_2 
_pdbx_validate_rmsd_bond.label_alt_id_2 
_pdbx_validate_rmsd_bond.bond_value 
_pdbx_validate_rmsd_bond.bond_target_value 
_pdbx_validate_rmsd_bond.bond_deviation 
_pdbx_validate_rmsd_bond.bond_standard_deviation 
_pdbx_validate_rmsd_bond.linker_flag 
1 1 NE2 A HIS 35 ? ? CD2 A HIS 35 ? ? 1.304 1.373 -0.069 0.011 N 
2 1 NE2 A HIS 83 ? ? CD2 A HIS 83 ? ? 1.303 1.373 -0.070 0.011 N 
# 
loop_
_pdbx_validate_rmsd_angle.id 
_pdbx_validate_rmsd_angle.PDB_model_num 
_pdbx_validate_rmsd_angle.auth_atom_id_1 
_pdbx_validate_rmsd_angle.auth_asym_id_1 
_pdbx_validate_rmsd_angle.auth_comp_id_1 
_pdbx_validate_rmsd_angle.auth_seq_id_1 
_pdbx_validate_rmsd_angle.PDB_ins_code_1 
_pdbx_validate_rmsd_angle.label_alt_id_1 
_pdbx_validate_rmsd_angle.auth_atom_id_2 
_pdbx_validate_rmsd_angle.auth_asym_id_2 
_pdbx_validate_rmsd_angle.auth_comp_id_2 
_pdbx_validate_rmsd_angle.auth_seq_id_2 
_pdbx_validate_rmsd_angle.PDB_ins_code_2 
_pdbx_validate_rmsd_angle.label_alt_id_2 
_pdbx_validate_rmsd_angle.auth_atom_id_3 
_pdbx_validate_rmsd_angle.auth_asym_id_3 
_pdbx_validate_rmsd_angle.auth_comp_id_3 
_pdbx_validate_rmsd_angle.auth_seq_id_3 
_pdbx_validate_rmsd_angle.PDB_ins_code_3 
_pdbx_validate_rmsd_angle.label_alt_id_3 
_pdbx_validate_rmsd_angle.angle_value 
_pdbx_validate_rmsd_angle.angle_target_value 
_pdbx_validate_rmsd_angle.angle_deviation 
_pdbx_validate_rmsd_angle.angle_standard_deviation 
_pdbx_validate_rmsd_angle.linker_flag 
1 1 CD1 A TRP 48 ? ? CG  A TRP 48 ? ? CD2 A TRP 48 ? ? 112.59 106.30 6.29  0.80 N 
2 1 CE2 A TRP 48 ? ? CD2 A TRP 48 ? ? CG  A TRP 48 ? ? 101.85 107.30 -5.45 0.80 N 
# 
loop_
_pdbx_validate_torsion.id 
_pdbx_validate_torsion.PDB_model_num 
_pdbx_validate_torsion.auth_comp_id 
_pdbx_validate_torsion.auth_asym_id 
_pdbx_validate_torsion.auth_seq_id 
_pdbx_validate_torsion.PDB_ins_code 
_pdbx_validate_torsion.label_alt_id 
_pdbx_validate_torsion.phi 
_pdbx_validate_torsion.psi 
1 1 CYS A 3   ? ? -103.25 41.44 
2 1 MET A 44  ? ? -150.69 51.94 
3 1 MET A 121 ? ? -107.57 77.81 
# 
loop_
_chem_comp_atom.comp_id 
_chem_comp_atom.atom_id 
_chem_comp_atom.type_symbol 
_chem_comp_atom.pdbx_aromatic_flag 
_chem_comp_atom.pdbx_stereo_config 
_chem_comp_atom.pdbx_ordinal 
ALA N    N  N N 1   
ALA CA   C  N S 2   
ALA C    C  N N 3   
ALA O    O  N N 4   
ALA CB   C  N N 5   
ALA OXT  O  N N 6   
ALA H    H  N N 7   
ALA H2   H  N N 8   
ALA HA   H  N N 9   
ALA HB1  H  N N 10  
ALA HB2  H  N N 11  
ALA HB3  H  N N 12  
ALA HXT  H  N N 13  
ARG N    N  N N 14  
ARG CA   C  N S 15  
ARG C    C  N N 16  
ARG O    O  N N 17  
ARG CB   C  N N 18  
ARG CG   C  N N 19  
ARG CD   C  N N 20  
ARG NE   N  N N 21  
ARG CZ   C  N N 22  
ARG NH1  N  N N 23  
ARG NH2  N  N N 24  
ARG OXT  O  N N 25  
ARG H    H  N N 26  
ARG H2   H  N N 27  
ARG HA   H  N N 28  
ARG HB2  H  N N 29  
ARG HB3  H  N N 30  
ARG HG2  H  N N 31  
ARG HG3  H  N N 32  
ARG HD2  H  N N 33  
ARG HD3  H  N N 34  
ARG HE   H  N N 35  
ARG HH11 H  N N 36  
ARG HH12 H  N N 37  
ARG HH21 H  N N 38  
ARG HH22 H  N N 39  
ARG HXT  H  N N 40  
ASN N    N  N N 41  
ASN CA   C  N S 42  
ASN C    C  N N 43  
ASN O    O  N N 44  
ASN CB   C  N N 45  
ASN CG   C  N N 46  
ASN OD1  O  N N 47  
ASN ND2  N  N N 48  
ASN OXT  O  N N 49  
ASN H    H  N N 50  
ASN H2   H  N N 51  
ASN HA   H  N N 52  
ASN HB2  H  N N 53  
ASN HB3  H  N N 54  
ASN HD21 H  N N 55  
ASN HD22 H  N N 56  
ASN HXT  H  N N 57  
ASP N    N  N N 58  
ASP CA   C  N S 59  
ASP C    C  N N 60  
ASP O    O  N N 61  
ASP CB   C  N N 62  
ASP CG   C  N N 63  
ASP OD1  O  N N 64  
ASP OD2  O  N N 65  
ASP OXT  O  N N 66  
ASP H    H  N N 67  
ASP H2   H  N N 68  
ASP HA   H  N N 69  
ASP HB2  H  N N 70  
ASP HB3  H  N N 71  
ASP HD2  H  N N 72  
ASP HXT  H  N N 73  
CU  CU   CU N N 74  
CYS N    N  N N 75  
CYS CA   C  N R 76  
CYS C    C  N N 77  
CYS O    O  N N 78  
CYS CB   C  N N 79  
CYS SG   S  N N 80  
CYS OXT  O  N N 81  
CYS H    H  N N 82  
CYS H2   H  N N 83  
CYS HA   H  N N 84  
CYS HB2  H  N N 85  
CYS HB3  H  N N 86  
CYS HG   H  N N 87  
CYS HXT  H  N N 88  
GLN N    N  N N 89  
GLN CA   C  N S 90  
GLN C    C  N N 91  
GLN O    O  N N 92  
GLN CB   C  N N 93  
GLN CG   C  N N 94  
GLN CD   C  N N 95  
GLN OE1  O  N N 96  
GLN NE2  N  N N 97  
GLN OXT  O  N N 98  
GLN H    H  N N 99  
GLN H2   H  N N 100 
GLN HA   H  N N 101 
GLN HB2  H  N N 102 
GLN HB3  H  N N 103 
GLN HG2  H  N N 104 
GLN HG3  H  N N 105 
GLN HE21 H  N N 106 
GLN HE22 H  N N 107 
GLN HXT  H  N N 108 
GLU N    N  N N 109 
GLU CA   C  N S 110 
GLU C    C  N N 111 
GLU O    O  N N 112 
GLU CB   C  N N 113 
GLU CG   C  N N 114 
GLU CD   C  N N 115 
GLU OE1  O  N N 116 
GLU OE2  O  N N 117 
GLU OXT  O  N N 118 
GLU H    H  N N 119 
GLU H2   H  N N 120 
GLU HA   H  N N 121 
GLU HB2  H  N N 122 
GLU HB3  H  N N 123 
GLU HG2  H  N N 124 
GLU HG3  H  N N 125 
GLU HE2  H  N N 126 
GLU HXT  H  N N 127 
GLY N    N  N N 128 
GLY CA   C  N N 129 
GLY C    C  N N 130 
GLY O    O  N N 131 
GLY OXT  O  N N 132 
GLY H    H  N N 133 
GLY H2   H  N N 134 
GLY HA2  H  N N 135 
GLY HA3  H  N N 136 
GLY HXT  H  N N 137 
HIS N    N  N N 138 
HIS CA   C  N S 139 
HIS C    C  N N 140 
HIS O    O  N N 141 
HIS CB   C  N N 142 
HIS CG   C  Y N 143 
HIS ND1  N  Y N 144 
HIS CD2  C  Y N 145 
HIS CE1  C  Y N 146 
HIS NE2  N  Y N 147 
HIS OXT  O  N N 148 
HIS H    H  N N 149 
HIS H2   H  N N 150 
HIS HA   H  N N 151 
HIS HB2  H  N N 152 
HIS HB3  H  N N 153 
HIS HD1  H  N N 154 
HIS HD2  H  N N 155 
HIS HE1  H  N N 156 
HIS HE2  H  N N 157 
HIS HXT  H  N N 158 
HOH O    O  N N 159 
HOH H1   H  N N 160 
HOH H2   H  N N 161 
ILE N    N  N N 162 
ILE CA   C  N S 163 
ILE C    C  N N 164 
ILE O    O  N N 165 
ILE CB   C  N S 166 
ILE CG1  C  N N 167 
ILE CG2  C  N N 168 
ILE CD1  C  N N 169 
ILE OXT  O  N N 170 
ILE H    H  N N 171 
ILE H2   H  N N 172 
ILE HA   H  N N 173 
ILE HB   H  N N 174 
ILE HG12 H  N N 175 
ILE HG13 H  N N 176 
ILE HG21 H  N N 177 
ILE HG22 H  N N 178 
ILE HG23 H  N N 179 
ILE HD11 H  N N 180 
ILE HD12 H  N N 181 
ILE HD13 H  N N 182 
ILE HXT  H  N N 183 
LEU N    N  N N 184 
LEU CA   C  N S 185 
LEU C    C  N N 186 
LEU O    O  N N 187 
LEU CB   C  N N 188 
LEU CG   C  N N 189 
LEU CD1  C  N N 190 
LEU CD2  C  N N 191 
LEU OXT  O  N N 192 
LEU H    H  N N 193 
LEU H2   H  N N 194 
LEU HA   H  N N 195 
LEU HB2  H  N N 196 
LEU HB3  H  N N 197 
LEU HG   H  N N 198 
LEU HD11 H  N N 199 
LEU HD12 H  N N 200 
LEU HD13 H  N N 201 
LEU HD21 H  N N 202 
LEU HD22 H  N N 203 
LEU HD23 H  N N 204 
LEU HXT  H  N N 205 
LYS N    N  N N 206 
LYS CA   C  N S 207 
LYS C    C  N N 208 
LYS O    O  N N 209 
LYS CB   C  N N 210 
LYS CG   C  N N 211 
LYS CD   C  N N 212 
LYS CE   C  N N 213 
LYS NZ   N  N N 214 
LYS OXT  O  N N 215 
LYS H    H  N N 216 
LYS H2   H  N N 217 
LYS HA   H  N N 218 
LYS HB2  H  N N 219 
LYS HB3  H  N N 220 
LYS HG2  H  N N 221 
LYS HG3  H  N N 222 
LYS HD2  H  N N 223 
LYS HD3  H  N N 224 
LYS HE2  H  N N 225 
LYS HE3  H  N N 226 
LYS HZ1  H  N N 227 
LYS HZ2  H  N N 228 
LYS HZ3  H  N N 229 
LYS HXT  H  N N 230 
MET N    N  N N 231 
MET CA   C  N S 232 
MET C    C  N N 233 
MET O    O  N N 234 
MET CB   C  N N 235 
MET CG   C  N N 236 
MET SD   S  N N 237 
MET CE   C  N N 238 
MET OXT  O  N N 239 
MET H    H  N N 240 
MET H2   H  N N 241 
MET HA   H  N N 242 
MET HB2  H  N N 243 
MET HB3  H  N N 244 
MET HG2  H  N N 245 
MET HG3  H  N N 246 
MET HE1  H  N N 247 
MET HE2  H  N N 248 
MET HE3  H  N N 249 
MET HXT  H  N N 250 
PHE N    N  N N 251 
PHE CA   C  N S 252 
PHE C    C  N N 253 
PHE O    O  N N 254 
PHE CB   C  N N 255 
PHE CG   C  Y N 256 
PHE CD1  C  Y N 257 
PHE CD2  C  Y N 258 
PHE CE1  C  Y N 259 
PHE CE2  C  Y N 260 
PHE CZ   C  Y N 261 
PHE OXT  O  N N 262 
PHE H    H  N N 263 
PHE H2   H  N N 264 
PHE HA   H  N N 265 
PHE HB2  H  N N 266 
PHE HB3  H  N N 267 
PHE HD1  H  N N 268 
PHE HD2  H  N N 269 
PHE HE1  H  N N 270 
PHE HE2  H  N N 271 
PHE HZ   H  N N 272 
PHE HXT  H  N N 273 
PRO N    N  N N 274 
PRO CA   C  N S 275 
PRO C    C  N N 276 
PRO O    O  N N 277 
PRO CB   C  N N 278 
PRO CG   C  N N 279 
PRO CD   C  N N 280 
PRO OXT  O  N N 281 
PRO H    H  N N 282 
PRO HA   H  N N 283 
PRO HB2  H  N N 284 
PRO HB3  H  N N 285 
PRO HG2  H  N N 286 
PRO HG3  H  N N 287 
PRO HD2  H  N N 288 
PRO HD3  H  N N 289 
PRO HXT  H  N N 290 
SER N    N  N N 291 
SER CA   C  N S 292 
SER C    C  N N 293 
SER O    O  N N 294 
SER CB   C  N N 295 
SER OG   O  N N 296 
SER OXT  O  N N 297 
SER H    H  N N 298 
SER H2   H  N N 299 
SER HA   H  N N 300 
SER HB2  H  N N 301 
SER HB3  H  N N 302 
SER HG   H  N N 303 
SER HXT  H  N N 304 
THR N    N  N N 305 
THR CA   C  N S 306 
THR C    C  N N 307 
THR O    O  N N 308 
THR CB   C  N R 309 
THR OG1  O  N N 310 
THR CG2  C  N N 311 
THR OXT  O  N N 312 
THR H    H  N N 313 
THR H2   H  N N 314 
THR HA   H  N N 315 
THR HB   H  N N 316 
THR HG1  H  N N 317 
THR HG21 H  N N 318 
THR HG22 H  N N 319 
THR HG23 H  N N 320 
THR HXT  H  N N 321 
TRP N    N  N N 322 
TRP CA   C  N S 323 
TRP C    C  N N 324 
TRP O    O  N N 325 
TRP CB   C  N N 326 
TRP CG   C  Y N 327 
TRP CD1  C  Y N 328 
TRP CD2  C  Y N 329 
TRP NE1  N  Y N 330 
TRP CE2  C  Y N 331 
TRP CE3  C  Y N 332 
TRP CZ2  C  Y N 333 
TRP CZ3  C  Y N 334 
TRP CH2  C  Y N 335 
TRP OXT  O  N N 336 
TRP H    H  N N 337 
TRP H2   H  N N 338 
TRP HA   H  N N 339 
TRP HB2  H  N N 340 
TRP HB3  H  N N 341 
TRP HD1  H  N N 342 
TRP HE1  H  N N 343 
TRP HE3  H  N N 344 
TRP HZ2  H  N N 345 
TRP HZ3  H  N N 346 
TRP HH2  H  N N 347 
TRP HXT  H  N N 348 
TYR N    N  N N 349 
TYR CA   C  N S 350 
TYR C    C  N N 351 
TYR O    O  N N 352 
TYR CB   C  N N 353 
TYR CG   C  Y N 354 
TYR CD1  C  Y N 355 
TYR CD2  C  Y N 356 
TYR CE1  C  Y N 357 
TYR CE2  C  Y N 358 
TYR CZ   C  Y N 359 
TYR OH   O  N N 360 
TYR OXT  O  N N 361 
TYR H    H  N N 362 
TYR H2   H  N N 363 
TYR HA   H  N N 364 
TYR HB2  H  N N 365 
TYR HB3  H  N N 366 
TYR HD1  H  N N 367 
TYR HD2  H  N N 368 
TYR HE1  H  N N 369 
TYR HE2  H  N N 370 
TYR HH   H  N N 371 
TYR HXT  H  N N 372 
VAL N    N  N N 373 
VAL CA   C  N S 374 
VAL C    C  N N 375 
VAL O    O  N N 376 
VAL CB   C  N N 377 
VAL CG1  C  N N 378 
VAL CG2  C  N N 379 
VAL OXT  O  N N 380 
VAL H    H  N N 381 
VAL H2   H  N N 382 
VAL HA   H  N N 383 
VAL HB   H  N N 384 
VAL HG11 H  N N 385 
VAL HG12 H  N N 386 
VAL HG13 H  N N 387 
VAL HG21 H  N N 388 
VAL HG22 H  N N 389 
VAL HG23 H  N N 390 
VAL HXT  H  N N 391 
# 
loop_
_chem_comp_bond.comp_id 
_chem_comp_bond.atom_id_1 
_chem_comp_bond.atom_id_2 
_chem_comp_bond.value_order 
_chem_comp_bond.pdbx_aromatic_flag 
_chem_comp_bond.pdbx_stereo_config 
_chem_comp_bond.pdbx_ordinal 
ALA N   CA   sing N N 1   
ALA N   H    sing N N 2   
ALA N   H2   sing N N 3   
ALA CA  C    sing N N 4   
ALA CA  CB   sing N N 5   
ALA CA  HA   sing N N 6   
ALA C   O    doub N N 7   
ALA C   OXT  sing N N 8   
ALA CB  HB1  sing N N 9   
ALA CB  HB2  sing N N 10  
ALA CB  HB3  sing N N 11  
ALA OXT HXT  sing N N 12  
ARG N   CA   sing N N 13  
ARG N   H    sing N N 14  
ARG N   H2   sing N N 15  
ARG CA  C    sing N N 16  
ARG CA  CB   sing N N 17  
ARG CA  HA   sing N N 18  
ARG C   O    doub N N 19  
ARG C   OXT  sing N N 20  
ARG CB  CG   sing N N 21  
ARG CB  HB2  sing N N 22  
ARG CB  HB3  sing N N 23  
ARG CG  CD   sing N N 24  
ARG CG  HG2  sing N N 25  
ARG CG  HG3  sing N N 26  
ARG CD  NE   sing N N 27  
ARG CD  HD2  sing N N 28  
ARG CD  HD3  sing N N 29  
ARG NE  CZ   sing N N 30  
ARG NE  HE   sing N N 31  
ARG CZ  NH1  sing N N 32  
ARG CZ  NH2  doub N N 33  
ARG NH1 HH11 sing N N 34  
ARG NH1 HH12 sing N N 35  
ARG NH2 HH21 sing N N 36  
ARG NH2 HH22 sing N N 37  
ARG OXT HXT  sing N N 38  
ASN N   CA   sing N N 39  
ASN N   H    sing N N 40  
ASN N   H2   sing N N 41  
ASN CA  C    sing N N 42  
ASN CA  CB   sing N N 43  
ASN CA  HA   sing N N 44  
ASN C   O    doub N N 45  
ASN C   OXT  sing N N 46  
ASN CB  CG   sing N N 47  
ASN CB  HB2  sing N N 48  
ASN CB  HB3  sing N N 49  
ASN CG  OD1  doub N N 50  
ASN CG  ND2  sing N N 51  
ASN ND2 HD21 sing N N 52  
ASN ND2 HD22 sing N N 53  
ASN OXT HXT  sing N N 54  
ASP N   CA   sing N N 55  
ASP N   H    sing N N 56  
ASP N   H2   sing N N 57  
ASP CA  C    sing N N 58  
ASP CA  CB   sing N N 59  
ASP CA  HA   sing N N 60  
ASP C   O    doub N N 61  
ASP C   OXT  sing N N 62  
ASP CB  CG   sing N N 63  
ASP CB  HB2  sing N N 64  
ASP CB  HB3  sing N N 65  
ASP CG  OD1  doub N N 66  
ASP CG  OD2  sing N N 67  
ASP OD2 HD2  sing N N 68  
ASP OXT HXT  sing N N 69  
CYS N   CA   sing N N 70  
CYS N   H    sing N N 71  
CYS N   H2   sing N N 72  
CYS CA  C    sing N N 73  
CYS CA  CB   sing N N 74  
CYS CA  HA   sing N N 75  
CYS C   O    doub N N 76  
CYS C   OXT  sing N N 77  
CYS CB  SG   sing N N 78  
CYS CB  HB2  sing N N 79  
CYS CB  HB3  sing N N 80  
CYS SG  HG   sing N N 81  
CYS OXT HXT  sing N N 82  
GLN N   CA   sing N N 83  
GLN N   H    sing N N 84  
GLN N   H2   sing N N 85  
GLN CA  C    sing N N 86  
GLN CA  CB   sing N N 87  
GLN CA  HA   sing N N 88  
GLN C   O    doub N N 89  
GLN C   OXT  sing N N 90  
GLN CB  CG   sing N N 91  
GLN CB  HB2  sing N N 92  
GLN CB  HB3  sing N N 93  
GLN CG  CD   sing N N 94  
GLN CG  HG2  sing N N 95  
GLN CG  HG3  sing N N 96  
GLN CD  OE1  doub N N 97  
GLN CD  NE2  sing N N 98  
GLN NE2 HE21 sing N N 99  
GLN NE2 HE22 sing N N 100 
GLN OXT HXT  sing N N 101 
GLU N   CA   sing N N 102 
GLU N   H    sing N N 103 
GLU N   H2   sing N N 104 
GLU CA  C    sing N N 105 
GLU CA  CB   sing N N 106 
GLU CA  HA   sing N N 107 
GLU C   O    doub N N 108 
GLU C   OXT  sing N N 109 
GLU CB  CG   sing N N 110 
GLU CB  HB2  sing N N 111 
GLU CB  HB3  sing N N 112 
GLU CG  CD   sing N N 113 
GLU CG  HG2  sing N N 114 
GLU CG  HG3  sing N N 115 
GLU CD  OE1  doub N N 116 
GLU CD  OE2  sing N N 117 
GLU OE2 HE2  sing N N 118 
GLU OXT HXT  sing N N 119 
GLY N   CA   sing N N 120 
GLY N   H    sing N N 121 
GLY N   H2   sing N N 122 
GLY CA  C    sing N N 123 
GLY CA  HA2  sing N N 124 
GLY CA  HA3  sing N N 125 
GLY C   O    doub N N 126 
GLY C   OXT  sing N N 127 
GLY OXT HXT  sing N N 128 
HIS N   CA   sing N N 129 
HIS N   H    sing N N 130 
HIS N   H2   sing N N 131 
HIS CA  C    sing N N 132 
HIS CA  CB   sing N N 133 
HIS CA  HA   sing N N 134 
HIS C   O    doub N N 135 
HIS C   OXT  sing N N 136 
HIS CB  CG   sing N N 137 
HIS CB  HB2  sing N N 138 
HIS CB  HB3  sing N N 139 
HIS CG  ND1  sing Y N 140 
HIS CG  CD2  doub Y N 141 
HIS ND1 CE1  doub Y N 142 
HIS ND1 HD1  sing N N 143 
HIS CD2 NE2  sing Y N 144 
HIS CD2 HD2  sing N N 145 
HIS CE1 NE2  sing Y N 146 
HIS CE1 HE1  sing N N 147 
HIS NE2 HE2  sing N N 148 
HIS OXT HXT  sing N N 149 
HOH O   H1   sing N N 150 
HOH O   H2   sing N N 151 
ILE N   CA   sing N N 152 
ILE N   H    sing N N 153 
ILE N   H2   sing N N 154 
ILE CA  C    sing N N 155 
ILE CA  CB   sing N N 156 
ILE CA  HA   sing N N 157 
ILE C   O    doub N N 158 
ILE C   OXT  sing N N 159 
ILE CB  CG1  sing N N 160 
ILE CB  CG2  sing N N 161 
ILE CB  HB   sing N N 162 
ILE CG1 CD1  sing N N 163 
ILE CG1 HG12 sing N N 164 
ILE CG1 HG13 sing N N 165 
ILE CG2 HG21 sing N N 166 
ILE CG2 HG22 sing N N 167 
ILE CG2 HG23 sing N N 168 
ILE CD1 HD11 sing N N 169 
ILE CD1 HD12 sing N N 170 
ILE CD1 HD13 sing N N 171 
ILE OXT HXT  sing N N 172 
LEU N   CA   sing N N 173 
LEU N   H    sing N N 174 
LEU N   H2   sing N N 175 
LEU CA  C    sing N N 176 
LEU CA  CB   sing N N 177 
LEU CA  HA   sing N N 178 
LEU C   O    doub N N 179 
LEU C   OXT  sing N N 180 
LEU CB  CG   sing N N 181 
LEU CB  HB2  sing N N 182 
LEU CB  HB3  sing N N 183 
LEU CG  CD1  sing N N 184 
LEU CG  CD2  sing N N 185 
LEU CG  HG   sing N N 186 
LEU CD1 HD11 sing N N 187 
LEU CD1 HD12 sing N N 188 
LEU CD1 HD13 sing N N 189 
LEU CD2 HD21 sing N N 190 
LEU CD2 HD22 sing N N 191 
LEU CD2 HD23 sing N N 192 
LEU OXT HXT  sing N N 193 
LYS N   CA   sing N N 194 
LYS N   H    sing N N 195 
LYS N   H2   sing N N 196 
LYS CA  C    sing N N 197 
LYS CA  CB   sing N N 198 
LYS CA  HA   sing N N 199 
LYS C   O    doub N N 200 
LYS C   OXT  sing N N 201 
LYS CB  CG   sing N N 202 
LYS CB  HB2  sing N N 203 
LYS CB  HB3  sing N N 204 
LYS CG  CD   sing N N 205 
LYS CG  HG2  sing N N 206 
LYS CG  HG3  sing N N 207 
LYS CD  CE   sing N N 208 
LYS CD  HD2  sing N N 209 
LYS CD  HD3  sing N N 210 
LYS CE  NZ   sing N N 211 
LYS CE  HE2  sing N N 212 
LYS CE  HE3  sing N N 213 
LYS NZ  HZ1  sing N N 214 
LYS NZ  HZ2  sing N N 215 
LYS NZ  HZ3  sing N N 216 
LYS OXT HXT  sing N N 217 
MET N   CA   sing N N 218 
MET N   H    sing N N 219 
MET N   H2   sing N N 220 
MET CA  C    sing N N 221 
MET CA  CB   sing N N 222 
MET CA  HA   sing N N 223 
MET C   O    doub N N 224 
MET C   OXT  sing N N 225 
MET CB  CG   sing N N 226 
MET CB  HB2  sing N N 227 
MET CB  HB3  sing N N 228 
MET CG  SD   sing N N 229 
MET CG  HG2  sing N N 230 
MET CG  HG3  sing N N 231 
MET SD  CE   sing N N 232 
MET CE  HE1  sing N N 233 
MET CE  HE2  sing N N 234 
MET CE  HE3  sing N N 235 
MET OXT HXT  sing N N 236 
PHE N   CA   sing N N 237 
PHE N   H    sing N N 238 
PHE N   H2   sing N N 239 
PHE CA  C    sing N N 240 
PHE CA  CB   sing N N 241 
PHE CA  HA   sing N N 242 
PHE C   O    doub N N 243 
PHE C   OXT  sing N N 244 
PHE CB  CG   sing N N 245 
PHE CB  HB2  sing N N 246 
PHE CB  HB3  sing N N 247 
PHE CG  CD1  doub Y N 248 
PHE CG  CD2  sing Y N 249 
PHE CD1 CE1  sing Y N 250 
PHE CD1 HD1  sing N N 251 
PHE CD2 CE2  doub Y N 252 
PHE CD2 HD2  sing N N 253 
PHE CE1 CZ   doub Y N 254 
PHE CE1 HE1  sing N N 255 
PHE CE2 CZ   sing Y N 256 
PHE CE2 HE2  sing N N 257 
PHE CZ  HZ   sing N N 258 
PHE OXT HXT  sing N N 259 
PRO N   CA   sing N N 260 
PRO N   CD   sing N N 261 
PRO N   H    sing N N 262 
PRO CA  C    sing N N 263 
PRO CA  CB   sing N N 264 
PRO CA  HA   sing N N 265 
PRO C   O    doub N N 266 
PRO C   OXT  sing N N 267 
PRO CB  CG   sing N N 268 
PRO CB  HB2  sing N N 269 
PRO CB  HB3  sing N N 270 
PRO CG  CD   sing N N 271 
PRO CG  HG2  sing N N 272 
PRO CG  HG3  sing N N 273 
PRO CD  HD2  sing N N 274 
PRO CD  HD3  sing N N 275 
PRO OXT HXT  sing N N 276 
SER N   CA   sing N N 277 
SER N   H    sing N N 278 
SER N   H2   sing N N 279 
SER CA  C    sing N N 280 
SER CA  CB   sing N N 281 
SER CA  HA   sing N N 282 
SER C   O    doub N N 283 
SER C   OXT  sing N N 284 
SER CB  OG   sing N N 285 
SER CB  HB2  sing N N 286 
SER CB  HB3  sing N N 287 
SER OG  HG   sing N N 288 
SER OXT HXT  sing N N 289 
THR N   CA   sing N N 290 
THR N   H    sing N N 291 
THR N   H2   sing N N 292 
THR CA  C    sing N N 293 
THR CA  CB   sing N N 294 
THR CA  HA   sing N N 295 
THR C   O    doub N N 296 
THR C   OXT  sing N N 297 
THR CB  OG1  sing N N 298 
THR CB  CG2  sing N N 299 
THR CB  HB   sing N N 300 
THR OG1 HG1  sing N N 301 
THR CG2 HG21 sing N N 302 
THR CG2 HG22 sing N N 303 
THR CG2 HG23 sing N N 304 
THR OXT HXT  sing N N 305 
TRP N   CA   sing N N 306 
TRP N   H    sing N N 307 
TRP N   H2   sing N N 308 
TRP CA  C    sing N N 309 
TRP CA  CB   sing N N 310 
TRP CA  HA   sing N N 311 
TRP C   O    doub N N 312 
TRP C   OXT  sing N N 313 
TRP CB  CG   sing N N 314 
TRP CB  HB2  sing N N 315 
TRP CB  HB3  sing N N 316 
TRP CG  CD1  doub Y N 317 
TRP CG  CD2  sing Y N 318 
TRP CD1 NE1  sing Y N 319 
TRP CD1 HD1  sing N N 320 
TRP CD2 CE2  doub Y N 321 
TRP CD2 CE3  sing Y N 322 
TRP NE1 CE2  sing Y N 323 
TRP NE1 HE1  sing N N 324 
TRP CE2 CZ2  sing Y N 325 
TRP CE3 CZ3  doub Y N 326 
TRP CE3 HE3  sing N N 327 
TRP CZ2 CH2  doub Y N 328 
TRP CZ2 HZ2  sing N N 329 
TRP CZ3 CH2  sing Y N 330 
TRP CZ3 HZ3  sing N N 331 
TRP CH2 HH2  sing N N 332 
TRP OXT HXT  sing N N 333 
TYR N   CA   sing N N 334 
TYR N   H    sing N N 335 
TYR N   H2   sing N N 336 
TYR CA  C    sing N N 337 
TYR CA  CB   sing N N 338 
TYR CA  HA   sing N N 339 
TYR C   O    doub N N 340 
TYR C   OXT  sing N N 341 
TYR CB  CG   sing N N 342 
TYR CB  HB2  sing N N 343 
TYR CB  HB3  sing N N 344 
TYR CG  CD1  doub Y N 345 
TYR CG  CD2  sing Y N 346 
TYR CD1 CE1  sing Y N 347 
TYR CD1 HD1  sing N N 348 
TYR CD2 CE2  doub Y N 349 
TYR CD2 HD2  sing N N 350 
TYR CE1 CZ   doub Y N 351 
TYR CE1 HE1  sing N N 352 
TYR CE2 CZ   sing Y N 353 
TYR CE2 HE2  sing N N 354 
TYR CZ  OH   sing N N 355 
TYR OH  HH   sing N N 356 
TYR OXT HXT  sing N N 357 
VAL N   CA   sing N N 358 
VAL N   H    sing N N 359 
VAL N   H2   sing N N 360 
VAL CA  C    sing N N 361 
VAL CA  CB   sing N N 362 
VAL CA  HA   sing N N 363 
VAL C   O    doub N N 364 
VAL C   OXT  sing N N 365 
VAL CB  CG1  sing N N 366 
VAL CB  CG2  sing N N 367 
VAL CB  HB   sing N N 368 
VAL CG1 HG11 sing N N 369 
VAL CG1 HG12 sing N N 370 
VAL CG1 HG13 sing N N 371 
VAL CG2 HG21 sing N N 372 
VAL CG2 HG22 sing N N 373 
VAL CG2 HG23 sing N N 374 
VAL OXT HXT  sing N N 375 
# 
_pdbx_initial_refinement_model.id               1 
_pdbx_initial_refinement_model.entity_id_list   ? 
_pdbx_initial_refinement_model.type             'experimental model' 
_pdbx_initial_refinement_model.source_name      PDB 
_pdbx_initial_refinement_model.accession_code   2AZA 
_pdbx_initial_refinement_model.details          'PDB ENTRY 2AZA' 
# 
_atom_sites.entry_id                    1JOI 
_atom_sites.fract_transf_matrix[1][1]   -0.02998090 
_atom_sites.fract_transf_matrix[1][2]   -0.00763739 
_atom_sites.fract_transf_matrix[1][3]   -0.00473742 
_atom_sites.fract_transf_matrix[2][1]   0.00612203 
_atom_sites.fract_transf_matrix[2][2]   -0.02167449 
_atom_sites.fract_transf_matrix[2][3]   -0.00380112 
_atom_sites.fract_transf_matrix[3][1]   -0.00130725 
_atom_sites.fract_transf_matrix[3][2]   -0.00253751 
_atom_sites.fract_transf_matrix[3][3]   0.01236377 
_atom_sites.fract_transf_vector[1]      0.192643 
_atom_sites.fract_transf_vector[2]      0.079872 
_atom_sites.fract_transf_vector[3]      0.109760 
# 
loop_
_atom_type.symbol 
C  
CU 
N  
O  
S  
# 
loop_
_atom_site.group_PDB 
_atom_site.id 
_atom_site.type_symbol 
_atom_site.label_atom_id 
_atom_site.label_alt_id 
_atom_site.label_comp_id 
_atom_site.label_asym_id 
_atom_site.label_entity_id 
_atom_site.label_seq_id 
_atom_site.pdbx_PDB_ins_code 
_atom_site.Cartn_x 
_atom_site.Cartn_y 
_atom_site.Cartn_z 
_atom_site.occupancy 
_atom_site.B_iso_or_equiv 
_atom_site.pdbx_formal_charge 
_atom_site.auth_seq_id 
_atom_site.auth_comp_id 
_atom_site.auth_asym_id 
_atom_site.auth_atom_id 
_atom_site.pdbx_PDB_model_num 
ATOM   1    N  N   . ALA A 1 1   ? 3.697   1.204   -18.962 1.00 38.41 ? 1   ALA A N   1 
ATOM   2    C  CA  . ALA A 1 1   ? 4.636   1.681   -17.988 1.00 37.07 ? 1   ALA A CA  1 
ATOM   3    C  C   . ALA A 1 1   ? 4.339   3.120   -17.606 1.00 35.65 ? 1   ALA A C   1 
ATOM   4    O  O   . ALA A 1 1   ? 4.939   3.659   -16.677 1.00 38.10 ? 1   ALA A O   1 
ATOM   5    C  CB  . ALA A 1 1   ? 6.027   1.612   -18.538 1.00 37.27 ? 1   ALA A CB  1 
ATOM   6    N  N   . GLU A 1 2   ? 3.391   3.780   -18.274 1.00 32.42 ? 2   GLU A N   1 
ATOM   7    C  CA  . GLU A 1 2   ? 2.999   5.108   -17.843 1.00 28.42 ? 2   GLU A CA  1 
ATOM   8    C  C   . GLU A 1 2   ? 2.099   4.909   -16.627 1.00 22.10 ? 2   GLU A C   1 
ATOM   9    O  O   . GLU A 1 2   ? 2.371   5.417   -15.549 1.00 23.11 ? 2   GLU A O   1 
ATOM   10   C  CB  . GLU A 1 2   ? 2.202   5.825   -18.928 1.00 35.98 ? 2   GLU A CB  1 
ATOM   11   C  CG  . GLU A 1 2   ? 2.247   7.336   -18.806 1.00 40.79 ? 2   GLU A CG  1 
ATOM   12   C  CD  . GLU A 1 2   ? 3.629   7.888   -19.121 1.00 44.41 ? 2   GLU A CD  1 
ATOM   13   O  OE1 . GLU A 1 2   ? 4.100   7.666   -20.238 1.00 45.38 ? 2   GLU A OE1 1 
ATOM   14   O  OE2 . GLU A 1 2   ? 4.222   8.532   -18.249 1.00 47.10 ? 2   GLU A OE2 1 
ATOM   15   N  N   . CYS A 1 3   ? 1.082   4.075   -16.758 1.00 13.82 ? 3   CYS A N   1 
ATOM   16   C  CA  . CYS A 1 3   ? 0.076   3.924   -15.724 1.00 8.62  ? 3   CYS A CA  1 
ATOM   17   C  C   . CYS A 1 3   ? 0.217   2.658   -14.879 1.00 7.64  ? 3   CYS A C   1 
ATOM   18   O  O   . CYS A 1 3   ? -0.765  2.015   -14.514 1.00 5.17  ? 3   CYS A O   1 
ATOM   19   C  CB  . CYS A 1 3   ? -1.267  4.002   -16.438 1.00 5.81  ? 3   CYS A CB  1 
ATOM   20   S  SG  . CYS A 1 3   ? -1.460  5.521   -17.448 1.00 6.79  ? 3   CYS A SG  1 
ATOM   21   N  N   . LYS A 1 4   ? 1.433   2.285   -14.498 1.00 9.59  ? 4   LYS A N   1 
ATOM   22   C  CA  . LYS A 1 4   ? 1.699   1.092   -13.707 1.00 11.73 ? 4   LYS A CA  1 
ATOM   23   C  C   . LYS A 1 4   ? 3.050   1.321   -13.059 1.00 12.78 ? 4   LYS A C   1 
ATOM   24   O  O   . LYS A 1 4   ? 3.892   1.985   -13.688 1.00 10.46 ? 4   LYS A O   1 
ATOM   25   C  CB  . LYS A 1 4   ? 1.755   -0.140  -14.616 1.00 16.73 ? 4   LYS A CB  1 
ATOM   26   C  CG  . LYS A 1 4   ? 2.152   -1.440  -13.919 1.00 25.64 ? 4   LYS A CG  1 
ATOM   27   C  CD  . LYS A 1 4   ? 2.393   -2.593  -14.894 1.00 29.54 ? 4   LYS A CD  1 
ATOM   28   C  CE  . LYS A 1 4   ? 2.855   -3.855  -14.165 1.00 31.76 ? 4   LYS A CE  1 
ATOM   29   N  NZ  . LYS A 1 4   ? 4.153   -3.670  -13.543 1.00 35.18 ? 4   LYS A NZ  1 
ATOM   30   N  N   . VAL A 1 5   ? 3.278   0.799   -11.845 1.00 10.19 ? 5   VAL A N   1 
ATOM   31   C  CA  . VAL A 1 5   ? 4.568   0.881   -11.177 1.00 9.16  ? 5   VAL A CA  1 
ATOM   32   C  C   . VAL A 1 5   ? 4.739   -0.434  -10.414 1.00 8.32  ? 5   VAL A C   1 
ATOM   33   O  O   . VAL A 1 5   ? 3.761   -1.091  -10.032 1.00 6.63  ? 5   VAL A O   1 
ATOM   34   C  CB  . VAL A 1 5   ? 4.611   2.138   -10.200 1.00 11.10 ? 5   VAL A CB  1 
ATOM   35   C  CG1 . VAL A 1 5   ? 3.598   2.013   -9.072  1.00 10.62 ? 5   VAL A CG1 1 
ATOM   36   C  CG2 . VAL A 1 5   ? 5.999   2.269   -9.602  1.00 14.34 ? 5   VAL A CG2 1 
ATOM   37   N  N   . THR A 1 6   ? 5.957   -0.902  -10.237 1.00 8.22  ? 6   THR A N   1 
ATOM   38   C  CA  . THR A 1 6   ? 6.224   -2.106  -9.462  1.00 10.71 ? 6   THR A CA  1 
ATOM   39   C  C   . THR A 1 6   ? 7.021   -1.669  -8.237  1.00 9.43  ? 6   THR A C   1 
ATOM   40   O  O   . THR A 1 6   ? 8.028   -0.960  -8.381  1.00 7.50  ? 6   THR A O   1 
ATOM   41   C  CB  . THR A 1 6   ? 7.038   -3.115  -10.310 1.00 8.36  ? 6   THR A CB  1 
ATOM   42   O  OG1 . THR A 1 6   ? 6.309   -3.337  -11.502 1.00 9.93  ? 6   THR A OG1 1 
ATOM   43   C  CG2 . THR A 1 6   ? 7.239   -4.440  -9.612  1.00 9.61  ? 6   THR A CG2 1 
ATOM   44   N  N   . VAL A 1 7   ? 6.589   -2.048  -7.028  1.00 10.11 ? 7   VAL A N   1 
ATOM   45   C  CA  . VAL A 1 7   ? 7.289   -1.690  -5.791  1.00 8.05  ? 7   VAL A CA  1 
ATOM   46   C  C   . VAL A 1 7   ? 7.725   -3.002  -5.123  1.00 3.83  ? 7   VAL A C   1 
ATOM   47   O  O   . VAL A 1 7   ? 6.946   -3.959  -5.014  1.00 3.57  ? 7   VAL A O   1 
ATOM   48   C  CB  . VAL A 1 7   ? 6.356   -0.910  -4.812  1.00 5.59  ? 7   VAL A CB  1 
ATOM   49   C  CG1 . VAL A 1 7   ? 7.181   -0.515  -3.584  1.00 4.39  ? 7   VAL A CG1 1 
ATOM   50   C  CG2 . VAL A 1 7   ? 5.743   0.320   -5.486  1.00 7.63  ? 7   VAL A CG2 1 
ATOM   51   N  N   . ASP A 1 8   ? 8.981   -3.102  -4.724  1.00 5.13  ? 8   ASP A N   1 
ATOM   52   C  CA  . ASP A 1 8   ? 9.436   -4.311  -4.033  1.00 10.58 ? 8   ASP A CA  1 
ATOM   53   C  C   . ASP A 1 8   ? 9.376   -4.004  -2.537  1.00 11.02 ? 8   ASP A C   1 
ATOM   54   O  O   . ASP A 1 8   ? 9.464   -2.832  -2.138  1.00 7.78  ? 8   ASP A O   1 
ATOM   55   C  CB  . ASP A 1 8   ? 10.883  -4.681  -4.443  1.00 7.16  ? 8   ASP A CB  1 
ATOM   56   C  CG  . ASP A 1 8   ? 11.355  -6.060  -3.960  1.00 2.50  ? 8   ASP A CG  1 
ATOM   57   O  OD1 . ASP A 1 8   ? 10.572  -7.014  -3.914  1.00 2.50  ? 8   ASP A OD1 1 
ATOM   58   O  OD2 . ASP A 1 8   ? 12.534  -6.157  -3.629  1.00 2.62  ? 8   ASP A OD2 1 
ATOM   59   N  N   . SER A 1 9   ? 9.165   -5.043  -1.732  1.00 10.94 ? 9   SER A N   1 
ATOM   60   C  CA  . SER A 1 9   ? 9.141   -4.940  -0.283  1.00 8.87  ? 9   SER A CA  1 
ATOM   61   C  C   . SER A 1 9   ? 10.092  -6.045  0.155   1.00 10.24 ? 9   SER A C   1 
ATOM   62   O  O   . SER A 1 9   ? 10.147  -7.113  -0.487  1.00 9.64  ? 9   SER A O   1 
ATOM   63   C  CB  . SER A 1 9   ? 7.699   -5.152  0.193   1.00 7.53  ? 9   SER A CB  1 
ATOM   64   O  OG  . SER A 1 9   ? 7.039   -6.352  -0.223  1.00 8.73  ? 9   SER A OG  1 
ATOM   65   N  N   . THR A 1 10  ? 10.885  -5.839  1.207   1.00 9.41  ? 10  THR A N   1 
ATOM   66   C  CA  . THR A 1 10  ? 11.976  -6.750  1.490   1.00 11.50 ? 10  THR A CA  1 
ATOM   67   C  C   . THR A 1 10  ? 11.925  -7.461  2.835   1.00 11.63 ? 10  THR A C   1 
ATOM   68   O  O   . THR A 1 10  ? 11.086  -7.166  3.701   1.00 11.48 ? 10  THR A O   1 
ATOM   69   C  CB  . THR A 1 10  ? 13.333  -5.983  1.368   1.00 12.14 ? 10  THR A CB  1 
ATOM   70   O  OG1 . THR A 1 10  ? 13.384  -5.080  2.483   1.00 14.16 ? 10  THR A OG1 1 
ATOM   71   C  CG2 . THR A 1 10  ? 13.495  -5.223  0.031   1.00 10.88 ? 10  THR A CG2 1 
ATOM   72   N  N   . ASP A 1 11  ? 12.865  -8.393  3.048   1.00 9.94  ? 11  ASP A N   1 
ATOM   73   C  CA  . ASP A 1 11  ? 12.994  -9.018  4.358   1.00 10.60 ? 11  ASP A CA  1 
ATOM   74   C  C   . ASP A 1 11  ? 13.535  -8.021  5.382   1.00 10.49 ? 11  ASP A C   1 
ATOM   75   O  O   . ASP A 1 11  ? 13.491  -8.286  6.571   1.00 12.03 ? 11  ASP A O   1 
ATOM   76   C  CB  . ASP A 1 11  ? 13.934  -10.213 4.304   1.00 9.83  ? 11  ASP A CB  1 
ATOM   77   C  CG  . ASP A 1 11  ? 13.316  -11.541 3.861   1.00 6.96  ? 11  ASP A CG  1 
ATOM   78   O  OD1 . ASP A 1 11  ? 12.116  -11.668 3.619   1.00 3.21  ? 11  ASP A OD1 1 
ATOM   79   O  OD2 . ASP A 1 11  ? 14.084  -12.488 3.776   1.00 10.38 ? 11  ASP A OD2 1 
ATOM   80   N  N   . GLN A 1 12  ? 14.008  -6.840  4.979   1.00 9.53  ? 12  GLN A N   1 
ATOM   81   C  CA  . GLN A 1 12  ? 14.511  -5.845  5.899   1.00 11.13 ? 12  GLN A CA  1 
ATOM   82   C  C   . GLN A 1 12  ? 13.490  -4.741  6.177   1.00 9.83  ? 12  GLN A C   1 
ATOM   83   O  O   . GLN A 1 12  ? 13.847  -3.600  6.497   1.00 9.75  ? 12  GLN A O   1 
ATOM   84   C  CB  . GLN A 1 12  ? 15.764  -5.204  5.349   1.00 13.97 ? 12  GLN A CB  1 
ATOM   85   C  CG  . GLN A 1 12  ? 16.964  -6.103  5.163   1.00 18.96 ? 12  GLN A CG  1 
ATOM   86   C  CD  . GLN A 1 12  ? 16.812  -7.074  4.005   1.00 26.70 ? 12  GLN A CD  1 
ATOM   87   O  OE1 . GLN A 1 12  ? 17.423  -8.141  3.987   1.00 27.55 ? 12  GLN A OE1 1 
ATOM   88   N  NE2 . GLN A 1 12  ? 16.142  -6.756  2.905   1.00 30.05 ? 12  GLN A NE2 1 
ATOM   89   N  N   . MET A 1 13  ? 12.207  -5.060  6.003   1.00 7.63  ? 13  MET A N   1 
ATOM   90   C  CA  . MET A 1 13  ? 11.120  -4.141  6.294   1.00 10.24 ? 13  MET A CA  1 
ATOM   91   C  C   . MET A 1 13  ? 11.244  -2.770  5.615   1.00 9.39  ? 13  MET A C   1 
ATOM   92   O  O   . MET A 1 13  ? 11.164  -1.714  6.263   1.00 6.33  ? 13  MET A O   1 
ATOM   93   C  CB  . MET A 1 13  ? 11.007  -3.969  7.837   1.00 9.91  ? 13  MET A CB  1 
ATOM   94   C  CG  . MET A 1 13  ? 9.669   -3.520  8.392   1.00 15.16 ? 13  MET A CG  1 
ATOM   95   S  SD  . MET A 1 13  ? 9.787   -3.348  10.200  1.00 20.85 ? 13  MET A SD  1 
ATOM   96   C  CE  . MET A 1 13  ? 9.944   -1.591  10.234  1.00 20.85 ? 13  MET A CE  1 
ATOM   97   N  N   . SER A 1 14  ? 11.423  -2.782  4.293   1.00 7.02  ? 14  SER A N   1 
ATOM   98   C  CA  . SER A 1 14  ? 11.449  -1.541  3.563   1.00 7.95  ? 14  SER A CA  1 
ATOM   99   C  C   . SER A 1 14  ? 10.740  -1.717  2.241   1.00 8.20  ? 14  SER A C   1 
ATOM   100  O  O   . SER A 1 14  ? 10.574  -2.855  1.788   1.00 9.04  ? 14  SER A O   1 
ATOM   101  C  CB  . SER A 1 14  ? 12.898  -1.103  3.343   1.00 10.33 ? 14  SER A CB  1 
ATOM   102  O  OG  . SER A 1 14  ? 13.704  -2.062  2.655   1.00 23.70 ? 14  SER A OG  1 
ATOM   103  N  N   . PHE A 1 15  ? 10.256  -0.622  1.659   1.00 6.48  ? 15  PHE A N   1 
ATOM   104  C  CA  . PHE A 1 15  ? 9.754   -0.608  0.300   1.00 6.30  ? 15  PHE A CA  1 
ATOM   105  C  C   . PHE A 1 15  ? 10.911  -0.021  -0.499  1.00 7.11  ? 15  PHE A C   1 
ATOM   106  O  O   . PHE A 1 15  ? 11.750  0.682   0.073   1.00 6.25  ? 15  PHE A O   1 
ATOM   107  C  CB  . PHE A 1 15  ? 8.575   0.316   0.109   1.00 7.67  ? 15  PHE A CB  1 
ATOM   108  C  CG  . PHE A 1 15  ? 7.223   -0.114  0.641   1.00 9.09  ? 15  PHE A CG  1 
ATOM   109  C  CD1 . PHE A 1 15  ? 6.633   -1.297  0.218   1.00 5.14  ? 15  PHE A CD1 1 
ATOM   110  C  CD2 . PHE A 1 15  ? 6.544   0.756   1.489   1.00 2.50  ? 15  PHE A CD2 1 
ATOM   111  C  CE1 . PHE A 1 15  ? 5.342   -1.595  0.650   1.00 5.92  ? 15  PHE A CE1 1 
ATOM   112  C  CE2 . PHE A 1 15  ? 5.273   0.441   1.900   1.00 3.37  ? 15  PHE A CE2 1 
ATOM   113  C  CZ  . PHE A 1 15  ? 4.666   -0.723  1.486   1.00 4.53  ? 15  PHE A CZ  1 
ATOM   114  N  N   . ASN A 1 16  ? 11.030  -0.238  -1.820  1.00 6.11  ? 16  ASN A N   1 
ATOM   115  C  CA  . ASN A 1 16  ? 12.154  0.349   -2.526  1.00 5.13  ? 16  ASN A CA  1 
ATOM   116  C  C   . ASN A 1 16  ? 11.825  1.708   -3.147  1.00 8.39  ? 16  ASN A C   1 
ATOM   117  O  O   . ASN A 1 16  ? 12.580  2.181   -4.001  1.00 10.79 ? 16  ASN A O   1 
ATOM   118  C  CB  . ASN A 1 16  ? 12.684  -0.610  -3.625  1.00 6.40  ? 16  ASN A CB  1 
ATOM   119  C  CG  . ASN A 1 16  ? 11.768  -0.878  -4.816  1.00 8.28  ? 16  ASN A CG  1 
ATOM   120  O  OD1 . ASN A 1 16  ? 10.576  -0.553  -4.860  1.00 10.35 ? 16  ASN A OD1 1 
ATOM   121  N  ND2 . ASN A 1 16  ? 12.277  -1.536  -5.839  1.00 11.89 ? 16  ASN A ND2 1 
ATOM   122  N  N   . THR A 1 17  ? 10.757  2.400   -2.733  1.00 9.40  ? 17  THR A N   1 
ATOM   123  C  CA  . THR A 1 17  ? 10.467  3.759   -3.166  1.00 10.16 ? 17  THR A CA  1 
ATOM   124  C  C   . THR A 1 17  ? 9.758   4.490   -2.027  1.00 9.86  ? 17  THR A C   1 
ATOM   125  O  O   . THR A 1 17  ? 9.045   3.872   -1.218  1.00 6.10  ? 17  THR A O   1 
ATOM   126  C  CB  . THR A 1 17  ? 9.568   3.759   -4.447  1.00 11.76 ? 17  THR A CB  1 
ATOM   127  O  OG1 . THR A 1 17  ? 9.433   5.131   -4.826  1.00 11.54 ? 17  THR A OG1 1 
ATOM   128  C  CG2 . THR A 1 17  ? 8.184   3.168   -4.248  1.00 10.70 ? 17  THR A CG2 1 
ATOM   129  N  N   . LYS A 1 18  ? 9.950   5.817   -2.003  1.00 10.90 ? 18  LYS A N   1 
ATOM   130  C  CA  . LYS A 1 18  ? 9.300   6.714   -1.045  1.00 13.71 ? 18  LYS A CA  1 
ATOM   131  C  C   . LYS A 1 18  ? 8.243   7.618   -1.659  1.00 11.32 ? 18  LYS A C   1 
ATOM   132  O  O   . LYS A 1 18  ? 7.475   8.249   -0.930  1.00 7.17  ? 18  LYS A O   1 
ATOM   133  C  CB  . LYS A 1 18  ? 10.340  7.607   -0.336  1.00 17.99 ? 18  LYS A CB  1 
ATOM   134  C  CG  . LYS A 1 18  ? 11.033  6.905   0.841   1.00 25.18 ? 18  LYS A CG  1 
ATOM   135  C  CD  . LYS A 1 18  ? 12.258  7.664   1.346   1.00 33.29 ? 18  LYS A CD  1 
ATOM   136  C  CE  . LYS A 1 18  ? 11.937  9.053   1.927   1.00 41.27 ? 18  LYS A CE  1 
ATOM   137  N  NZ  . LYS A 1 18  ? 13.101  9.681   2.552   1.00 44.25 ? 18  LYS A NZ  1 
ATOM   138  N  N   . ALA A 1 19  ? 8.133   7.694   -2.984  1.00 11.54 ? 19  ALA A N   1 
ATOM   139  C  CA  . ALA A 1 19  ? 7.175   8.591   -3.614  1.00 10.47 ? 19  ALA A CA  1 
ATOM   140  C  C   . ALA A 1 19  ? 6.773   8.012   -4.961  1.00 12.97 ? 19  ALA A C   1 
ATOM   141  O  O   . ALA A 1 19  ? 7.627   7.514   -5.714  1.00 14.50 ? 19  ALA A O   1 
ATOM   142  C  CB  . ALA A 1 19  ? 7.815   9.954   -3.829  1.00 9.82  ? 19  ALA A CB  1 
ATOM   143  N  N   . ILE A 1 20  ? 5.467   8.000   -5.229  1.00 12.04 ? 20  ILE A N   1 
ATOM   144  C  CA  . ILE A 1 20  ? 4.896   7.510   -6.476  1.00 11.48 ? 20  ILE A CA  1 
ATOM   145  C  C   . ILE A 1 20  ? 4.144   8.691   -7.093  1.00 13.53 ? 20  ILE A C   1 
ATOM   146  O  O   . ILE A 1 20  ? 3.402   9.402   -6.400  1.00 11.62 ? 20  ILE A O   1 
ATOM   147  C  CB  . ILE A 1 20  ? 3.946   6.345   -6.170  1.00 5.89  ? 20  ILE A CB  1 
ATOM   148  C  CG1 . ILE A 1 20  ? 4.767   5.146   -5.677  1.00 9.44  ? 20  ILE A CG1 1 
ATOM   149  C  CG2 . ILE A 1 20  ? 3.146   5.983   -7.415  1.00 8.95  ? 20  ILE A CG2 1 
ATOM   150  C  CD1 . ILE A 1 20  ? 3.901   3.959   -5.201  1.00 6.60  ? 20  ILE A CD1 1 
ATOM   151  N  N   . GLU A 1 21  ? 4.330   8.933   -8.381  1.00 13.44 ? 21  GLU A N   1 
ATOM   152  C  CA  . GLU A 1 21  ? 3.649   10.037  -9.047  1.00 19.16 ? 21  GLU A CA  1 
ATOM   153  C  C   . GLU A 1 21  ? 2.766   9.429   -10.121 1.00 17.92 ? 21  GLU A C   1 
ATOM   154  O  O   . GLU A 1 21  ? 3.220   8.584   -10.901 1.00 21.33 ? 21  GLU A O   1 
ATOM   155  C  CB  . GLU A 1 21  ? 4.651   10.983  -9.699  1.00 24.07 ? 21  GLU A CB  1 
ATOM   156  C  CG  . GLU A 1 21  ? 5.706   11.557  -8.767  1.00 32.69 ? 21  GLU A CG  1 
ATOM   157  C  CD  . GLU A 1 21  ? 6.595   12.637  -9.376  1.00 38.61 ? 21  GLU A CD  1 
ATOM   158  O  OE1 . GLU A 1 21  ? 6.734   12.726  -10.598 1.00 42.44 ? 21  GLU A OE1 1 
ATOM   159  O  OE2 . GLU A 1 21  ? 7.153   13.415  -8.604  1.00 42.51 ? 21  GLU A OE2 1 
ATOM   160  N  N   . ILE A 1 22  ? 1.501   9.781   -10.171 1.00 16.00 ? 22  ILE A N   1 
ATOM   161  C  CA  . ILE A 1 22  ? 0.601   9.189   -11.137 1.00 15.05 ? 22  ILE A CA  1 
ATOM   162  C  C   . ILE A 1 22  ? 0.264   10.286  -12.134 1.00 18.63 ? 22  ILE A C   1 
ATOM   163  O  O   . ILE A 1 22  ? -0.239  11.347  -11.735 1.00 14.82 ? 22  ILE A O   1 
ATOM   164  C  CB  . ILE A 1 22  ? -0.640  8.690   -10.384 1.00 13.35 ? 22  ILE A CB  1 
ATOM   165  C  CG1 . ILE A 1 22  ? -0.230  7.646   -9.337  1.00 10.55 ? 22  ILE A CG1 1 
ATOM   166  C  CG2 . ILE A 1 22  ? -1.658  8.190   -11.401 1.00 12.91 ? 22  ILE A CG2 1 
ATOM   167  C  CD1 . ILE A 1 22  ? -1.407  7.023   -8.580  1.00 10.20 ? 22  ILE A CD1 1 
ATOM   168  N  N   . ASP A 1 23  ? 0.512   10.033  -13.415 1.00 19.26 ? 23  ASP A N   1 
ATOM   169  C  CA  . ASP A 1 23  ? 0.179   11.009  -14.429 1.00 22.37 ? 23  ASP A CA  1 
ATOM   170  C  C   . ASP A 1 23  ? -1.332  11.185  -14.534 1.00 22.23 ? 23  ASP A C   1 
ATOM   171  O  O   . ASP A 1 23  ? -2.100  10.208  -14.593 1.00 18.47 ? 23  ASP A O   1 
ATOM   172  C  CB  . ASP A 1 23  ? 0.735   10.591  -15.802 1.00 26.29 ? 23  ASP A CB  1 
ATOM   173  C  CG  . ASP A 1 23  ? 0.839   11.801  -16.733 1.00 30.05 ? 23  ASP A CG  1 
ATOM   174  O  OD1 . ASP A 1 23  ? -0.180  12.216  -17.289 1.00 30.63 ? 23  ASP A OD1 1 
ATOM   175  O  OD2 . ASP A 1 23  ? 1.935   12.347  -16.879 1.00 31.46 ? 23  ASP A OD2 1 
ATOM   176  N  N   . LYS A 1 24  ? -1.785  12.440  -14.587 1.00 22.86 ? 24  LYS A N   1 
ATOM   177  C  CA  . LYS A 1 24  ? -3.207  12.741  -14.715 1.00 24.90 ? 24  LYS A CA  1 
ATOM   178  C  C   . LYS A 1 24  ? -3.931  12.106  -15.889 1.00 20.62 ? 24  LYS A C   1 
ATOM   179  O  O   . LYS A 1 24  ? -5.150  11.949  -15.830 1.00 19.72 ? 24  LYS A O   1 
ATOM   180  C  CB  . LYS A 1 24  ? -3.473  14.250  -14.854 1.00 34.69 ? 24  LYS A CB  1 
ATOM   181  C  CG  . LYS A 1 24  ? -4.241  14.926  -13.710 1.00 45.22 ? 24  LYS A CG  1 
ATOM   182  C  CD  . LYS A 1 24  ? -5.527  14.227  -13.255 1.00 52.16 ? 24  LYS A CD  1 
ATOM   183  C  CE  . LYS A 1 24  ? -6.695  14.240  -14.233 1.00 55.91 ? 24  LYS A CE  1 
ATOM   184  N  NZ  . LYS A 1 24  ? -7.735  13.376  -13.695 1.00 61.41 ? 24  LYS A NZ  1 
ATOM   185  N  N   . SER A 1 25  ? -3.256  11.783  -16.996 1.00 17.01 ? 25  SER A N   1 
ATOM   186  C  CA  . SER A 1 25  ? -3.949  11.191  -18.130 1.00 14.33 ? 25  SER A CA  1 
ATOM   187  C  C   . SER A 1 25  ? -4.359  9.734   -17.919 1.00 13.42 ? 25  SER A C   1 
ATOM   188  O  O   . SER A 1 25  ? -5.177  9.207   -18.692 1.00 15.98 ? 25  SER A O   1 
ATOM   189  C  CB  . SER A 1 25  ? -3.043  11.320  -19.346 1.00 12.31 ? 25  SER A CB  1 
ATOM   190  O  OG  . SER A 1 25  ? -1.739  10.804  -19.105 1.00 15.57 ? 25  SER A OG  1 
ATOM   191  N  N   . CYS A 1 26  ? -3.811  9.019   -16.910 1.00 10.25 ? 26  CYS A N   1 
ATOM   192  C  CA  . CYS A 1 26  ? -4.190  7.626   -16.693 1.00 7.72  ? 26  CYS A CA  1 
ATOM   193  C  C   . CYS A 1 26  ? -5.615  7.592   -16.232 1.00 8.60  ? 26  CYS A C   1 
ATOM   194  O  O   . CYS A 1 26  ? -6.036  8.463   -15.460 1.00 13.27 ? 26  CYS A O   1 
ATOM   195  C  CB  . CYS A 1 26  ? -3.329  6.964   -15.631 1.00 4.47  ? 26  CYS A CB  1 
ATOM   196  S  SG  . CYS A 1 26  ? -1.585  6.995   -16.053 1.00 8.50  ? 26  CYS A SG  1 
ATOM   197  N  N   . LYS A 1 27  ? -6.394  6.662   -16.770 1.00 10.23 ? 27  LYS A N   1 
ATOM   198  C  CA  . LYS A 1 27  ? -7.769  6.508   -16.342 1.00 12.43 ? 27  LYS A CA  1 
ATOM   199  C  C   . LYS A 1 27  ? -7.735  5.572   -15.131 1.00 12.39 ? 27  LYS A C   1 
ATOM   200  O  O   . LYS A 1 27  ? -8.281  5.942   -14.082 1.00 12.58 ? 27  LYS A O   1 
ATOM   201  C  CB  . LYS A 1 27  ? -8.620  5.900   -17.438 1.00 17.86 ? 27  LYS A CB  1 
ATOM   202  C  CG  . LYS A 1 27  ? -8.704  6.823   -18.636 1.00 22.06 ? 27  LYS A CG  1 
ATOM   203  C  CD  . LYS A 1 27  ? -9.884  6.433   -19.512 1.00 29.50 ? 27  LYS A CD  1 
ATOM   204  C  CE  . LYS A 1 27  ? -10.165 7.562   -20.499 1.00 35.40 ? 27  LYS A CE  1 
ATOM   205  N  NZ  . LYS A 1 27  ? -10.407 8.829   -19.808 1.00 40.70 ? 27  LYS A NZ  1 
ATOM   206  N  N   . THR A 1 28  ? -7.163  4.366   -15.245 1.00 8.69  ? 28  THR A N   1 
ATOM   207  C  CA  . THR A 1 28  ? -6.875  3.578   -14.070 1.00 5.28  ? 28  THR A CA  1 
ATOM   208  C  C   . THR A 1 28  ? -5.375  3.354   -14.003 1.00 5.80  ? 28  THR A C   1 
ATOM   209  O  O   . THR A 1 28  ? -4.665  3.540   -15.004 1.00 4.28  ? 28  THR A O   1 
ATOM   210  C  CB  . THR A 1 28  ? -7.666  2.268   -14.105 1.00 6.69  ? 28  THR A CB  1 
ATOM   211  O  OG1 . THR A 1 28  ? -7.766  1.814   -15.438 1.00 13.88 ? 28  THR A OG1 1 
ATOM   212  C  CG2 . THR A 1 28  ? -9.079  2.479   -13.572 1.00 6.91  ? 28  THR A CG2 1 
ATOM   213  N  N   . PHE A 1 29  ? -4.864  3.040   -12.795 1.00 2.82  ? 29  PHE A N   1 
ATOM   214  C  CA  . PHE A 1 29  ? -3.458  2.883   -12.528 1.00 2.50  ? 29  PHE A CA  1 
ATOM   215  C  C   . PHE A 1 29  ? -3.239  1.575   -11.775 1.00 4.89  ? 29  PHE A C   1 
ATOM   216  O  O   . PHE A 1 29  ? -4.081  1.224   -10.922 1.00 4.38  ? 29  PHE A O   1 
ATOM   217  C  CB  . PHE A 1 29  ? -3.058  4.100   -11.716 1.00 2.50  ? 29  PHE A CB  1 
ATOM   218  C  CG  . PHE A 1 29  ? -1.572  4.232   -11.463 1.00 2.50  ? 29  PHE A CG  1 
ATOM   219  C  CD1 . PHE A 1 29  ? -0.788  4.883   -12.397 1.00 2.50  ? 29  PHE A CD1 1 
ATOM   220  C  CD2 . PHE A 1 29  ? -1.007  3.714   -10.308 1.00 2.50  ? 29  PHE A CD2 1 
ATOM   221  C  CE1 . PHE A 1 29  ? 0.571   5.010   -12.162 1.00 4.24  ? 29  PHE A CE1 1 
ATOM   222  C  CE2 . PHE A 1 29  ? 0.348   3.847   -10.090 1.00 2.50  ? 29  PHE A CE2 1 
ATOM   223  C  CZ  . PHE A 1 29  ? 1.139   4.494   -11.016 1.00 4.46  ? 29  PHE A CZ  1 
ATOM   224  N  N   . THR A 1 30  ? -2.146  0.870   -12.052 1.00 4.19  ? 30  THR A N   1 
ATOM   225  C  CA  . THR A 1 30  ? -1.828  -0.383  -11.360 1.00 6.63  ? 30  THR A CA  1 
ATOM   226  C  C   . THR A 1 30  ? -0.551  -0.292  -10.518 1.00 6.73  ? 30  THR A C   1 
ATOM   227  O  O   . THR A 1 30  ? 0.485   0.235   -10.955 1.00 5.45  ? 30  THR A O   1 
ATOM   228  C  CB  . THR A 1 30  ? -1.659  -1.517  -12.375 1.00 6.88  ? 30  THR A CB  1 
ATOM   229  O  OG1 . THR A 1 30  ? -2.940  -1.666  -12.962 1.00 6.79  ? 30  THR A OG1 1 
ATOM   230  C  CG2 . THR A 1 30  ? -1.229  -2.873  -11.792 1.00 7.94  ? 30  THR A CG2 1 
ATOM   231  N  N   . VAL A 1 31  ? -0.614  -0.792  -9.284  1.00 3.20  ? 31  VAL A N   1 
ATOM   232  C  CA  . VAL A 1 31  ? 0.594   -0.919  -8.479  1.00 2.57  ? 31  VAL A CA  1 
ATOM   233  C  C   . VAL A 1 31  ? 0.764   -2.432  -8.363  1.00 2.50  ? 31  VAL A C   1 
ATOM   234  O  O   . VAL A 1 31  ? -0.208  -3.143  -8.082  1.00 3.74  ? 31  VAL A O   1 
ATOM   235  C  CB  . VAL A 1 31  ? 0.428   -0.265  -7.073  1.00 5.56  ? 31  VAL A CB  1 
ATOM   236  C  CG1 . VAL A 1 31  ? 1.666   -0.530  -6.198  1.00 5.45  ? 31  VAL A CG1 1 
ATOM   237  C  CG2 . VAL A 1 31  ? 0.260   1.246   -7.245  1.00 5.04  ? 31  VAL A CG2 1 
ATOM   238  N  N   . GLU A 1 32  ? 1.949   -2.933  -8.665  1.00 3.39  ? 32  GLU A N   1 
ATOM   239  C  CA  . GLU A 1 32  ? 2.286   -4.351  -8.567  1.00 5.01  ? 32  GLU A CA  1 
ATOM   240  C  C   . GLU A 1 32  ? 3.255   -4.459  -7.393  1.00 5.59  ? 32  GLU A C   1 
ATOM   241  O  O   . GLU A 1 32  ? 4.263   -3.730  -7.350  1.00 7.92  ? 32  GLU A O   1 
ATOM   242  C  CB  . GLU A 1 32  ? 2.984   -4.837  -9.829  1.00 6.28  ? 32  GLU A CB  1 
ATOM   243  C  CG  . GLU A 1 32  ? 3.376   -6.325  -9.787  1.00 15.30 ? 32  GLU A CG  1 
ATOM   244  C  CD  . GLU A 1 32  ? 4.143   -6.794  -11.022 1.00 24.63 ? 32  GLU A CD  1 
ATOM   245  O  OE1 . GLU A 1 32  ? 3.635   -6.638  -12.135 1.00 27.53 ? 32  GLU A OE1 1 
ATOM   246  O  OE2 . GLU A 1 32  ? 5.245   -7.331  -10.875 1.00 27.91 ? 32  GLU A OE2 1 
ATOM   247  N  N   . LEU A 1 33  ? 3.021   -5.346  -6.433  1.00 7.15  ? 33  LEU A N   1 
ATOM   248  C  CA  . LEU A 1 33  ? 3.899   -5.437  -5.267  1.00 5.38  ? 33  LEU A CA  1 
ATOM   249  C  C   . LEU A 1 33  ? 4.588   -6.793  -5.245  1.00 4.40  ? 33  LEU A C   1 
ATOM   250  O  O   . LEU A 1 33  ? 3.938   -7.839  -5.362  1.00 2.50  ? 33  LEU A O   1 
ATOM   251  C  CB  . LEU A 1 33  ? 3.061   -5.225  -3.992  1.00 5.76  ? 33  LEU A CB  1 
ATOM   252  C  CG  . LEU A 1 33  ? 3.731   -5.299  -2.619  1.00 6.83  ? 33  LEU A CG  1 
ATOM   253  C  CD1 . LEU A 1 33  ? 4.752   -4.189  -2.476  1.00 5.73  ? 33  LEU A CD1 1 
ATOM   254  C  CD2 . LEU A 1 33  ? 2.657   -5.199  -1.542  1.00 5.96  ? 33  LEU A CD2 1 
ATOM   255  N  N   . THR A 1 34  ? 5.918   -6.780  -5.089  1.00 5.20  ? 34  THR A N   1 
ATOM   256  C  CA  . THR A 1 34  ? 6.676   -8.014  -5.053  1.00 8.26  ? 34  THR A CA  1 
ATOM   257  C  C   . THR A 1 34  ? 7.362   -8.093  -3.692  1.00 8.27  ? 34  THR A C   1 
ATOM   258  O  O   . THR A 1 34  ? 7.415   -7.090  -2.954  1.00 6.42  ? 34  THR A O   1 
ATOM   259  C  CB  . THR A 1 34  ? 7.738   -8.034  -6.202  1.00 6.68  ? 34  THR A CB  1 
ATOM   260  O  OG1 . THR A 1 34  ? 8.597   -6.904  -6.018  1.00 2.88  ? 34  THR A OG1 1 
ATOM   261  C  CG2 . THR A 1 34  ? 7.070   -8.026  -7.582  1.00 4.06  ? 34  THR A CG2 1 
ATOM   262  N  N   . HIS A 1 35  ? 7.952   -9.238  -3.378  1.00 5.37  ? 35  HIS A N   1 
ATOM   263  C  CA  . HIS A 1 35  ? 8.608   -9.371  -2.107  1.00 6.27  ? 35  HIS A CA  1 
ATOM   264  C  C   . HIS A 1 35  ? 9.788   -10.284 -2.272  1.00 5.08  ? 35  HIS A C   1 
ATOM   265  O  O   . HIS A 1 35  ? 9.634   -11.502 -2.178  1.00 3.93  ? 35  HIS A O   1 
ATOM   266  C  CB  . HIS A 1 35  ? 7.613   -9.939  -1.060  1.00 6.74  ? 35  HIS A CB  1 
ATOM   267  C  CG  . HIS A 1 35  ? 8.152   -10.064 0.374   1.00 7.09  ? 35  HIS A CG  1 
ATOM   268  N  ND1 . HIS A 1 35  ? 9.399   -10.188 0.826   1.00 5.60  ? 35  HIS A ND1 1 
ATOM   269  C  CD2 . HIS A 1 35  ? 7.323   -10.100 1.469   1.00 5.00  ? 35  HIS A CD2 1 
ATOM   270  C  CE1 . HIS A 1 35  ? 9.361   -10.303 2.122   1.00 5.70  ? 35  HIS A CE1 1 
ATOM   271  N  NE2 . HIS A 1 35  ? 8.114   -10.249 2.496   1.00 6.57  ? 35  HIS A NE2 1 
ATOM   272  N  N   . SER A 1 36  ? 10.959  -9.704  -2.408  1.00 2.50  ? 36  SER A N   1 
ATOM   273  C  CA  . SER A 1 36  ? 12.155  -10.473 -2.502  1.00 5.14  ? 36  SER A CA  1 
ATOM   274  C  C   . SER A 1 36  ? 12.469  -11.002 -1.109  1.00 10.05 ? 36  SER A C   1 
ATOM   275  O  O   . SER A 1 36  ? 11.977  -10.432 -0.105  1.00 10.40 ? 36  SER A O   1 
ATOM   276  C  CB  . SER A 1 36  ? 13.287  -9.592  -2.974  1.00 5.68  ? 36  SER A CB  1 
ATOM   277  O  OG  . SER A 1 36  ? 13.458  -8.422  -2.173  1.00 8.86  ? 36  SER A OG  1 
ATOM   278  N  N   . GLY A 1 37  ? 13.270  -12.064 -0.991  1.00 7.92  ? 37  GLY A N   1 
ATOM   279  C  CA  . GLY A 1 37  ? 13.681  -12.555 0.313   1.00 7.74  ? 37  GLY A CA  1 
ATOM   280  C  C   . GLY A 1 37  ? 13.350  -14.025 0.505   1.00 9.53  ? 37  GLY A C   1 
ATOM   281  O  O   . GLY A 1 37  ? 13.144  -14.751 -0.472  1.00 4.06  ? 37  GLY A O   1 
ATOM   282  N  N   . SER A 1 38  ? 13.332  -14.476 1.770   1.00 9.53  ? 38  SER A N   1 
ATOM   283  C  CA  . SER A 1 38  ? 12.949  -15.841 2.125   1.00 9.42  ? 38  SER A CA  1 
ATOM   284  C  C   . SER A 1 38  ? 11.947  -15.956 3.268   1.00 10.01 ? 38  SER A C   1 
ATOM   285  O  O   . SER A 1 38  ? 11.497  -17.059 3.580   1.00 9.26  ? 38  SER A O   1 
ATOM   286  C  CB  . SER A 1 38  ? 14.228  -16.588 2.471   1.00 12.73 ? 38  SER A CB  1 
ATOM   287  O  OG  . SER A 1 38  ? 15.031  -15.743 3.294   1.00 19.49 ? 38  SER A OG  1 
ATOM   288  N  N   . LEU A 1 39  ? 11.582  -14.863 3.949   1.00 7.21  ? 39  LEU A N   1 
ATOM   289  C  CA  . LEU A 1 39  ? 10.681  -14.926 5.095   1.00 4.64  ? 39  LEU A CA  1 
ATOM   290  C  C   . LEU A 1 39  ? 9.182   -15.015 4.792   1.00 6.10  ? 39  LEU A C   1 
ATOM   291  O  O   . LEU A 1 39  ? 8.674   -14.301 3.902   1.00 8.31  ? 39  LEU A O   1 
ATOM   292  C  CB  . LEU A 1 39  ? 10.954  -13.713 5.975   1.00 2.50  ? 39  LEU A CB  1 
ATOM   293  C  CG  . LEU A 1 39  ? 12.348  -13.687 6.634   1.00 8.36  ? 39  LEU A CG  1 
ATOM   294  C  CD1 . LEU A 1 39  ? 12.525  -12.390 7.425   1.00 8.03  ? 39  LEU A CD1 1 
ATOM   295  C  CD2 . LEU A 1 39  ? 12.503  -14.903 7.560   1.00 4.39  ? 39  LEU A CD2 1 
ATOM   296  N  N   . PRO A 1 40  ? 8.430   -15.861 5.536   1.00 8.57  ? 40  PRO A N   1 
ATOM   297  C  CA  . PRO A 1 40  ? 7.004   -16.053 5.332   1.00 5.34  ? 40  PRO A CA  1 
ATOM   298  C  C   . PRO A 1 40  ? 6.178   -14.849 5.753   1.00 8.33  ? 40  PRO A C   1 
ATOM   299  O  O   . PRO A 1 40  ? 6.592   -13.981 6.550   1.00 10.51 ? 40  PRO A O   1 
ATOM   300  C  CB  . PRO A 1 40  ? 6.683   -17.328 6.100   1.00 5.48  ? 40  PRO A CB  1 
ATOM   301  C  CG  . PRO A 1 40  ? 7.689   -17.263 7.195   1.00 6.00  ? 40  PRO A CG  1 
ATOM   302  C  CD  . PRO A 1 40  ? 8.956   -16.793 6.543   1.00 2.80  ? 40  PRO A CD  1 
ATOM   303  N  N   . LYS A 1 41  ? 4.947   -14.808 5.243   1.00 7.45  ? 41  LYS A N   1 
ATOM   304  C  CA  . LYS A 1 41  ? 4.126   -13.642 5.446   1.00 9.19  ? 41  LYS A CA  1 
ATOM   305  C  C   . LYS A 1 41  ? 3.743   -13.423 6.894   1.00 12.06 ? 41  LYS A C   1 
ATOM   306  O  O   . LYS A 1 41  ? 3.505   -12.270 7.280   1.00 10.28 ? 41  LYS A O   1 
ATOM   307  C  CB  . LYS A 1 41  ? 2.877   -13.733 4.572   1.00 9.20  ? 41  LYS A CB  1 
ATOM   308  C  CG  . LYS A 1 41  ? 1.849   -14.803 4.839   1.00 15.17 ? 41  LYS A CG  1 
ATOM   309  C  CD  . LYS A 1 41  ? 0.797   -14.544 3.786   1.00 20.77 ? 41  LYS A CD  1 
ATOM   310  C  CE  . LYS A 1 41  ? -0.437  -15.362 4.041   1.00 28.34 ? 41  LYS A CE  1 
ATOM   311  N  NZ  . LYS A 1 41  ? -1.426  -15.138 3.000   1.00 35.79 ? 41  LYS A NZ  1 
ATOM   312  N  N   . ASN A 1 42  ? 3.771   -14.434 7.770   1.00 9.19  ? 42  ASN A N   1 
ATOM   313  C  CA  . ASN A 1 42  ? 3.349   -14.142 9.144   1.00 11.33 ? 42  ASN A CA  1 
ATOM   314  C  C   . ASN A 1 42  ? 4.521   -13.667 9.991   1.00 8.40  ? 42  ASN A C   1 
ATOM   315  O  O   . ASN A 1 42  ? 4.362   -13.299 11.158  1.00 11.04 ? 42  ASN A O   1 
ATOM   316  C  CB  . ASN A 1 42  ? 2.661   -15.397 9.762   1.00 13.12 ? 42  ASN A CB  1 
ATOM   317  C  CG  . ASN A 1 42  ? 3.566   -16.586 9.984   1.00 13.49 ? 42  ASN A CG  1 
ATOM   318  O  OD1 . ASN A 1 42  ? 4.672   -16.664 9.442   1.00 17.47 ? 42  ASN A OD1 1 
ATOM   319  N  ND2 . ASN A 1 42  ? 3.126   -17.550 10.763  1.00 13.80 ? 42  ASN A ND2 1 
ATOM   320  N  N   . VAL A 1 43  ? 5.722   -13.633 9.409   1.00 6.06  ? 43  VAL A N   1 
ATOM   321  C  CA  . VAL A 1 43  ? 6.900   -13.112 10.090  1.00 7.48  ? 43  VAL A CA  1 
ATOM   322  C  C   . VAL A 1 43  ? 7.228   -11.729 9.491   1.00 10.15 ? 43  VAL A C   1 
ATOM   323  O  O   . VAL A 1 43  ? 7.584   -10.780 10.224  1.00 6.53  ? 43  VAL A O   1 
ATOM   324  C  CB  . VAL A 1 43  ? 8.072   -14.105 9.891   1.00 11.75 ? 43  VAL A CB  1 
ATOM   325  C  CG1 . VAL A 1 43  ? 9.355   -13.539 10.455  1.00 12.39 ? 43  VAL A CG1 1 
ATOM   326  C  CG2 . VAL A 1 43  ? 7.764   -15.411 10.613  1.00 12.77 ? 43  VAL A CG2 1 
ATOM   327  N  N   . MET A 1 44  ? 7.105   -11.563 8.160   1.00 7.45  ? 44  MET A N   1 
ATOM   328  C  CA  . MET A 1 44  ? 7.502   -10.316 7.520   1.00 9.84  ? 44  MET A CA  1 
ATOM   329  C  C   . MET A 1 44  ? 6.648   -10.090 6.269   1.00 7.91  ? 44  MET A C   1 
ATOM   330  O  O   . MET A 1 44  ? 7.141   -9.931  5.143   1.00 9.61  ? 44  MET A O   1 
ATOM   331  C  CB  . MET A 1 44  ? 9.014   -10.464 7.231   1.00 9.07  ? 44  MET A CB  1 
ATOM   332  C  CG  . MET A 1 44  ? 9.808   -9.299  6.651   1.00 10.86 ? 44  MET A CG  1 
ATOM   333  S  SD  . MET A 1 44  ? 9.686   -7.759  7.586   1.00 11.66 ? 44  MET A SD  1 
ATOM   334  C  CE  . MET A 1 44  ? 10.811  -7.976  8.943   1.00 12.44 ? 44  MET A CE  1 
ATOM   335  N  N   . GLY A 1 45  ? 5.340   -10.170 6.453   1.00 3.86  ? 45  GLY A N   1 
ATOM   336  C  CA  . GLY A 1 45  ? 4.406   -9.972  5.355   1.00 5.85  ? 45  GLY A CA  1 
ATOM   337  C  C   . GLY A 1 45  ? 4.250   -8.481  5.097   1.00 7.52  ? 45  GLY A C   1 
ATOM   338  O  O   . GLY A 1 45  ? 4.486   -7.643  5.993   1.00 6.09  ? 45  GLY A O   1 
ATOM   339  N  N   . HIS A 1 46  ? 3.892   -8.127  3.858   1.00 4.62  ? 46  HIS A N   1 
ATOM   340  C  CA  . HIS A 1 46  ? 3.704   -6.722  3.491   1.00 5.29  ? 46  HIS A CA  1 
ATOM   341  C  C   . HIS A 1 46  ? 2.505   -6.532  2.566   1.00 4.43  ? 46  HIS A C   1 
ATOM   342  O  O   . HIS A 1 46  ? 2.171   -7.444  1.805   1.00 4.96  ? 46  HIS A O   1 
ATOM   343  C  CB  . HIS A 1 46  ? 4.942   -6.174  2.778   1.00 3.06  ? 46  HIS A CB  1 
ATOM   344  C  CG  . HIS A 1 46  ? 6.286   -6.342  3.490   1.00 2.50  ? 46  HIS A CG  1 
ATOM   345  N  ND1 . HIS A 1 46  ? 6.525   -5.773  4.656   1.00 2.50  ? 46  HIS A ND1 1 
ATOM   346  C  CD2 . HIS A 1 46  ? 7.373   -7.000  2.983   1.00 2.50  ? 46  HIS A CD2 1 
ATOM   347  C  CE1 . HIS A 1 46  ? 7.796   -6.080  4.879   1.00 2.50  ? 46  HIS A CE1 1 
ATOM   348  N  NE2 . HIS A 1 46  ? 8.288   -6.798  3.897   1.00 3.83  ? 46  HIS A NE2 1 
ATOM   349  N  N   . ASN A 1 47  ? 1.773   -5.418  2.692   1.00 5.16  ? 47  ASN A N   1 
ATOM   350  C  CA  . ASN A 1 47  ? 0.724   -5.087  1.747   1.00 3.14  ? 47  ASN A CA  1 
ATOM   351  C  C   . ASN A 1 47  ? 1.044   -3.649  1.329   1.00 3.35  ? 47  ASN A C   1 
ATOM   352  O  O   . ASN A 1 47  ? 2.074   -3.126  1.782   1.00 2.50  ? 47  ASN A O   1 
ATOM   353  C  CB  . ASN A 1 47  ? -0.696  -5.182  2.379   1.00 2.50  ? 47  ASN A CB  1 
ATOM   354  C  CG  . ASN A 1 47  ? -0.983  -4.335  3.618   1.00 4.71  ? 47  ASN A CG  1 
ATOM   355  O  OD1 . ASN A 1 47  ? -0.154  -3.540  4.062   1.00 5.99  ? 47  ASN A OD1 1 
ATOM   356  N  ND2 . ASN A 1 47  ? -2.151  -4.490  4.228   1.00 2.50  ? 47  ASN A ND2 1 
ATOM   357  N  N   . TRP A 1 48  ? 0.260   -3.033  0.431   1.00 4.61  ? 48  TRP A N   1 
ATOM   358  C  CA  . TRP A 1 48  ? 0.424   -1.620  0.025   1.00 4.40  ? 48  TRP A CA  1 
ATOM   359  C  C   . TRP A 1 48  ? -0.978  -1.074  0.152   1.00 2.87  ? 48  TRP A C   1 
ATOM   360  O  O   . TRP A 1 48  ? -1.930  -1.670  -0.370  1.00 4.75  ? 48  TRP A O   1 
ATOM   361  C  CB  . TRP A 1 48  ? 0.923   -1.526  -1.441  1.00 4.60  ? 48  TRP A CB  1 
ATOM   362  C  CG  . TRP A 1 48  ? 1.140   -0.135  -2.043  1.00 2.50  ? 48  TRP A CG  1 
ATOM   363  C  CD1 . TRP A 1 48  ? 2.361   0.485   -1.987  1.00 5.54  ? 48  TRP A CD1 1 
ATOM   364  C  CD2 . TRP A 1 48  ? 0.200   0.608   -2.717  1.00 2.50  ? 48  TRP A CD2 1 
ATOM   365  N  NE1 . TRP A 1 48  ? 2.198   1.630   -2.639  1.00 5.37  ? 48  TRP A NE1 1 
ATOM   366  C  CE2 . TRP A 1 48  ? 0.935   1.731   -3.087  1.00 5.63  ? 48  TRP A CE2 1 
ATOM   367  C  CE3 . TRP A 1 48  ? -1.130  0.485   -3.073  1.00 3.99  ? 48  TRP A CE3 1 
ATOM   368  C  CZ2 . TRP A 1 48  ? 0.343   2.754   -3.813  1.00 5.45  ? 48  TRP A CZ2 1 
ATOM   369  C  CZ3 . TRP A 1 48  ? -1.722  1.503   -3.798  1.00 5.44  ? 48  TRP A CZ3 1 
ATOM   370  C  CH2 . TRP A 1 48  ? -0.989  2.626   -4.165  1.00 2.50  ? 48  TRP A CH2 1 
ATOM   371  N  N   . VAL A 1 49  ? -1.153  0.039   0.866   1.00 3.12  ? 49  VAL A N   1 
ATOM   372  C  CA  . VAL A 1 49  ? -2.480  0.574   1.144   1.00 2.50  ? 49  VAL A CA  1 
ATOM   373  C  C   . VAL A 1 49  ? -2.441  2.067   0.785   1.00 4.26  ? 49  VAL A C   1 
ATOM   374  O  O   . VAL A 1 49  ? -1.450  2.738   1.070   1.00 5.81  ? 49  VAL A O   1 
ATOM   375  C  CB  . VAL A 1 49  ? -2.815  0.377   2.671   1.00 5.28  ? 49  VAL A CB  1 
ATOM   376  C  CG1 . VAL A 1 49  ? -4.247  0.856   2.926   1.00 2.83  ? 49  VAL A CG1 1 
ATOM   377  C  CG2 . VAL A 1 49  ? -2.635  -1.094  3.093   1.00 2.50  ? 49  VAL A CG2 1 
ATOM   378  N  N   . LEU A 1 50  ? -3.481  2.599   0.158   1.00 4.17  ? 50  LEU A N   1 
ATOM   379  C  CA  . LEU A 1 50  ? -3.530  3.994   -0.244  1.00 4.75  ? 50  LEU A CA  1 
ATOM   380  C  C   . LEU A 1 50  ? -4.631  4.748   0.494   1.00 2.50  ? 50  LEU A C   1 
ATOM   381  O  O   . LEU A 1 50  ? -5.763  4.270   0.446   1.00 2.50  ? 50  LEU A O   1 
ATOM   382  C  CB  . LEU A 1 50  ? -3.838  4.092   -1.739  1.00 6.01  ? 50  LEU A CB  1 
ATOM   383  C  CG  . LEU A 1 50  ? -4.043  5.456   -2.377  1.00 2.50  ? 50  LEU A CG  1 
ATOM   384  C  CD1 . LEU A 1 50  ? -2.724  6.189   -2.382  1.00 3.62  ? 50  LEU A CD1 1 
ATOM   385  C  CD2 . LEU A 1 50  ? -4.573  5.278   -3.790  1.00 6.64  ? 50  LEU A CD2 1 
ATOM   386  N  N   . SER A 1 51  ? -4.395  5.944   1.038   1.00 4.19  ? 51  SER A N   1 
ATOM   387  C  CA  . SER A 1 51  ? -5.445  6.734   1.692   1.00 5.16  ? 51  SER A CA  1 
ATOM   388  C  C   . SER A 1 51  ? -5.018  8.196   1.753   1.00 3.70  ? 51  SER A C   1 
ATOM   389  O  O   . SER A 1 51  ? -3.901  8.539   1.325   1.00 4.60  ? 51  SER A O   1 
ATOM   390  C  CB  . SER A 1 51  ? -5.683  6.232   3.131   1.00 2.50  ? 51  SER A CB  1 
ATOM   391  O  OG  . SER A 1 51  ? -4.569  6.494   3.990   1.00 3.65  ? 51  SER A OG  1 
ATOM   392  N  N   . SER A 1 52  ? -5.846  9.123   2.248   1.00 6.33  ? 52  SER A N   1 
ATOM   393  C  CA  . SER A 1 52  ? -5.341  10.479  2.451   1.00 7.97  ? 52  SER A CA  1 
ATOM   394  C  C   . SER A 1 52  ? -4.322  10.411  3.590   1.00 9.57  ? 52  SER A C   1 
ATOM   395  O  O   . SER A 1 52  ? -4.452  9.554   4.487   1.00 10.85 ? 52  SER A O   1 
ATOM   396  C  CB  . SER A 1 52  ? -6.491  11.394  2.819   1.00 11.54 ? 52  SER A CB  1 
ATOM   397  O  OG  . SER A 1 52  ? -7.104  11.055  4.063   1.00 14.19 ? 52  SER A OG  1 
ATOM   398  N  N   . ALA A 1 53  ? -3.292  11.254  3.629   1.00 7.05  ? 53  ALA A N   1 
ATOM   399  C  CA  . ALA A 1 53  ? -2.346  11.227  4.727   1.00 10.67 ? 53  ALA A CA  1 
ATOM   400  C  C   . ALA A 1 53  ? -3.060  11.397  6.081   1.00 13.73 ? 53  ALA A C   1 
ATOM   401  O  O   . ALA A 1 53  ? -2.685  10.755  7.078   1.00 13.24 ? 53  ALA A O   1 
ATOM   402  C  CB  . ALA A 1 53  ? -1.316  12.349  4.570   1.00 10.00 ? 53  ALA A CB  1 
ATOM   403  N  N   . ALA A 1 54  ? -4.138  12.206  6.125   1.00 12.21 ? 54  ALA A N   1 
ATOM   404  C  CA  . ALA A 1 54  ? -4.882  12.430  7.355   1.00 12.82 ? 54  ALA A CA  1 
ATOM   405  C  C   . ALA A 1 54  ? -5.536  11.159  7.871   1.00 11.97 ? 54  ALA A C   1 
ATOM   406  O  O   . ALA A 1 54  ? -5.629  11.013  9.085   1.00 10.76 ? 54  ALA A O   1 
ATOM   407  C  CB  . ALA A 1 54  ? -5.971  13.489  7.139   1.00 10.35 ? 54  ALA A CB  1 
ATOM   408  N  N   . ASP A 1 55  ? -5.934  10.188  7.037   1.00 10.82 ? 55  ASP A N   1 
ATOM   409  C  CA  . ASP A 1 55  ? -6.602  8.992   7.534   1.00 7.67  ? 55  ASP A CA  1 
ATOM   410  C  C   . ASP A 1 55  ? -5.666  7.842   7.852   1.00 7.86  ? 55  ASP A C   1 
ATOM   411  O  O   . ASP A 1 55  ? -6.091  6.874   8.488   1.00 6.24  ? 55  ASP A O   1 
ATOM   412  C  CB  . ASP A 1 55  ? -7.636  8.462   6.529   1.00 3.63  ? 55  ASP A CB  1 
ATOM   413  C  CG  . ASP A 1 55  ? -8.932  9.249   6.386   1.00 11.79 ? 55  ASP A CG  1 
ATOM   414  O  OD1 . ASP A 1 55  ? -9.339  9.954   7.319   1.00 11.99 ? 55  ASP A OD1 1 
ATOM   415  O  OD2 . ASP A 1 55  ? -9.546  9.145   5.324   1.00 9.69  ? 55  ASP A OD2 1 
ATOM   416  N  N   . MET A 1 56  ? -4.413  7.928   7.407   1.00 6.09  ? 56  MET A N   1 
ATOM   417  C  CA  . MET A 1 56  ? -3.427  6.872   7.570   1.00 10.55 ? 56  MET A CA  1 
ATOM   418  C  C   . MET A 1 56  ? -3.266  6.341   9.009   1.00 10.79 ? 56  MET A C   1 
ATOM   419  O  O   . MET A 1 56  ? -3.311  5.113   9.179   1.00 5.53  ? 56  MET A O   1 
ATOM   420  C  CB  . MET A 1 56  ? -2.063  7.380   6.997   1.00 11.31 ? 56  MET A CB  1 
ATOM   421  C  CG  . MET A 1 56  ? -0.865  6.464   7.255   1.00 9.35  ? 56  MET A CG  1 
ATOM   422  S  SD  . MET A 1 56  ? 0.673   6.891   6.407   1.00 11.58 ? 56  MET A SD  1 
ATOM   423  C  CE  . MET A 1 56  ? 1.291   8.147   7.470   1.00 12.63 ? 56  MET A CE  1 
ATOM   424  N  N   . PRO A 1 57  ? -3.127  7.156   10.079  1.00 12.45 ? 57  PRO A N   1 
ATOM   425  C  CA  . PRO A 1 57  ? -3.035  6.660   11.454  1.00 10.11 ? 57  PRO A CA  1 
ATOM   426  C  C   . PRO A 1 57  ? -4.220  5.796   11.861  1.00 6.43  ? 57  PRO A C   1 
ATOM   427  O  O   . PRO A 1 57  ? -4.037  4.680   12.369  1.00 8.06  ? 57  PRO A O   1 
ATOM   428  C  CB  . PRO A 1 57  ? -2.877  7.926   12.282  1.00 11.75 ? 57  PRO A CB  1 
ATOM   429  C  CG  . PRO A 1 57  ? -2.104  8.845   11.366  1.00 13.81 ? 57  PRO A CG  1 
ATOM   430  C  CD  . PRO A 1 57  ? -2.858  8.602   10.052  1.00 12.78 ? 57  PRO A CD  1 
ATOM   431  N  N   . GLY A 1 58  ? -5.432  6.278   11.589  1.00 6.11  ? 58  GLY A N   1 
ATOM   432  C  CA  . GLY A 1 58  ? -6.650  5.553   11.924  1.00 5.84  ? 58  GLY A CA  1 
ATOM   433  C  C   . GLY A 1 58  ? -6.776  4.190   11.245  1.00 10.06 ? 58  GLY A C   1 
ATOM   434  O  O   . GLY A 1 58  ? -7.274  3.231   11.843  1.00 9.51  ? 58  GLY A O   1 
ATOM   435  N  N   . ILE A 1 59  ? -6.386  4.074   9.968   1.00 4.99  ? 59  ILE A N   1 
ATOM   436  C  CA  . ILE A 1 59  ? -6.468  2.816   9.228   1.00 3.77  ? 59  ILE A CA  1 
ATOM   437  C  C   . ILE A 1 59  ? -5.462  1.835   9.798   1.00 2.94  ? 59  ILE A C   1 
ATOM   438  O  O   . ILE A 1 59  ? -5.809  0.664   9.993   1.00 4.80  ? 59  ILE A O   1 
ATOM   439  C  CB  . ILE A 1 59  ? -6.161  3.029   7.715   1.00 2.50  ? 59  ILE A CB  1 
ATOM   440  C  CG1 . ILE A 1 59  ? -7.265  3.855   7.077   1.00 3.75  ? 59  ILE A CG1 1 
ATOM   441  C  CG2 . ILE A 1 59  ? -6.047  1.685   6.999   1.00 4.32  ? 59  ILE A CG2 1 
ATOM   442  C  CD1 . ILE A 1 59  ? -6.744  4.547   5.820   1.00 2.85  ? 59  ILE A CD1 1 
ATOM   443  N  N   . ALA A 1 60  ? -4.232  2.306   10.029  1.00 4.95  ? 60  ALA A N   1 
ATOM   444  C  CA  . ALA A 1 60  ? -3.177  1.486   10.571  1.00 6.27  ? 60  ALA A CA  1 
ATOM   445  C  C   . ALA A 1 60  ? -3.472  0.970   11.995  1.00 10.02 ? 60  ALA A C   1 
ATOM   446  O  O   . ALA A 1 60  ? -3.376  -0.252  12.241  1.00 9.63  ? 60  ALA A O   1 
ATOM   447  C  CB  . ALA A 1 60  ? -1.888  2.299   10.553  1.00 2.50  ? 60  ALA A CB  1 
ATOM   448  N  N   . SER A 1 61  ? -3.892  1.834   12.931  1.00 9.57  ? 61  SER A N   1 
ATOM   449  C  CA  . SER A 1 61  ? -4.248  1.383   14.269  1.00 12.66 ? 61  SER A CA  1 
ATOM   450  C  C   . SER A 1 61  ? -5.391  0.365   14.221  1.00 10.92 ? 61  SER A C   1 
ATOM   451  O  O   . SER A 1 61  ? -5.258  -0.732  14.791  1.00 13.76 ? 61  SER A O   1 
ATOM   452  C  CB  . SER A 1 61  ? -4.624  2.613   15.112  1.00 10.60 ? 61  SER A CB  1 
ATOM   453  O  OG  . SER A 1 61  ? -5.649  3.377   14.503  1.00 23.92 ? 61  SER A OG  1 
ATOM   454  N  N   . ASP A 1 62  ? -6.517  0.618   13.533  1.00 11.82 ? 62  ASP A N   1 
ATOM   455  C  CA  . ASP A 1 62  ? -7.549  -0.414  13.383  1.00 12.82 ? 62  ASP A CA  1 
ATOM   456  C  C   . ASP A 1 62  ? -7.150  -1.675  12.624  1.00 12.82 ? 62  ASP A C   1 
ATOM   457  O  O   . ASP A 1 62  ? -7.605  -2.785  12.937  1.00 12.69 ? 62  ASP A O   1 
ATOM   458  C  CB  . ASP A 1 62  ? -8.795  0.131   12.677  1.00 14.33 ? 62  ASP A CB  1 
ATOM   459  C  CG  . ASP A 1 62  ? -9.584  1.153   13.495  1.00 21.79 ? 62  ASP A CG  1 
ATOM   460  O  OD1 . ASP A 1 62  ? -9.615  1.064   14.731  1.00 21.12 ? 62  ASP A OD1 1 
ATOM   461  O  OD2 . ASP A 1 62  ? -10.171 2.045   12.881  1.00 18.32 ? 62  ASP A OD2 1 
ATOM   462  N  N   . GLY A 1 63  ? -6.297  -1.545  11.612  1.00 11.40 ? 63  GLY A N   1 
ATOM   463  C  CA  . GLY A 1 63  ? -5.905  -2.666  10.795  1.00 8.18  ? 63  GLY A CA  1 
ATOM   464  C  C   . GLY A 1 63  ? -5.079  -3.673  11.569  1.00 12.12 ? 63  GLY A C   1 
ATOM   465  O  O   . GLY A 1 63  ? -5.257  -4.887  11.404  1.00 10.08 ? 63  GLY A O   1 
ATOM   466  N  N   . MET A 1 64  ? -4.185  -3.200  12.445  1.00 14.04 ? 64  MET A N   1 
ATOM   467  C  CA  . MET A 1 64  ? -3.350  -4.084  13.262  1.00 16.77 ? 64  MET A CA  1 
ATOM   468  C  C   . MET A 1 64  ? -4.162  -5.072  14.099  1.00 18.77 ? 64  MET A C   1 
ATOM   469  O  O   . MET A 1 64  ? -3.748  -6.219  14.306  1.00 21.82 ? 64  MET A O   1 
ATOM   470  C  CB  . MET A 1 64  ? -2.455  -3.253  14.196  1.00 18.38 ? 64  MET A CB  1 
ATOM   471  C  CG  . MET A 1 64  ? -1.196  -2.789  13.507  1.00 21.76 ? 64  MET A CG  1 
ATOM   472  S  SD  . MET A 1 64  ? -0.108  -1.865  14.617  1.00 27.56 ? 64  MET A SD  1 
ATOM   473  C  CE  . MET A 1 64  ? 0.637   -0.668  13.545  1.00 26.28 ? 64  MET A CE  1 
ATOM   474  N  N   . ALA A 1 65  ? -5.355  -4.640  14.505  1.00 18.37 ? 65  ALA A N   1 
ATOM   475  C  CA  . ALA A 1 65  ? -6.286  -5.440  15.275  1.00 16.61 ? 65  ALA A CA  1 
ATOM   476  C  C   . ALA A 1 65  ? -7.122  -6.390  14.416  1.00 17.96 ? 65  ALA A C   1 
ATOM   477  O  O   . ALA A 1 65  ? -7.726  -7.336  14.933  1.00 17.56 ? 65  ALA A O   1 
ATOM   478  C  CB  . ALA A 1 65  ? -7.195  -4.483  16.020  1.00 13.17 ? 65  ALA A CB  1 
ATOM   479  N  N   . ALA A 1 66  ? -7.211  -6.205  13.085  1.00 16.18 ? 66  ALA A N   1 
ATOM   480  C  CA  . ALA A 1 66  ? -8.061  -7.052  12.258  1.00 12.40 ? 66  ALA A CA  1 
ATOM   481  C  C   . ALA A 1 66  ? -7.462  -8.438  11.990  1.00 11.34 ? 66  ALA A C   1 
ATOM   482  O  O   . ALA A 1 66  ? -8.190  -9.376  11.661  1.00 11.70 ? 66  ALA A O   1 
ATOM   483  C  CB  . ALA A 1 66  ? -8.332  -6.345  10.921  1.00 9.25  ? 66  ALA A CB  1 
ATOM   484  N  N   . GLY A 1 67  ? -6.152  -8.629  12.075  1.00 10.70 ? 67  GLY A N   1 
ATOM   485  C  CA  . GLY A 1 67  ? -5.566  -9.947  11.867  1.00 14.46 ? 67  GLY A CA  1 
ATOM   486  C  C   . GLY A 1 67  ? -5.094  -10.272 10.450  1.00 11.38 ? 67  GLY A C   1 
ATOM   487  O  O   . GLY A 1 67  ? -5.513  -9.671  9.461   1.00 10.46 ? 67  GLY A O   1 
ATOM   488  N  N   . ILE A 1 68  ? -4.275  -11.307 10.291  1.00 10.62 ? 68  ILE A N   1 
ATOM   489  C  CA  . ILE A 1 68  ? -3.680  -11.598 8.992   1.00 12.13 ? 68  ILE A CA  1 
ATOM   490  C  C   . ILE A 1 68  ? -4.688  -12.092 7.961   1.00 13.66 ? 68  ILE A C   1 
ATOM   491  O  O   . ILE A 1 68  ? -4.578  -11.739 6.783   1.00 9.57  ? 68  ILE A O   1 
ATOM   492  C  CB  . ILE A 1 68  ? -2.504  -12.602 9.195   1.00 13.30 ? 68  ILE A CB  1 
ATOM   493  C  CG1 . ILE A 1 68  ? -1.585  -12.403 7.955   1.00 13.27 ? 68  ILE A CG1 1 
ATOM   494  C  CG2 . ILE A 1 68  ? -2.973  -14.062 9.406   1.00 13.75 ? 68  ILE A CG2 1 
ATOM   495  C  CD1 . ILE A 1 68  ? -0.254  -13.165 7.952   1.00 10.47 ? 68  ILE A CD1 1 
ATOM   496  N  N   . ASP A 1 69  ? -5.742  -12.812 8.360   1.00 14.15 ? 69  ASP A N   1 
ATOM   497  C  CA  . ASP A 1 69  ? -6.757  -13.236 7.403   1.00 14.53 ? 69  ASP A CA  1 
ATOM   498  C  C   . ASP A 1 69  ? -7.590  -12.076 6.866   1.00 15.03 ? 69  ASP A C   1 
ATOM   499  O  O   . ASP A 1 69  ? -8.222  -12.222 5.823   1.00 16.35 ? 69  ASP A O   1 
ATOM   500  C  CB  . ASP A 1 69  ? -7.625  -14.306 8.077   1.00 16.88 ? 69  ASP A CB  1 
ATOM   501  C  CG  . ASP A 1 69  ? -6.839  -15.618 8.235   1.00 23.30 ? 69  ASP A CG  1 
ATOM   502  O  OD1 . ASP A 1 69  ? -6.524  -16.240 7.223   1.00 26.74 ? 69  ASP A OD1 1 
ATOM   503  O  OD2 . ASP A 1 69  ? -6.513  -16.025 9.354   1.00 28.62 ? 69  ASP A OD2 1 
ATOM   504  N  N   . LYS A 1 70  ? -7.594  -10.879 7.473   1.00 11.82 ? 70  LYS A N   1 
ATOM   505  C  CA  . LYS A 1 70  ? -8.266  -9.704  6.900   1.00 12.24 ? 70  LYS A CA  1 
ATOM   506  C  C   . LYS A 1 70  ? -7.227  -8.743  6.309   1.00 11.39 ? 70  LYS A C   1 
ATOM   507  O  O   . LYS A 1 70  ? -7.442  -7.532  6.127   1.00 9.46  ? 70  LYS A O   1 
ATOM   508  C  CB  . LYS A 1 70  ? -9.073  -8.954  7.980   1.00 14.11 ? 70  LYS A CB  1 
ATOM   509  C  CG  . LYS A 1 70  ? -10.425 -9.585  8.261   1.00 19.57 ? 70  LYS A CG  1 
ATOM   510  C  CD  . LYS A 1 70  ? -11.040 -8.884  9.470   1.00 27.93 ? 70  LYS A CD  1 
ATOM   511  C  CE  . LYS A 1 70  ? -12.477 -9.338  9.762   1.00 31.51 ? 70  LYS A CE  1 
ATOM   512  N  NZ  . LYS A 1 70  ? -12.559 -10.781 9.910   1.00 34.77 ? 70  LYS A NZ  1 
ATOM   513  N  N   . ASN A 1 71  ? -6.017  -9.264  6.094   1.00 9.09  ? 71  ASN A N   1 
ATOM   514  C  CA  . ASN A 1 71  ? -4.903  -8.513  5.535   1.00 12.32 ? 71  ASN A CA  1 
ATOM   515  C  C   . ASN A 1 71  ? -4.528  -7.249  6.323   1.00 12.31 ? 71  ASN A C   1 
ATOM   516  O  O   . ASN A 1 71  ? -3.979  -6.283  5.784   1.00 9.55  ? 71  ASN A O   1 
ATOM   517  C  CB  . ASN A 1 71  ? -5.207  -8.138  4.065   1.00 9.70  ? 71  ASN A CB  1 
ATOM   518  C  CG  . ASN A 1 71  ? -5.306  -9.353  3.156   1.00 7.08  ? 71  ASN A CG  1 
ATOM   519  O  OD1 . ASN A 1 71  ? -6.315  -9.510  2.464   1.00 14.10 ? 71  ASN A OD1 1 
ATOM   520  N  ND2 . ASN A 1 71  ? -4.348  -10.270 3.119   1.00 4.94  ? 71  ASN A ND2 1 
ATOM   521  N  N   . TYR A 1 72  ? -4.768  -7.338  7.639   1.00 8.80  ? 72  TYR A N   1 
ATOM   522  C  CA  . TYR A 1 72  ? -4.530  -6.280  8.598   1.00 3.52  ? 72  TYR A CA  1 
ATOM   523  C  C   . TYR A 1 72  ? -5.190  -4.969  8.173   1.00 3.92  ? 72  TYR A C   1 
ATOM   524  O  O   . TYR A 1 72  ? -4.605  -3.891  8.219   1.00 4.06  ? 72  TYR A O   1 
ATOM   525  C  CB  . TYR A 1 72  ? -3.012  -6.120  8.798   1.00 4.69  ? 72  TYR A CB  1 
ATOM   526  C  CG  . TYR A 1 72  ? -2.407  -7.249  9.634   1.00 6.05  ? 72  TYR A CG  1 
ATOM   527  C  CD1 . TYR A 1 72  ? -2.800  -7.421  10.952  1.00 10.50 ? 72  TYR A CD1 1 
ATOM   528  C  CD2 . TYR A 1 72  ? -1.468  -8.090  9.084   1.00 4.45  ? 72  TYR A CD2 1 
ATOM   529  C  CE1 . TYR A 1 72  ? -2.255  -8.435  11.723  1.00 8.12  ? 72  TYR A CE1 1 
ATOM   530  C  CE2 . TYR A 1 72  ? -0.913  -9.096  9.840   1.00 9.79  ? 72  TYR A CE2 1 
ATOM   531  C  CZ  . TYR A 1 72  ? -1.317  -9.268  11.151  1.00 12.39 ? 72  TYR A CZ  1 
ATOM   532  O  OH  . TYR A 1 72  ? -0.770  -10.293 11.896  1.00 11.88 ? 72  TYR A OH  1 
ATOM   533  N  N   . LEU A 1 73  ? -6.444  -5.037  7.730   1.00 3.20  ? 73  LEU A N   1 
ATOM   534  C  CA  . LEU A 1 73  ? -7.222  -3.865  7.392   1.00 6.45  ? 73  LEU A CA  1 
ATOM   535  C  C   . LEU A 1 73  ? -8.602  -4.233  7.873   1.00 9.74  ? 73  LEU A C   1 
ATOM   536  O  O   . LEU A 1 73  ? -9.031  -5.390  7.703   1.00 10.32 ? 73  LEU A O   1 
ATOM   537  C  CB  . LEU A 1 73  ? -7.297  -3.614  5.887   1.00 5.96  ? 73  LEU A CB  1 
ATOM   538  C  CG  . LEU A 1 73  ? -6.050  -3.115  5.202   1.00 5.34  ? 73  LEU A CG  1 
ATOM   539  C  CD1 . LEU A 1 73  ? -6.297  -3.084  3.711   1.00 6.13  ? 73  LEU A CD1 1 
ATOM   540  C  CD2 . LEU A 1 73  ? -5.726  -1.718  5.663   1.00 4.18  ? 73  LEU A CD2 1 
ATOM   541  N  N   . LYS A 1 74  ? -9.295  -3.271  8.488   1.00 9.13  ? 74  LYS A N   1 
ATOM   542  C  CA  . LYS A 1 74  ? -10.637 -3.504  8.998   1.00 12.85 ? 74  LYS A CA  1 
ATOM   543  C  C   . LYS A 1 74  ? -11.545 -3.696  7.776   1.00 12.91 ? 74  LYS A C   1 
ATOM   544  O  O   . LYS A 1 74  ? -11.479 -2.963  6.789   1.00 13.75 ? 74  LYS A O   1 
ATOM   545  C  CB  . LYS A 1 74  ? -10.993 -2.287  9.849   1.00 13.23 ? 74  LYS A CB  1 
ATOM   546  C  CG  . LYS A 1 74  ? -12.340 -2.341  10.541  1.00 21.39 ? 74  LYS A CG  1 
ATOM   547  C  CD  . LYS A 1 74  ? -12.582 -1.066  11.341  1.00 24.84 ? 74  LYS A CD  1 
ATOM   548  C  CE  . LYS A 1 74  ? -12.789 0.139   10.423  1.00 25.97 ? 74  LYS A CE  1 
ATOM   549  N  NZ  . LYS A 1 74  ? -12.929 1.357   11.203  1.00 29.76 ? 74  LYS A NZ  1 
ATOM   550  N  N   . GLU A 1 75  ? -12.384 -4.713  7.820   1.00 16.74 ? 75  GLU A N   1 
ATOM   551  C  CA  . GLU A 1 75  ? -13.238 -5.101  6.715   1.00 19.98 ? 75  GLU A CA  1 
ATOM   552  C  C   . GLU A 1 75  ? -14.180 -3.995  6.251   1.00 20.62 ? 75  GLU A C   1 
ATOM   553  O  O   . GLU A 1 75  ? -14.899 -3.384  7.046   1.00 18.98 ? 75  GLU A O   1 
ATOM   554  C  CB  . GLU A 1 75  ? -13.977 -6.326  7.191   1.00 23.67 ? 75  GLU A CB  1 
ATOM   555  C  CG  . GLU A 1 75  ? -14.386 -7.252  6.072   1.00 32.48 ? 75  GLU A CG  1 
ATOM   556  C  CD  . GLU A 1 75  ? -14.772 -8.632  6.609   1.00 40.22 ? 75  GLU A CD  1 
ATOM   557  O  OE1 . GLU A 1 75  ? -15.938 -8.829  6.988   1.00 43.06 ? 75  GLU A OE1 1 
ATOM   558  O  OE2 . GLU A 1 75  ? -13.897 -9.507  6.649   1.00 43.17 ? 75  GLU A OE2 1 
ATOM   559  N  N   . GLY A 1 76  ? -14.126 -3.674  4.956   1.00 22.28 ? 76  GLY A N   1 
ATOM   560  C  CA  . GLY A 1 76  ? -14.957 -2.643  4.367   1.00 20.39 ? 76  GLY A CA  1 
ATOM   561  C  C   . GLY A 1 76  ? -14.694 -1.241  4.910   1.00 22.55 ? 76  GLY A C   1 
ATOM   562  O  O   . GLY A 1 76  ? -15.584 -0.385  4.860   1.00 22.26 ? 76  GLY A O   1 
ATOM   563  N  N   . ASP A 1 77  ? -13.482 -0.962  5.404   1.00 21.04 ? 77  ASP A N   1 
ATOM   564  C  CA  . ASP A 1 77  ? -13.091 0.348   5.900   1.00 18.06 ? 77  ASP A CA  1 
ATOM   565  C  C   . ASP A 1 77  ? -13.211 1.380   4.779   1.00 19.18 ? 77  ASP A C   1 
ATOM   566  O  O   . ASP A 1 77  ? -12.432 1.327   3.811   1.00 18.54 ? 77  ASP A O   1 
ATOM   567  C  CB  . ASP A 1 77  ? -11.641 0.239   6.417   1.00 11.82 ? 77  ASP A CB  1 
ATOM   568  C  CG  . ASP A 1 77  ? -11.055 1.449   7.115   1.00 10.72 ? 77  ASP A CG  1 
ATOM   569  O  OD1 . ASP A 1 77  ? -11.462 2.579   6.860   1.00 10.99 ? 77  ASP A OD1 1 
ATOM   570  O  OD2 . ASP A 1 77  ? -10.139 1.271   7.908   1.00 12.40 ? 77  ASP A OD2 1 
ATOM   571  N  N   . THR A 1 78  ? -14.076 2.385   4.962   1.00 18.72 ? 78  THR A N   1 
ATOM   572  C  CA  . THR A 1 78  ? -14.340 3.391   3.934   1.00 17.12 ? 78  THR A CA  1 
ATOM   573  C  C   . THR A 1 78  ? -13.251 4.427   3.681   1.00 13.82 ? 78  THR A C   1 
ATOM   574  O  O   . THR A 1 78  ? -13.333 5.219   2.743   1.00 14.66 ? 78  THR A O   1 
ATOM   575  C  CB  . THR A 1 78  ? -15.669 4.102   4.281   1.00 22.17 ? 78  THR A CB  1 
ATOM   576  O  OG1 . THR A 1 78  ? -15.555 4.637   5.603   1.00 27.65 ? 78  THR A OG1 1 
ATOM   577  C  CG2 . THR A 1 78  ? -16.850 3.147   4.231   1.00 23.06 ? 78  THR A CG2 1 
ATOM   578  N  N   . ARG A 1 79  ? -12.207 4.466   4.509   1.00 9.28  ? 79  ARG A N   1 
ATOM   579  C  CA  . ARG A 1 79  ? -11.066 5.355   4.330   1.00 5.93  ? 79  ARG A CA  1 
ATOM   580  C  C   . ARG A 1 79  ? -10.006 4.825   3.348   1.00 4.84  ? 79  ARG A C   1 
ATOM   581  O  O   . ARG A 1 79  ? -9.190  5.592   2.810   1.00 4.92  ? 79  ARG A O   1 
ATOM   582  C  CB  . ARG A 1 79  ? -10.435 5.606   5.721   1.00 2.58  ? 79  ARG A CB  1 
ATOM   583  C  CG  . ARG A 1 79  ? -11.418 6.218   6.760   1.00 8.45  ? 79  ARG A CG  1 
ATOM   584  C  CD  . ARG A 1 79  ? -10.852 6.247   8.171   1.00 3.46  ? 79  ARG A CD  1 
ATOM   585  N  NE  . ARG A 1 79  ? -10.653 4.875   8.616   1.00 8.44  ? 79  ARG A NE  1 
ATOM   586  C  CZ  . ARG A 1 79  ? -10.296 4.527   9.849   1.00 7.84  ? 79  ARG A CZ  1 
ATOM   587  N  NH1 . ARG A 1 79  ? -10.104 5.449   10.773  1.00 8.55  ? 79  ARG A NH1 1 
ATOM   588  N  NH2 . ARG A 1 79  ? -10.128 3.237   10.144  1.00 8.50  ? 79  ARG A NH2 1 
ATOM   589  N  N   . VAL A 1 80  ? -9.957  3.500   3.146   1.00 6.90  ? 80  VAL A N   1 
ATOM   590  C  CA  . VAL A 1 80  ? -8.979  2.850   2.269   1.00 6.38  ? 80  VAL A CA  1 
ATOM   591  C  C   . VAL A 1 80  ? -9.429  3.078   0.809   1.00 7.02  ? 80  VAL A C   1 
ATOM   592  O  O   . VAL A 1 80  ? -10.526 2.663   0.424   1.00 6.39  ? 80  VAL A O   1 
ATOM   593  C  CB  . VAL A 1 80  ? -8.919  1.322   2.603   1.00 7.89  ? 80  VAL A CB  1 
ATOM   594  C  CG1 . VAL A 1 80  ? -7.992  0.551   1.643   1.00 10.17 ? 80  VAL A CG1 1 
ATOM   595  C  CG2 . VAL A 1 80  ? -8.348  1.161   3.995   1.00 4.40  ? 80  VAL A CG2 1 
ATOM   596  N  N   . ILE A 1 81  ? -8.639  3.778   -0.006  1.00 6.79  ? 81  ILE A N   1 
ATOM   597  C  CA  . ILE A 1 81  ? -8.983  3.977   -1.397  1.00 7.45  ? 81  ILE A CA  1 
ATOM   598  C  C   . ILE A 1 81  ? -8.614  2.714   -2.194  1.00 7.06  ? 81  ILE A C   1 
ATOM   599  O  O   . ILE A 1 81  ? -9.382  2.325   -3.096  1.00 9.78  ? 81  ILE A O   1 
ATOM   600  C  CB  . ILE A 1 81  ? -8.235  5.221   -1.906  1.00 7.03  ? 81  ILE A CB  1 
ATOM   601  C  CG1 . ILE A 1 81  ? -8.717  6.471   -1.180  1.00 7.20  ? 81  ILE A CG1 1 
ATOM   602  C  CG2 . ILE A 1 81  ? -8.513  5.402   -3.403  1.00 9.28  ? 81  ILE A CG2 1 
ATOM   603  C  CD1 . ILE A 1 81  ? -7.698  7.615   -1.333  1.00 9.87  ? 81  ILE A CD1 1 
ATOM   604  N  N   . ALA A 1 82  ? -7.499  2.035   -1.916  1.00 4.16  ? 82  ALA A N   1 
ATOM   605  C  CA  . ALA A 1 82  ? -7.158  0.783   -2.630  1.00 6.85  ? 82  ALA A CA  1 
ATOM   606  C  C   . ALA A 1 82  ? -6.085  0.038   -1.877  1.00 4.59  ? 82  ALA A C   1 
ATOM   607  O  O   . ALA A 1 82  ? -5.336  0.682   -1.126  1.00 5.78  ? 82  ALA A O   1 
ATOM   608  C  CB  . ALA A 1 82  ? -6.569  1.022   -4.036  1.00 10.41 ? 82  ALA A CB  1 
ATOM   609  N  N   . HIS A 1 83  ? -5.966  -1.282  -2.034  1.00 6.47  ? 83  HIS A N   1 
ATOM   610  C  CA  . HIS A 1 83  ? -4.952  -2.016  -1.282  1.00 5.53  ? 83  HIS A CA  1 
ATOM   611  C  C   . HIS A 1 83  ? -4.604  -3.355  -1.926  1.00 4.52  ? 83  HIS A C   1 
ATOM   612  O  O   . HIS A 1 83  ? -5.439  -3.895  -2.645  1.00 3.53  ? 83  HIS A O   1 
ATOM   613  C  CB  . HIS A 1 83  ? -5.469  -2.280  0.152   1.00 4.25  ? 83  HIS A CB  1 
ATOM   614  C  CG  . HIS A 1 83  ? -6.666  -3.253  0.238   1.00 8.56  ? 83  HIS A CG  1 
ATOM   615  N  ND1 . HIS A 1 83  ? -7.984  -3.044  0.142   1.00 10.49 ? 83  HIS A ND1 1 
ATOM   616  C  CD2 . HIS A 1 83  ? -6.514  -4.609  0.521   1.00 7.26  ? 83  HIS A CD2 1 
ATOM   617  C  CE1 . HIS A 1 83  ? -8.598  -4.188  0.366   1.00 9.14  ? 83  HIS A CE1 1 
ATOM   618  N  NE2 . HIS A 1 83  ? -7.704  -5.133  0.594   1.00 8.34  ? 83  HIS A NE2 1 
ATOM   619  N  N   . THR A 1 84  ? -3.444  -3.936  -1.642  1.00 4.70  ? 84  THR A N   1 
ATOM   620  C  CA  . THR A 1 84  ? -3.156  -5.309  -2.027  1.00 6.34  ? 84  THR A CA  1 
ATOM   621  C  C   . THR A 1 84  ? -3.463  -6.194  -0.799  1.00 10.58 ? 84  THR A C   1 
ATOM   622  O  O   . THR A 1 84  ? -3.834  -5.704  0.293   1.00 8.12  ? 84  THR A O   1 
ATOM   623  C  CB  . THR A 1 84  ? -1.659  -5.452  -2.413  1.00 6.81  ? 84  THR A CB  1 
ATOM   624  O  OG1 . THR A 1 84  ? -0.885  -5.232  -1.235  1.00 6.14  ? 84  THR A OG1 1 
ATOM   625  C  CG2 . THR A 1 84  ? -1.248  -4.469  -3.527  1.00 3.76  ? 84  THR A CG2 1 
ATOM   626  N  N   . LYS A 1 85  ? -3.283  -7.509  -0.939  1.00 10.40 ? 85  LYS A N   1 
ATOM   627  C  CA  . LYS A 1 85  ? -3.313  -8.398  0.214   1.00 9.78  ? 85  LYS A CA  1 
ATOM   628  C  C   . LYS A 1 85  ? -1.897  -8.428  0.810   1.00 7.21  ? 85  LYS A C   1 
ATOM   629  O  O   . LYS A 1 85  ? -0.965  -7.819  0.271   1.00 4.27  ? 85  LYS A O   1 
ATOM   630  C  CB  . LYS A 1 85  ? -3.776  -9.794  -0.238  1.00 10.97 ? 85  LYS A CB  1 
ATOM   631  C  CG  . LYS A 1 85  ? -2.823  -10.539 -1.130  1.00 20.15 ? 85  LYS A CG  1 
ATOM   632  C  CD  . LYS A 1 85  ? -3.578  -11.678 -1.784  1.00 27.07 ? 85  LYS A CD  1 
ATOM   633  C  CE  . LYS A 1 85  ? -2.620  -12.468 -2.656  1.00 33.40 ? 85  LYS A CE  1 
ATOM   634  N  NZ  . LYS A 1 85  ? -3.322  -13.575 -3.281  1.00 38.68 ? 85  LYS A NZ  1 
ATOM   635  N  N   . ILE A 1 86  ? -1.735  -9.105  1.952   1.00 7.35  ? 86  ILE A N   1 
ATOM   636  C  CA  . ILE A 1 86  ? -0.459  -9.313  2.644   1.00 5.55  ? 86  ILE A CA  1 
ATOM   637  C  C   . ILE A 1 86  ? 0.203   -10.429 1.864   1.00 6.12  ? 86  ILE A C   1 
ATOM   638  O  O   . ILE A 1 86  ? -0.435  -11.467 1.645   1.00 5.62  ? 86  ILE A O   1 
ATOM   639  C  CB  . ILE A 1 86  ? -0.683  -9.786  4.120   1.00 6.82  ? 86  ILE A CB  1 
ATOM   640  C  CG1 . ILE A 1 86  ? -1.213  -8.628  4.966   1.00 6.40  ? 86  ILE A CG1 1 
ATOM   641  C  CG2 . ILE A 1 86  ? 0.616   -10.325 4.710   1.00 6.07  ? 86  ILE A CG2 1 
ATOM   642  C  CD1 . ILE A 1 86  ? -0.192  -7.515  5.277   1.00 9.44  ? 86  ILE A CD1 1 
ATOM   643  N  N   . ILE A 1 87  ? 1.451   -10.219 1.453   1.00 3.00  ? 87  ILE A N   1 
ATOM   644  C  CA  . ILE A 1 87  ? 2.207   -11.224 0.738   1.00 3.77  ? 87  ILE A CA  1 
ATOM   645  C  C   . ILE A 1 87  ? 3.479   -11.525 1.517   1.00 2.50  ? 87  ILE A C   1 
ATOM   646  O  O   . ILE A 1 87  ? 4.039   -10.672 2.226   1.00 2.96  ? 87  ILE A O   1 
ATOM   647  C  CB  . ILE A 1 87  ? 2.621   -10.748 -0.711  1.00 3.71  ? 87  ILE A CB  1 
ATOM   648  C  CG1 . ILE A 1 87  ? 3.329   -9.390  -0.697  1.00 2.50  ? 87  ILE A CG1 1 
ATOM   649  C  CG2 . ILE A 1 87  ? 1.357   -10.752 -1.570  1.00 5.89  ? 87  ILE A CG2 1 
ATOM   650  C  CD1 . ILE A 1 87  ? 4.199   -9.202  -1.944  1.00 5.32  ? 87  ILE A CD1 1 
ATOM   651  N  N   . GLY A 1 88  ? 3.954   -12.753 1.365   1.00 2.50  ? 88  GLY A N   1 
ATOM   652  C  CA  . GLY A 1 88  ? 5.214   -13.179 1.927   1.00 2.52  ? 88  GLY A CA  1 
ATOM   653  C  C   . GLY A 1 88  ? 6.246   -13.300 0.806   1.00 6.45  ? 88  GLY A C   1 
ATOM   654  O  O   . GLY A 1 88  ? 5.926   -13.124 -0.381  1.00 4.74  ? 88  GLY A O   1 
ATOM   655  N  N   . ALA A 1 89  ? 7.490   -13.611 1.145   1.00 2.84  ? 89  ALA A N   1 
ATOM   656  C  CA  . ALA A 1 89  ? 8.543   -13.717 0.140   1.00 9.65  ? 89  ALA A CA  1 
ATOM   657  C  C   . ALA A 1 89  ? 8.280   -14.691 -0.993  1.00 7.54  ? 89  ALA A C   1 
ATOM   658  O  O   . ALA A 1 89  ? 7.684   -15.753 -0.806  1.00 5.96  ? 89  ALA A O   1 
ATOM   659  C  CB  . ALA A 1 89  ? 9.853   -14.138 0.765   1.00 7.76  ? 89  ALA A CB  1 
ATOM   660  N  N   . GLY A 1 90  ? 8.722   -14.271 -2.178  1.00 9.25  ? 90  GLY A N   1 
ATOM   661  C  CA  . GLY A 1 90  ? 8.511   -15.008 -3.393  1.00 5.44  ? 90  GLY A CA  1 
ATOM   662  C  C   . GLY A 1 90  ? 7.111   -14.849 -3.945  1.00 8.59  ? 90  GLY A C   1 
ATOM   663  O  O   . GLY A 1 90  ? 6.813   -15.463 -4.970  1.00 8.26  ? 90  GLY A O   1 
ATOM   664  N  N   . GLU A 1 91  ? 6.206   -14.088 -3.332  1.00 6.76  ? 91  GLU A N   1 
ATOM   665  C  CA  . GLU A 1 91  ? 4.860   -13.922 -3.838  1.00 9.37  ? 91  GLU A CA  1 
ATOM   666  C  C   . GLU A 1 91  ? 4.694   -12.500 -4.399  1.00 8.16  ? 91  GLU A C   1 
ATOM   667  O  O   . GLU A 1 91  ? 5.624   -11.676 -4.326  1.00 7.14  ? 91  GLU A O   1 
ATOM   668  C  CB  . GLU A 1 91  ? 3.835   -14.140 -2.720  1.00 9.74  ? 91  GLU A CB  1 
ATOM   669  C  CG  . GLU A 1 91  ? 3.929   -15.497 -2.045  1.00 17.54 ? 91  GLU A CG  1 
ATOM   670  C  CD  . GLU A 1 91  ? 2.960   -15.715 -0.885  1.00 24.70 ? 91  GLU A CD  1 
ATOM   671  O  OE1 . GLU A 1 91  ? 2.532   -14.757 -0.239  1.00 22.35 ? 91  GLU A OE1 1 
ATOM   672  O  OE2 . GLU A 1 91  ? 2.641   -16.874 -0.610  1.00 33.78 ? 91  GLU A OE2 1 
ATOM   673  N  N   . LYS A 1 92  ? 3.515   -12.249 -4.982  1.00 9.94  ? 92  LYS A N   1 
ATOM   674  C  CA  . LYS A 1 92  ? 3.178   -10.949 -5.550  1.00 14.13 ? 92  LYS A CA  1 
ATOM   675  C  C   . LYS A 1 92  ? 1.685   -10.722 -5.693  1.00 10.61 ? 92  LYS A C   1 
ATOM   676  O  O   . LYS A 1 92  ? 0.888   -11.666 -5.679  1.00 10.71 ? 92  LYS A O   1 
ATOM   677  C  CB  . LYS A 1 92  ? 3.847   -10.748 -6.933  1.00 13.02 ? 92  LYS A CB  1 
ATOM   678  C  CG  . LYS A 1 92  ? 3.458   -11.693 -8.046  1.00 23.58 ? 92  LYS A CG  1 
ATOM   679  C  CD  . LYS A 1 92  ? 4.048   -11.170 -9.353  1.00 25.41 ? 92  LYS A CD  1 
ATOM   680  C  CE  . LYS A 1 92  ? 3.296   -11.754 -10.550 1.00 29.86 ? 92  LYS A CE  1 
ATOM   681  N  NZ  . LYS A 1 92  ? 3.632   -13.142 -10.833 1.00 33.97 ? 92  LYS A NZ  1 
ATOM   682  N  N   . ASP A 1 93  ? 1.283   -9.452  -5.800  1.00 9.73  ? 93  ASP A N   1 
ATOM   683  C  CA  . ASP A 1 93  ? -0.109  -9.066  -5.934  1.00 8.92  ? 93  ASP A CA  1 
ATOM   684  C  C   . ASP A 1 93  ? -0.216  -7.666  -6.546  1.00 7.59  ? 93  ASP A C   1 
ATOM   685  O  O   . ASP A 1 93  ? 0.684   -6.842  -6.378  1.00 6.18  ? 93  ASP A O   1 
ATOM   686  C  CB  . ASP A 1 93  ? -0.785  -9.038  -4.576  1.00 8.37  ? 93  ASP A CB  1 
ATOM   687  C  CG  . ASP A 1 93  ? -2.296  -9.020  -4.657  1.00 8.58  ? 93  ASP A CG  1 
ATOM   688  O  OD1 . ASP A 1 93  ? -2.833  -9.683  -5.539  1.00 11.07 ? 93  ASP A OD1 1 
ATOM   689  O  OD2 . ASP A 1 93  ? -2.937  -8.356  -3.849  1.00 8.99  ? 93  ASP A OD2 1 
ATOM   690  N  N   . SER A 1 94  ? -1.313  -7.370  -7.233  1.00 6.96  ? 94  SER A N   1 
ATOM   691  C  CA  . SER A 1 94  ? -1.517  -6.070  -7.875  1.00 10.65 ? 94  SER A CA  1 
ATOM   692  C  C   . SER A 1 94  ? -2.853  -5.486  -7.468  1.00 9.45  ? 94  SER A C   1 
ATOM   693  O  O   . SER A 1 94  ? -3.755  -6.252  -7.092  1.00 8.56  ? 94  SER A O   1 
ATOM   694  C  CB  . SER A 1 94  ? -1.556  -6.170  -9.409  1.00 9.37  ? 94  SER A CB  1 
ATOM   695  O  OG  . SER A 1 94  ? -0.321  -6.587  -9.951  1.00 14.39 ? 94  SER A OG  1 
ATOM   696  N  N   . VAL A 1 95  ? -3.009  -4.164  -7.562  1.00 8.27  ? 95  VAL A N   1 
ATOM   697  C  CA  . VAL A 1 95  ? -4.321  -3.573  -7.410  1.00 6.34  ? 95  VAL A CA  1 
ATOM   698  C  C   . VAL A 1 95  ? -4.417  -2.430  -8.452  1.00 3.55  ? 95  VAL A C   1 
ATOM   699  O  O   . VAL A 1 95  ? -3.440  -1.715  -8.720  1.00 5.46  ? 95  VAL A O   1 
ATOM   700  C  CB  . VAL A 1 95  ? -4.506  -3.077  -5.926  1.00 4.39  ? 95  VAL A CB  1 
ATOM   701  C  CG1 . VAL A 1 95  ? -3.697  -1.849  -5.567  1.00 4.84  ? 95  VAL A CG1 1 
ATOM   702  C  CG2 . VAL A 1 95  ? -5.974  -2.692  -5.770  1.00 5.57  ? 95  VAL A CG2 1 
ATOM   703  N  N   . THR A 1 96  ? -5.573  -2.323  -9.098  1.00 4.16  ? 96  THR A N   1 
ATOM   704  C  CA  . THR A 1 96  ? -5.805  -1.309  -10.121 1.00 7.22  ? 96  THR A CA  1 
ATOM   705  C  C   . THR A 1 96  ? -6.922  -0.391  -9.615  1.00 7.12  ? 96  THR A C   1 
ATOM   706  O  O   . THR A 1 96  ? -7.938  -0.865  -9.085  1.00 7.93  ? 96  THR A O   1 
ATOM   707  C  CB  . THR A 1 96  ? -6.195  -2.021  -11.450 1.00 8.01  ? 96  THR A CB  1 
ATOM   708  O  OG1 . THR A 1 96  ? -5.157  -2.964  -11.707 1.00 5.60  ? 96  THR A OG1 1 
ATOM   709  C  CG2 . THR A 1 96  ? -6.303  -1.073  -12.646 1.00 6.87  ? 96  THR A CG2 1 
ATOM   710  N  N   . PHE A 1 97  ? -6.771  0.921   -9.706  1.00 5.92  ? 97  PHE A N   1 
ATOM   711  C  CA  . PHE A 1 97  ? -7.804  1.824   -9.203  1.00 7.45  ? 97  PHE A CA  1 
ATOM   712  C  C   . PHE A 1 97  ? -7.957  3.056   -10.088 1.00 8.39  ? 97  PHE A C   1 
ATOM   713  O  O   . PHE A 1 97  ? -7.030  3.470   -10.816 1.00 3.66  ? 97  PHE A O   1 
ATOM   714  C  CB  . PHE A 1 97  ? -7.470  2.271   -7.741  1.00 5.96  ? 97  PHE A CB  1 
ATOM   715  C  CG  . PHE A 1 97  ? -6.083  2.880   -7.574  1.00 7.22  ? 97  PHE A CG  1 
ATOM   716  C  CD1 . PHE A 1 97  ? -4.982  2.050   -7.398  1.00 6.64  ? 97  PHE A CD1 1 
ATOM   717  C  CD2 . PHE A 1 97  ? -5.918  4.255   -7.650  1.00 5.34  ? 97  PHE A CD2 1 
ATOM   718  C  CE1 . PHE A 1 97  ? -3.725  2.610   -7.303  1.00 9.63  ? 97  PHE A CE1 1 
ATOM   719  C  CE2 . PHE A 1 97  ? -4.660  4.805   -7.557  1.00 3.57  ? 97  PHE A CE2 1 
ATOM   720  C  CZ  . PHE A 1 97  ? -3.565  3.985   -7.386  1.00 7.03  ? 97  PHE A CZ  1 
ATOM   721  N  N   . ASP A 1 98  ? -9.151  3.617   -9.940  1.00 6.08  ? 98  ASP A N   1 
ATOM   722  C  CA  . ASP A 1 98  ? -9.571  4.821   -10.629 1.00 13.87 ? 98  ASP A CA  1 
ATOM   723  C  C   . ASP A 1 98  ? -8.870  6.052   -10.082 1.00 14.23 ? 98  ASP A C   1 
ATOM   724  O  O   . ASP A 1 98  ? -9.052  6.458   -8.931  1.00 9.79  ? 98  ASP A O   1 
ATOM   725  C  CB  . ASP A 1 98  ? -11.098 4.931   -10.489 1.00 18.83 ? 98  ASP A CB  1 
ATOM   726  C  CG  . ASP A 1 98  ? -11.784 6.150   -11.101 1.00 27.76 ? 98  ASP A CG  1 
ATOM   727  O  OD1 . ASP A 1 98  ? -11.229 6.823   -11.979 1.00 29.37 ? 98  ASP A OD1 1 
ATOM   728  O  OD2 . ASP A 1 98  ? -12.911 6.418   -10.683 1.00 31.99 ? 98  ASP A OD2 1 
ATOM   729  N  N   . VAL A 1 99  ? -8.116  6.681   -10.991 1.00 13.11 ? 99  VAL A N   1 
ATOM   730  C  CA  . VAL A 1 99  ? -7.317  7.868   -10.707 1.00 11.32 ? 99  VAL A CA  1 
ATOM   731  C  C   . VAL A 1 99  ? -8.202  9.062   -10.333 1.00 11.58 ? 99  VAL A C   1 
ATOM   732  O  O   . VAL A 1 99  ? -7.783  9.923   -9.543  1.00 8.56  ? 99  VAL A O   1 
ATOM   733  C  CB  . VAL A 1 99  ? -6.443  8.174   -11.966 1.00 10.85 ? 99  VAL A CB  1 
ATOM   734  C  CG1 . VAL A 1 99  ? -5.581  9.410   -11.785 1.00 11.21 ? 99  VAL A CG1 1 
ATOM   735  C  CG2 . VAL A 1 99  ? -5.462  7.033   -12.170 1.00 11.87 ? 99  VAL A CG2 1 
ATOM   736  N  N   . SER A 1 100 ? -9.435  9.183   -10.829 1.00 13.24 ? 100 SER A N   1 
ATOM   737  C  CA  . SER A 1 100 ? -10.217 10.349  -10.424 1.00 19.68 ? 100 SER A CA  1 
ATOM   738  C  C   . SER A 1 100 ? -10.739 10.258  -8.974  1.00 20.54 ? 100 SER A C   1 
ATOM   739  O  O   . SER A 1 100 ? -11.356 11.199  -8.482  1.00 20.46 ? 100 SER A O   1 
ATOM   740  C  CB  . SER A 1 100 ? -11.360 10.570  -11.454 1.00 15.18 ? 100 SER A CB  1 
ATOM   741  O  OG  . SER A 1 100 ? -12.229 9.470   -11.631 1.00 25.41 ? 100 SER A OG  1 
ATOM   742  N  N   . LYS A 1 101 ? -10.484 9.176   -8.212  1.00 21.16 ? 101 LYS A N   1 
ATOM   743  C  CA  . LYS A 1 101 ? -10.779 9.178   -6.778  1.00 22.08 ? 101 LYS A CA  1 
ATOM   744  C  C   . LYS A 1 101 ? -9.757  10.043  -6.031  1.00 20.15 ? 101 LYS A C   1 
ATOM   745  O  O   . LYS A 1 101 ? -9.889  10.280  -4.821  1.00 23.85 ? 101 LYS A O   1 
ATOM   746  C  CB  . LYS A 1 101 ? -10.716 7.768   -6.185  1.00 21.33 ? 101 LYS A CB  1 
ATOM   747  C  CG  . LYS A 1 101 ? -11.937 6.952   -6.558  1.00 21.36 ? 101 LYS A CG  1 
ATOM   748  C  CD  . LYS A 1 101 ? -11.717 5.489   -6.216  1.00 23.62 ? 101 LYS A CD  1 
ATOM   749  C  CE  . LYS A 1 101 ? -12.985 4.699   -6.537  1.00 25.66 ? 101 LYS A CE  1 
ATOM   750  N  NZ  . LYS A 1 101 ? -12.787 3.296   -6.230  1.00 29.20 ? 101 LYS A NZ  1 
ATOM   751  N  N   . LEU A 1 102 ? -8.688  10.495  -6.688  1.00 16.67 ? 102 LEU A N   1 
ATOM   752  C  CA  . LEU A 1 102 ? -7.707  11.309  -6.036  1.00 18.06 ? 102 LEU A CA  1 
ATOM   753  C  C   . LEU A 1 102 ? -7.973  12.755  -6.399  1.00 20.57 ? 102 LEU A C   1 
ATOM   754  O  O   . LEU A 1 102 ? -7.667  13.219  -7.502  1.00 22.70 ? 102 LEU A O   1 
ATOM   755  C  CB  . LEU A 1 102 ? -6.337  10.869  -6.475  1.00 15.71 ? 102 LEU A CB  1 
ATOM   756  C  CG  . LEU A 1 102 ? -5.928  9.444   -6.158  1.00 23.45 ? 102 LEU A CG  1 
ATOM   757  C  CD1 . LEU A 1 102 ? -4.434  9.322   -6.383  1.00 23.80 ? 102 LEU A CD1 1 
ATOM   758  C  CD2 . LEU A 1 102 ? -6.225  9.098   -4.697  1.00 23.37 ? 102 LEU A CD2 1 
ATOM   759  N  N   . ALA A 1 103 ? -8.545  13.465  -5.439  1.00 23.69 ? 103 ALA A N   1 
ATOM   760  C  CA  . ALA A 1 103 ? -8.993  14.827  -5.655  1.00 28.02 ? 103 ALA A CA  1 
ATOM   761  C  C   . ALA A 1 103 ? -8.035  15.952  -5.295  1.00 30.30 ? 103 ALA A C   1 
ATOM   762  O  O   . ALA A 1 103 ? -7.097  15.803  -4.512  1.00 30.47 ? 103 ALA A O   1 
ATOM   763  C  CB  . ALA A 1 103 ? -10.286 15.022  -4.898  1.00 29.66 ? 103 ALA A CB  1 
ATOM   764  N  N   . ALA A 1 104 ? -8.275  17.121  -5.898  1.00 34.19 ? 104 ALA A N   1 
ATOM   765  C  CA  . ALA A 1 104 ? -7.422  18.287  -5.737  1.00 36.74 ? 104 ALA A CA  1 
ATOM   766  C  C   . ALA A 1 104 ? -7.520  18.927  -4.364  1.00 37.99 ? 104 ALA A C   1 
ATOM   767  O  O   . ALA A 1 104 ? -8.599  19.169  -3.802  1.00 38.17 ? 104 ALA A O   1 
ATOM   768  C  CB  . ALA A 1 104 ? -7.781  19.346  -6.765  1.00 35.78 ? 104 ALA A CB  1 
ATOM   769  N  N   . GLY A 1 105 ? -6.344  19.194  -3.818  1.00 39.94 ? 105 GLY A N   1 
ATOM   770  C  CA  . GLY A 1 105 ? -6.259  19.805  -2.508  1.00 40.75 ? 105 GLY A CA  1 
ATOM   771  C  C   . GLY A 1 105 ? -5.684  18.824  -1.504  1.00 41.59 ? 105 GLY A C   1 
ATOM   772  O  O   . GLY A 1 105 ? -4.767  19.193  -0.769  1.00 46.14 ? 105 GLY A O   1 
ATOM   773  N  N   . THR A 1 106 ? -6.089  17.558  -1.547  1.00 40.06 ? 106 THR A N   1 
ATOM   774  C  CA  . THR A 1 106 ? -5.675  16.629  -0.514  1.00 37.31 ? 106 THR A CA  1 
ATOM   775  C  C   . THR A 1 106 ? -4.363  15.921  -0.820  1.00 35.33 ? 106 THR A C   1 
ATOM   776  O  O   . THR A 1 106 ? -3.949  15.791  -1.975  1.00 35.16 ? 106 THR A O   1 
ATOM   777  C  CB  . THR A 1 106 ? -6.910  15.670  -0.256  1.00 38.03 ? 106 THR A CB  1 
ATOM   778  O  OG1 . THR A 1 106 ? -6.442  14.471  0.381   1.00 39.72 ? 106 THR A OG1 1 
ATOM   779  C  CG2 . THR A 1 106 ? -7.700  15.408  -1.513  1.00 38.06 ? 106 THR A CG2 1 
ATOM   780  N  N   . ASP A 1 107 ? -3.669  15.629  0.300   1.00 32.38 ? 107 ASP A N   1 
ATOM   781  C  CA  . ASP A 1 107 ? -2.377  14.935  0.372   1.00 28.15 ? 107 ASP A CA  1 
ATOM   782  C  C   . ASP A 1 107 ? -2.609  13.443  0.594   1.00 22.38 ? 107 ASP A C   1 
ATOM   783  O  O   . ASP A 1 107 ? -3.410  13.098  1.483   1.00 20.75 ? 107 ASP A O   1 
ATOM   784  C  CB  . ASP A 1 107 ? -1.548  15.474  1.545   1.00 29.82 ? 107 ASP A CB  1 
ATOM   785  C  CG  . ASP A 1 107 ? -1.063  16.930  1.456   1.00 34.55 ? 107 ASP A CG  1 
ATOM   786  O  OD1 . ASP A 1 107 ? -1.282  17.615  0.450   1.00 31.86 ? 107 ASP A OD1 1 
ATOM   787  O  OD2 . ASP A 1 107 ? -0.432  17.373  2.421   1.00 38.07 ? 107 ASP A OD2 1 
ATOM   788  N  N   . TYR A 1 108 ? -1.965  12.568  -0.183  1.00 16.20 ? 108 TYR A N   1 
ATOM   789  C  CA  . TYR A 1 108 ? -2.168  11.130  -0.078  1.00 11.03 ? 108 TYR A CA  1 
ATOM   790  C  C   . TYR A 1 108 ? -0.907  10.394  0.303   1.00 7.47  ? 108 TYR A C   1 
ATOM   791  O  O   . TYR A 1 108 ? 0.223   10.862  0.087   1.00 8.01  ? 108 TYR A O   1 
ATOM   792  C  CB  . TYR A 1 108 ? -2.698  10.562  -1.409  1.00 9.14  ? 108 TYR A CB  1 
ATOM   793  C  CG  . TYR A 1 108 ? -4.073  11.100  -1.761  1.00 8.48  ? 108 TYR A CG  1 
ATOM   794  C  CD1 . TYR A 1 108 ? -5.181  10.529  -1.193  1.00 7.07  ? 108 TYR A CD1 1 
ATOM   795  C  CD2 . TYR A 1 108 ? -4.205  12.187  -2.604  1.00 12.53 ? 108 TYR A CD2 1 
ATOM   796  C  CE1 . TYR A 1 108 ? -6.428  11.027  -1.457  1.00 8.27  ? 108 TYR A CE1 1 
ATOM   797  C  CE2 . TYR A 1 108 ? -5.461  12.698  -2.869  1.00 11.14 ? 108 TYR A CE2 1 
ATOM   798  C  CZ  . TYR A 1 108 ? -6.567  12.112  -2.289  1.00 12.24 ? 108 TYR A CZ  1 
ATOM   799  O  OH  . TYR A 1 108 ? -7.840  12.619  -2.542  1.00 13.48 ? 108 TYR A OH  1 
ATOM   800  N  N   . ALA A 1 109 ? -1.073  9.192   0.862   1.00 7.32  ? 109 ALA A N   1 
ATOM   801  C  CA  . ALA A 1 109 ? 0.056   8.398   1.330   1.00 5.46  ? 109 ALA A CA  1 
ATOM   802  C  C   . ALA A 1 109 ? -0.143  6.923   1.048   1.00 3.13  ? 109 ALA A C   1 
ATOM   803  O  O   . ALA A 1 109 ? -1.270  6.465   0.827   1.00 5.09  ? 109 ALA A O   1 
ATOM   804  C  CB  . ALA A 1 109 ? 0.244   8.534   2.852   1.00 8.08  ? 109 ALA A CB  1 
ATOM   805  N  N   . PHE A 1 110 ? 0.970   6.197   1.000   1.00 3.31  ? 110 PHE A N   1 
ATOM   806  C  CA  . PHE A 1 110 ? 0.895   4.749   0.970   1.00 4.31  ? 110 PHE A CA  1 
ATOM   807  C  C   . PHE A 1 110 ? 1.719   4.206   2.153   1.00 3.42  ? 110 PHE A C   1 
ATOM   808  O  O   . PHE A 1 110 ? 2.662   4.859   2.631   1.00 2.50  ? 110 PHE A O   1 
ATOM   809  C  CB  . PHE A 1 110 ? 1.437   4.186   -0.344  1.00 3.11  ? 110 PHE A CB  1 
ATOM   810  C  CG  . PHE A 1 110 ? 2.917   4.346   -0.631  1.00 3.26  ? 110 PHE A CG  1 
ATOM   811  C  CD1 . PHE A 1 110 ? 3.380   5.482   -1.277  1.00 5.97  ? 110 PHE A CD1 1 
ATOM   812  C  CD2 . PHE A 1 110 ? 3.799   3.333   -0.296  1.00 4.41  ? 110 PHE A CD2 1 
ATOM   813  C  CE1 . PHE A 1 110 ? 4.717   5.589   -1.586  1.00 2.50  ? 110 PHE A CE1 1 
ATOM   814  C  CE2 . PHE A 1 110 ? 5.142   3.451   -0.613  1.00 3.55  ? 110 PHE A CE2 1 
ATOM   815  C  CZ  . PHE A 1 110 ? 5.601   4.579   -1.258  1.00 2.50  ? 110 PHE A CZ  1 
ATOM   816  N  N   . PHE A 1 111 ? 1.412   2.977   2.575   1.00 4.05  ? 111 PHE A N   1 
ATOM   817  C  CA  . PHE A 1 111 ? 2.039   2.349   3.734   1.00 4.55  ? 111 PHE A CA  1 
ATOM   818  C  C   . PHE A 1 111 ? 1.716   0.858   3.716   1.00 4.73  ? 111 PHE A C   1 
ATOM   819  O  O   . PHE A 1 111 ? 0.854   0.387   2.952   1.00 2.50  ? 111 PHE A O   1 
ATOM   820  C  CB  . PHE A 1 111 ? 1.498   3.010   5.078   1.00 3.67  ? 111 PHE A CB  1 
ATOM   821  C  CG  . PHE A 1 111 ? -0.033  3.031   5.273   1.00 5.44  ? 111 PHE A CG  1 
ATOM   822  C  CD1 . PHE A 1 111 ? -0.839  3.956   4.587   1.00 4.22  ? 111 PHE A CD1 1 
ATOM   823  C  CD2 . PHE A 1 111 ? -0.637  2.111   6.113   1.00 4.69  ? 111 PHE A CD2 1 
ATOM   824  C  CE1 . PHE A 1 111 ? -2.210  3.956   4.751   1.00 3.35  ? 111 PHE A CE1 1 
ATOM   825  C  CE2 . PHE A 1 111 ? -2.012  2.119   6.269   1.00 3.62  ? 111 PHE A CE2 1 
ATOM   826  C  CZ  . PHE A 1 111 ? -2.800  3.031   5.591   1.00 3.37  ? 111 PHE A CZ  1 
ATOM   827  N  N   . CYS A 1 112 ? 2.436   0.134   4.575   1.00 3.10  ? 112 CYS A N   1 
ATOM   828  C  CA  . CYS A 1 112 ? 2.156   -1.274  4.860   1.00 4.87  ? 112 CYS A CA  1 
ATOM   829  C  C   . CYS A 1 112 ? 1.413   -1.323  6.201   1.00 3.89  ? 112 CYS A C   1 
ATOM   830  O  O   . CYS A 1 112 ? 1.944   -0.742  7.161   1.00 4.89  ? 112 CYS A O   1 
ATOM   831  C  CB  . CYS A 1 112 ? 3.476   -2.046  4.967   1.00 2.50  ? 112 CYS A CB  1 
ATOM   832  S  SG  . CYS A 1 112 ? 3.330   -3.765  5.560   1.00 3.64  ? 112 CYS A SG  1 
ATOM   833  N  N   . SER A 1 113 ? 0.257   -1.980  6.391   1.00 3.75  ? 113 SER A N   1 
ATOM   834  C  CA  . SER A 1 113 ? -0.383  -2.019  7.695   1.00 4.23  ? 113 SER A CA  1 
ATOM   835  C  C   . SER A 1 113 ? -0.033  -3.239  8.564   1.00 7.42  ? 113 SER A C   1 
ATOM   836  O  O   . SER A 1 113 ? -0.695  -3.464  9.589   1.00 5.28  ? 113 SER A O   1 
ATOM   837  C  CB  . SER A 1 113 ? -1.890  -1.949  7.496   1.00 2.50  ? 113 SER A CB  1 
ATOM   838  O  OG  . SER A 1 113 ? -2.385  -3.064  6.768   1.00 2.52  ? 113 SER A OG  1 
ATOM   839  N  N   . PHE A 1 114 ? 0.969   -4.063  8.201   1.00 6.82  ? 114 PHE A N   1 
ATOM   840  C  CA  . PHE A 1 114 ? 1.413   -5.186  9.032   1.00 6.56  ? 114 PHE A CA  1 
ATOM   841  C  C   . PHE A 1 114 ? 2.007   -4.578  10.317  1.00 8.76  ? 114 PHE A C   1 
ATOM   842  O  O   . PHE A 1 114 ? 2.814   -3.638  10.230  1.00 6.55  ? 114 PHE A O   1 
ATOM   843  C  CB  . PHE A 1 114 ? 2.514   -6.023  8.341   1.00 7.33  ? 114 PHE A CB  1 
ATOM   844  C  CG  . PHE A 1 114 ? 2.879   -7.386  8.982   1.00 4.60  ? 114 PHE A CG  1 
ATOM   845  C  CD1 . PHE A 1 114 ? 3.868   -7.497  9.948   1.00 7.27  ? 114 PHE A CD1 1 
ATOM   846  C  CD2 . PHE A 1 114 ? 2.266   -8.542  8.538   1.00 8.19  ? 114 PHE A CD2 1 
ATOM   847  C  CE1 . PHE A 1 114 ? 4.235   -8.742  10.448  1.00 7.71  ? 114 PHE A CE1 1 
ATOM   848  C  CE2 . PHE A 1 114 ? 2.638   -9.783  9.037   1.00 7.75  ? 114 PHE A CE2 1 
ATOM   849  C  CZ  . PHE A 1 114 ? 3.622   -9.882  9.989   1.00 2.60  ? 114 PHE A CZ  1 
ATOM   850  N  N   . PRO A 1 115 ? 1.640   -5.071  11.513  1.00 10.59 ? 115 PRO A N   1 
ATOM   851  C  CA  . PRO A 1 115 ? 2.058   -4.540  12.799  1.00 8.38  ? 115 PRO A CA  1 
ATOM   852  C  C   . PRO A 1 115 ? 3.508   -4.123  12.916  1.00 6.24  ? 115 PRO A C   1 
ATOM   853  O  O   . PRO A 1 115 ? 4.444   -4.887  12.677  1.00 8.10  ? 115 PRO A O   1 
ATOM   854  C  CB  . PRO A 1 115 ? 1.667   -5.626  13.798  1.00 8.41  ? 115 PRO A CB  1 
ATOM   855  C  CG  . PRO A 1 115 ? 1.207   -6.786  12.965  1.00 13.61 ? 115 PRO A CG  1 
ATOM   856  C  CD  . PRO A 1 115 ? 0.645   -6.101  11.729  1.00 10.22 ? 115 PRO A CD  1 
ATOM   857  N  N   . GLY A 1 116 ? 3.696   -2.849  13.207  1.00 4.99  ? 116 GLY A N   1 
ATOM   858  C  CA  . GLY A 1 116 ? 5.032   -2.353  13.392  1.00 7.47  ? 116 GLY A CA  1 
ATOM   859  C  C   . GLY A 1 116 ? 5.707   -1.935  12.102  1.00 9.41  ? 116 GLY A C   1 
ATOM   860  O  O   . GLY A 1 116 ? 6.734   -1.265  12.193  1.00 12.77 ? 116 GLY A O   1 
ATOM   861  N  N   . HIS A 1 117 ? 5.177   -2.181  10.908  1.00 5.24  ? 117 HIS A N   1 
ATOM   862  C  CA  . HIS A 1 117 ? 5.941   -1.834  9.717   1.00 6.21  ? 117 HIS A CA  1 
ATOM   863  C  C   . HIS A 1 117 ? 5.836   -0.363  9.315   1.00 5.59  ? 117 HIS A C   1 
ATOM   864  O  O   . HIS A 1 117 ? 6.804   0.188   8.775   1.00 5.00  ? 117 HIS A O   1 
ATOM   865  C  CB  . HIS A 1 117 ? 5.494   -2.758  8.560   1.00 3.53  ? 117 HIS A CB  1 
ATOM   866  C  CG  . HIS A 1 117 ? 5.997   -4.205  8.714   1.00 8.90  ? 117 HIS A CG  1 
ATOM   867  N  ND1 . HIS A 1 117 ? 6.031   -5.029  7.663   1.00 5.83  ? 117 HIS A ND1 1 
ATOM   868  C  CD2 . HIS A 1 117 ? 6.495   -4.770  9.869   1.00 8.04  ? 117 HIS A CD2 1 
ATOM   869  C  CE1 . HIS A 1 117 ? 6.562   -6.134  8.182   1.00 7.31  ? 117 HIS A CE1 1 
ATOM   870  N  NE2 . HIS A 1 117 ? 6.835   -5.970  9.464   1.00 9.55  ? 117 HIS A NE2 1 
ATOM   871  N  N   . ILE A 1 118 ? 4.744   0.350   9.593   1.00 7.60  ? 118 ILE A N   1 
ATOM   872  C  CA  . ILE A 1 118 ? 4.586   1.755   9.186   1.00 8.10  ? 118 ILE A CA  1 
ATOM   873  C  C   . ILE A 1 118 ? 5.696   2.723   9.632   1.00 9.85  ? 118 ILE A C   1 
ATOM   874  O  O   . ILE A 1 118 ? 5.911   3.740   8.967   1.00 12.70 ? 118 ILE A O   1 
ATOM   875  C  CB  . ILE A 1 118 ? 3.162   2.206   9.660   1.00 6.52  ? 118 ILE A CB  1 
ATOM   876  C  CG1 . ILE A 1 118 ? 2.798   3.510   8.986   1.00 3.33  ? 118 ILE A CG1 1 
ATOM   877  C  CG2 . ILE A 1 118 ? 3.106   2.349   11.192  1.00 9.55  ? 118 ILE A CG2 1 
ATOM   878  C  CD1 . ILE A 1 118 ? 1.281   3.728   8.989   1.00 4.16  ? 118 ILE A CD1 1 
ATOM   879  N  N   . SER A 1 119 ? 6.514   2.454   10.657  1.00 9.75  ? 119 SER A N   1 
ATOM   880  C  CA  . SER A 1 119 ? 7.583   3.382   11.023  1.00 12.77 ? 119 SER A CA  1 
ATOM   881  C  C   . SER A 1 119 ? 8.595   3.560   9.888   1.00 12.66 ? 119 SER A C   1 
ATOM   882  O  O   . SER A 1 119 ? 9.200   4.624   9.730   1.00 12.24 ? 119 SER A O   1 
ATOM   883  C  CB  . SER A 1 119 ? 8.323   2.866   12.255  1.00 14.72 ? 119 SER A CB  1 
ATOM   884  O  OG  . SER A 1 119 ? 8.617   1.485   12.078  1.00 21.12 ? 119 SER A OG  1 
ATOM   885  N  N   . MET A 1 120 ? 8.800   2.473   9.118   1.00 11.82 ? 120 MET A N   1 
ATOM   886  C  CA  . MET A 1 120 ? 9.736   2.461   8.000   1.00 11.69 ? 120 MET A CA  1 
ATOM   887  C  C   . MET A 1 120 ? 9.046   2.364   6.646   1.00 9.75  ? 120 MET A C   1 
ATOM   888  O  O   . MET A 1 120 ? 9.580   2.801   5.617   1.00 12.75 ? 120 MET A O   1 
ATOM   889  C  CB  . MET A 1 120 ? 10.675  1.279   8.130   1.00 14.11 ? 120 MET A CB  1 
ATOM   890  C  CG  . MET A 1 120 ? 11.633  1.311   9.311   1.00 25.16 ? 120 MET A CG  1 
ATOM   891  S  SD  . MET A 1 120 ? 13.073  2.364   9.051   1.00 38.31 ? 120 MET A SD  1 
ATOM   892  C  CE  . MET A 1 120 ? 13.889  1.465   7.757   1.00 31.43 ? 120 MET A CE  1 
ATOM   893  N  N   . MET A 1 121 ? 7.839   1.824   6.598   1.00 6.84  ? 121 MET A N   1 
ATOM   894  C  CA  . MET A 1 121 ? 7.189   1.555   5.325   1.00 5.39  ? 121 MET A CA  1 
ATOM   895  C  C   . MET A 1 121 ? 6.030   2.478   4.972   1.00 4.88  ? 121 MET A C   1 
ATOM   896  O  O   . MET A 1 121 ? 4.851   2.104   5.075   1.00 7.99  ? 121 MET A O   1 
ATOM   897  C  CB  . MET A 1 121 ? 6.742   0.067   5.318   1.00 4.50  ? 121 MET A CB  1 
ATOM   898  C  CG  . MET A 1 121 ? 7.924   -0.906  5.375   1.00 2.50  ? 121 MET A CG  1 
ATOM   899  S  SD  . MET A 1 121 ? 7.556   -2.671  5.220   1.00 5.55  ? 121 MET A SD  1 
ATOM   900  C  CE  . MET A 1 121 ? 7.219   -2.806  3.486   1.00 4.85  ? 121 MET A CE  1 
ATOM   901  N  N   . LYS A 1 122 ? 6.368   3.688   4.519   1.00 2.50  ? 122 LYS A N   1 
ATOM   902  C  CA  . LYS A 1 122 ? 5.358   4.644   4.107   1.00 6.30  ? 122 LYS A CA  1 
ATOM   903  C  C   . LYS A 1 122 ? 5.931   5.644   3.108   1.00 5.18  ? 122 LYS A C   1 
ATOM   904  O  O   . LYS A 1 122 ? 7.150   5.791   2.993   1.00 4.08  ? 122 LYS A O   1 
ATOM   905  C  CB  . LYS A 1 122 ? 4.785   5.430   5.327   1.00 5.56  ? 122 LYS A CB  1 
ATOM   906  C  CG  . LYS A 1 122 ? 5.823   6.258   6.074   1.00 8.96  ? 122 LYS A CG  1 
ATOM   907  C  CD  . LYS A 1 122 ? 5.134   6.866   7.300   1.00 17.47 ? 122 LYS A CD  1 
ATOM   908  C  CE  . LYS A 1 122 ? 5.866   8.066   7.879   1.00 21.14 ? 122 LYS A CE  1 
ATOM   909  N  NZ  . LYS A 1 122 ? 7.249   7.800   8.231   1.00 23.16 ? 122 LYS A NZ  1 
ATOM   910  N  N   . GLY A 1 123 ? 5.087   6.352   2.371   1.00 7.48  ? 123 GLY A N   1 
ATOM   911  C  CA  . GLY A 1 123 ? 5.562   7.424   1.496   1.00 9.60  ? 123 GLY A CA  1 
ATOM   912  C  C   . GLY A 1 123 ? 4.390   8.235   0.938   1.00 9.98  ? 123 GLY A C   1 
ATOM   913  O  O   . GLY A 1 123 ? 3.258   8.103   1.441   1.00 8.05  ? 123 GLY A O   1 
ATOM   914  N  N   . THR A 1 124 ? 4.614   9.050   -0.102  1.00 10.66 ? 124 THR A N   1 
ATOM   915  C  CA  . THR A 1 124 ? 3.571   9.909   -0.644  1.00 8.64  ? 124 THR A CA  1 
ATOM   916  C  C   . THR A 1 124 ? 3.147   9.458   -2.032  1.00 9.61  ? 124 THR A C   1 
ATOM   917  O  O   . THR A 1 124 ? 3.923   8.801   -2.749  1.00 15.42 ? 124 THR A O   1 
ATOM   918  C  CB  . THR A 1 124 ? 4.069   11.378  -0.715  1.00 11.07 ? 124 THR A CB  1 
ATOM   919  O  OG1 . THR A 1 124 ? 5.257   11.389  -1.500  1.00 18.81 ? 124 THR A OG1 1 
ATOM   920  C  CG2 . THR A 1 124 ? 4.416   11.963  0.638   1.00 13.17 ? 124 THR A CG2 1 
ATOM   921  N  N   . VAL A 1 125 ? 1.915   9.752   -2.434  1.00 10.33 ? 125 VAL A N   1 
ATOM   922  C  CA  . VAL A 1 125 ? 1.427   9.500   -3.790  1.00 9.52  ? 125 VAL A CA  1 
ATOM   923  C  C   . VAL A 1 125 ? 0.960   10.882  -4.251  1.00 13.49 ? 125 VAL A C   1 
ATOM   924  O  O   . VAL A 1 125 ? 0.240   11.559  -3.517  1.00 9.71  ? 125 VAL A O   1 
ATOM   925  C  CB  . VAL A 1 125 ? 0.237   8.520   -3.811  1.00 8.83  ? 125 VAL A CB  1 
ATOM   926  C  CG1 . VAL A 1 125 ? -0.220  8.369   -5.240  1.00 9.60  ? 125 VAL A CG1 1 
ATOM   927  C  CG2 . VAL A 1 125 ? 0.623   7.098   -3.337  1.00 5.22  ? 125 VAL A CG2 1 
ATOM   928  N  N   . THR A 1 126 ? 1.366   11.373  -5.422  1.00 17.65 ? 126 THR A N   1 
ATOM   929  C  CA  . THR A 1 126 ? 0.921   12.683  -5.899  1.00 20.42 ? 126 THR A CA  1 
ATOM   930  C  C   . THR A 1 126 ? 0.424   12.503  -7.328  1.00 21.76 ? 126 THR A C   1 
ATOM   931  O  O   . THR A 1 126 ? 1.026   11.699  -8.056  1.00 20.69 ? 126 THR A O   1 
ATOM   932  C  CB  . THR A 1 126 ? 2.097   13.667  -5.867  1.00 23.40 ? 126 THR A CB  1 
ATOM   933  O  OG1 . THR A 1 126 ? 2.631   13.661  -4.538  1.00 28.24 ? 126 THR A OG1 1 
ATOM   934  C  CG2 . THR A 1 126 ? 1.670   15.082  -6.251  1.00 26.58 ? 126 THR A CG2 1 
ATOM   935  N  N   . VAL A 1 127 ? -0.663  13.161  -7.760  1.00 23.45 ? 127 VAL A N   1 
ATOM   936  C  CA  . VAL A 1 127 ? -1.130  13.089  -9.145  1.00 24.15 ? 127 VAL A CA  1 
ATOM   937  C  C   . VAL A 1 127 ? -0.533  14.311  -9.822  1.00 28.63 ? 127 VAL A C   1 
ATOM   938  O  O   . VAL A 1 127 ? -0.620  15.431  -9.296  1.00 29.55 ? 127 VAL A O   1 
ATOM   939  C  CB  . VAL A 1 127 ? -2.657  13.124  -9.204  1.00 21.94 ? 127 VAL A CB  1 
ATOM   940  C  CG1 . VAL A 1 127 ? -3.179  13.060  -10.623 1.00 21.86 ? 127 VAL A CG1 1 
ATOM   941  C  CG2 . VAL A 1 127 ? -3.171  11.897  -8.487  1.00 23.43 ? 127 VAL A CG2 1 
ATOM   942  N  N   . LYS A 1 128 ? 0.082   14.069  -10.966 1.00 31.13 ? 128 LYS A N   1 
ATOM   943  C  CA  . LYS A 1 128 ? 0.870   15.052  -11.666 1.00 36.43 ? 128 LYS A CA  1 
ATOM   944  C  C   . LYS A 1 128 ? 0.637   14.641  -13.128 1.00 39.95 ? 128 LYS A C   1 
ATOM   945  O  O   . LYS A 1 128 ? -0.362  15.054  -13.729 1.00 39.74 ? 128 LYS A O   1 
ATOM   946  C  CB  . LYS A 1 128 ? 2.274   14.828  -11.130 1.00 35.72 ? 128 LYS A CB  1 
ATOM   947  C  CG  . LYS A 1 128 ? 3.290   15.927  -11.178 1.00 41.04 ? 128 LYS A CG  1 
ATOM   948  C  CD  . LYS A 1 128 ? 4.484   15.435  -10.358 1.00 44.49 ? 128 LYS A CD  1 
ATOM   949  C  CE  . LYS A 1 128 ? 5.644   16.412  -10.478 1.00 45.85 ? 128 LYS A CE  1 
ATOM   950  N  NZ  . LYS A 1 128 ? 6.864   15.821  -9.966  1.00 45.70 ? 128 LYS A NZ  1 
ATOM   951  O  OXT . LYS A 1 128 ? 1.393   13.807  -13.631 1.00 44.40 ? 128 LYS A OXT 1 
HETATM 952  CU CU  . CU  B 2 .   ? 5.163   -4.733  5.871   1.00 9.10  ? 129 CU  A CU  1 
HETATM 953  O  O   . HOH C 3 .   ? -8.609  8.266   2.853   1.00 3.29  ? 130 HOH A O   1 
HETATM 954  O  O   . HOH C 3 .   ? -8.187  -0.505  8.886   1.00 8.92  ? 131 HOH A O   1 
HETATM 955  O  O   . HOH C 3 .   ? 14.278  -3.819  -3.168  1.00 9.29  ? 132 HOH A O   1 
HETATM 956  O  O   . HOH C 3 .   ? 10.312  1.921   3.047   1.00 9.38  ? 133 HOH A O   1 
HETATM 957  O  O   . HOH C 3 .   ? 2.323   -0.959  9.979   1.00 9.60  ? 134 HOH A O   1 
HETATM 958  O  O   . HOH C 3 .   ? 10.555  -2.656  -8.122  1.00 10.07 ? 135 HOH A O   1 
HETATM 959  O  O   . HOH C 3 .   ? -8.481  -2.038  -3.426  1.00 11.08 ? 136 HOH A O   1 
HETATM 960  O  O   . HOH C 3 .   ? 10.200  -6.609  -10.901 1.00 11.19 ? 137 HOH A O   1 
HETATM 961  O  O   . HOH C 3 .   ? 10.125  -5.452  -7.942  1.00 11.70 ? 138 HOH A O   1 
HETATM 962  O  O   . HOH C 3 .   ? 8.348   -11.601 -5.186  1.00 11.80 ? 139 HOH A O   1 
HETATM 963  O  O   . HOH C 3 .   ? 7.922   -8.071  11.139  1.00 13.04 ? 140 HOH A O   1 
HETATM 964  O  O   . HOH C 3 .   ? -4.416  14.325  3.873   1.00 14.90 ? 141 HOH A O   1 
HETATM 965  O  O   . HOH C 3 .   ? 9.038   3.904   1.612   1.00 15.89 ? 142 HOH A O   1 
HETATM 966  O  O   . HOH C 3 .   ? 6.850   -17.035 1.401   1.00 16.37 ? 143 HOH A O   1 
HETATM 967  O  O   . HOH C 3 .   ? 14.644  -8.975  0.698   1.00 16.56 ? 144 HOH A O   1 
HETATM 968  O  O   . HOH C 3 .   ? 4.484   -16.738 3.066   1.00 19.93 ? 145 HOH A O   1 
HETATM 969  O  O   . HOH C 3 .   ? -6.721  8.970   11.164  1.00 19.97 ? 146 HOH A O   1 
HETATM 970  O  O   . HOH C 3 .   ? 6.545   7.122   -9.522  1.00 22.62 ? 147 HOH A O   1 
HETATM 971  O  O   . HOH C 3 .   ? -8.673  -7.618  2.543   1.00 22.75 ? 148 HOH A O   1 
HETATM 972  O  O   . HOH C 3 .   ? -9.805  -6.624  5.395   1.00 23.02 ? 149 HOH A O   1 
HETATM 973  O  O   . HOH C 3 .   ? 1.228   -12.573 11.389  1.00 23.94 ? 150 HOH A O   1 
HETATM 974  O  O   . HOH C 3 .   ? -10.784 -3.334  3.818   1.00 24.36 ? 151 HOH A O   1 
HETATM 975  O  O   . HOH C 3 .   ? 15.991  -1.951  -5.262  1.00 24.48 ? 152 HOH A O   1 
HETATM 976  O  O   . HOH C 3 .   ? 8.054   -11.670 -7.919  1.00 24.63 ? 153 HOH A O   1 
HETATM 977  O  O   . HOH C 3 .   ? -6.734  -13.837 11.032  1.00 24.74 ? 154 HOH A O   1 
HETATM 978  O  O   . HOH C 3 .   ? -2.136  -11.189 14.353  1.00 25.06 ? 155 HOH A O   1 
HETATM 979  O  O   . HOH C 3 .   ? -10.075 4.762   13.386  1.00 26.51 ? 156 HOH A O   1 
HETATM 980  O  O   . HOH C 3 .   ? 6.471   1.762   -14.853 1.00 26.62 ? 157 HOH A O   1 
HETATM 981  O  O   . HOH C 3 .   ? 14.476  0.881   -8.170  1.00 26.80 ? 158 HOH A O   1 
HETATM 982  O  O   . HOH C 3 .   ? 17.727  -15.148 3.352   1.00 27.20 ? 159 HOH A O   1 
HETATM 983  O  O   . HOH C 3 .   ? -0.672  13.923  -2.333  1.00 27.36 ? 160 HOH A O   1 
HETATM 984  O  O   . HOH C 3 .   ? 4.172   9.157   4.005   1.00 27.43 ? 161 HOH A O   1 
HETATM 985  O  O   . HOH C 3 .   ? 17.460  -9.988  1.790   1.00 27.69 ? 162 HOH A O   1 
HETATM 986  O  O   . HOH C 3 .   ? 16.894  -12.292 3.115   1.00 28.12 ? 163 HOH A O   1 
HETATM 987  O  O   . HOH C 3 .   ? -3.867  -12.674 13.065  1.00 28.77 ? 164 HOH A O   1 
HETATM 988  O  O   . HOH C 3 .   ? -2.339  20.250  0.496   1.00 29.56 ? 165 HOH A O   1 
HETATM 989  O  O   . HOH C 3 .   ? -10.520 1.164   -5.409  1.00 31.10 ? 166 HOH A O   1 
HETATM 990  O  O   . HOH C 3 .   ? 2.010   -14.695 -5.442  1.00 31.14 ? 167 HOH A O   1 
HETATM 991  O  O   . HOH C 3 .   ? -2.892  -12.950 2.034   1.00 31.42 ? 168 HOH A O   1 
HETATM 992  O  O   . HOH C 3 .   ? 7.810   0.565   -12.013 1.00 31.80 ? 169 HOH A O   1 
HETATM 993  O  O   . HOH C 3 .   ? -11.588 -1.030  2.713   1.00 31.98 ? 170 HOH A O   1 
HETATM 994  O  O   . HOH C 3 .   ? 2.140   7.775   -13.942 1.00 32.07 ? 171 HOH A O   1 
HETATM 995  O  O   . HOH C 3 .   ? -9.163  12.841  4.648   1.00 32.16 ? 172 HOH A O   1 
HETATM 996  O  O   . HOH C 3 .   ? 8.635   -10.290 -10.101 1.00 32.25 ? 173 HOH A O   1 
HETATM 997  O  O   . HOH C 3 .   ? -10.100 -1.229  -0.613  1.00 32.25 ? 174 HOH A O   1 
HETATM 998  O  O   . HOH C 3 .   ? 7.936   -11.335 12.961  1.00 32.41 ? 175 HOH A O   1 
HETATM 999  O  O   . HOH C 3 .   ? -0.249  15.856  5.052   1.00 32.48 ? 176 HOH A O   1 
HETATM 1000 O  O   . HOH C 3 .   ? 5.418   -12.265 13.668  1.00 32.81 ? 177 HOH A O   1 
HETATM 1001 O  O   . HOH C 3 .   ? -4.389  12.319  11.426  1.00 32.87 ? 178 HOH A O   1 
HETATM 1002 O  O   . HOH C 3 .   ? 8.770   -18.064 3.022   1.00 33.17 ? 179 HOH A O   1 
HETATM 1003 O  O   . HOH C 3 .   ? 15.029  -2.056  -1.054  1.00 33.22 ? 180 HOH A O   1 
HETATM 1004 O  O   . HOH C 3 .   ? -12.502 3.453   13.444  1.00 33.25 ? 181 HOH A O   1 
HETATM 1005 O  O   . HOH C 3 .   ? -11.037 10.159  -22.243 1.00 33.61 ? 182 HOH A O   1 
HETATM 1006 O  O   . HOH C 3 .   ? -7.833  10.616  -14.985 1.00 33.68 ? 183 HOH A O   1 
HETATM 1007 O  O   . HOH C 3 .   ? -9.191  -1.131  -6.168  1.00 33.89 ? 184 HOH A O   1 
HETATM 1008 O  O   . HOH C 3 .   ? 3.342   -1.878  16.699  1.00 34.39 ? 185 HOH A O   1 
HETATM 1009 O  O   . HOH C 3 .   ? 16.259  -1.486  2.907   1.00 34.57 ? 186 HOH A O   1 
HETATM 1010 O  O   . HOH C 3 .   ? 14.939  1.462   -5.519  1.00 34.64 ? 187 HOH A O   1 
HETATM 1011 O  O   . HOH C 3 .   ? 16.026  -4.037  2.232   1.00 34.95 ? 188 HOH A O   1 
HETATM 1012 O  O   . HOH C 3 .   ? -9.730  8.775   -13.853 1.00 35.01 ? 189 HOH A O   1 
HETATM 1013 O  O   . HOH C 3 .   ? -2.462  14.231  -5.538  1.00 35.03 ? 190 HOH A O   1 
HETATM 1014 O  O   . HOH C 3 .   ? 4.630   5.663   -11.087 1.00 35.33 ? 191 HOH A O   1 
HETATM 1015 O  O   . HOH C 3 .   ? 12.478  4.919   -10.163 1.00 35.79 ? 192 HOH A O   1 
HETATM 1016 O  O   . HOH C 3 .   ? -18.323 -0.794  5.279   1.00 35.85 ? 193 HOH A O   1 
HETATM 1017 O  O   . HOH C 3 .   ? 12.175  6.910   -4.848  1.00 35.87 ? 194 HOH A O   1 
HETATM 1018 O  O   . HOH C 3 .   ? 12.493  13.571  6.548   1.00 36.08 ? 195 HOH A O   1 
HETATM 1019 O  O   . HOH C 3 .   ? -12.813 -5.995  10.688  1.00 36.23 ? 196 HOH A O   1 
HETATM 1020 O  O   . HOH C 3 .   ? 9.430   1.197   -6.937  1.00 36.98 ? 197 HOH A O   1 
HETATM 1021 O  O   . HOH C 3 .   ? -0.453  12.011  8.338   1.00 37.31 ? 198 HOH A O   1 
HETATM 1022 O  O   . HOH C 3 .   ? -9.419  18.004  -1.256  1.00 37.43 ? 199 HOH A O   1 
HETATM 1023 O  O   . HOH C 3 .   ? -11.707 9.823   8.932   1.00 37.92 ? 200 HOH A O   1 
HETATM 1024 O  O   . HOH C 3 .   ? 14.542  -7.636  10.159  1.00 38.12 ? 201 HOH A O   1 
HETATM 1025 O  O   . HOH C 3 .   ? -12.271 9.203   4.468   1.00 38.14 ? 202 HOH A O   1 
HETATM 1026 O  O   . HOH C 3 .   ? 1.458   -3.847  17.243  1.00 38.14 ? 203 HOH A O   1 
HETATM 1027 O  O   . HOH C 3 .   ? 7.978   5.599   -7.864  1.00 38.54 ? 204 HOH A O   1 
HETATM 1028 O  O   . HOH C 3 .   ? -11.262 -6.908  1.079   1.00 38.86 ? 205 HOH A O   1 
HETATM 1029 O  O   . HOH C 3 .   ? -18.504 1.471   6.870   1.00 38.90 ? 206 HOH A O   1 
HETATM 1030 O  O   . HOH C 3 .   ? -10.214 -3.933  13.987  1.00 39.51 ? 207 HOH A O   1 
HETATM 1031 O  O   . HOH C 3 .   ? 8.216   -17.193 -6.747  1.00 39.66 ? 208 HOH A O   1 
HETATM 1032 O  O   . HOH C 3 .   ? 3.816   -19.289 3.814   1.00 39.89 ? 209 HOH A O   1 
HETATM 1033 O  O   . HOH C 3 .   ? -5.590  -8.636  -4.162  1.00 40.51 ? 210 HOH A O   1 
HETATM 1034 O  O   . HOH C 3 .   ? 11.974  2.669   -11.935 1.00 40.83 ? 211 HOH A O   1 
HETATM 1035 O  O   . HOH C 3 .   ? -8.720  17.692  1.601   1.00 41.28 ? 212 HOH A O   1 
HETATM 1036 O  O   . HOH C 3 .   ? 3.374   -18.573 -2.963  1.00 41.43 ? 213 HOH A O   1 
HETATM 1037 O  O   . HOH C 3 .   ? 7.895   12.225  -6.215  1.00 41.96 ? 214 HOH A O   1 
HETATM 1038 O  O   . HOH C 3 .   ? 12.646  6.250   -24.903 1.00 42.48 ? 215 HOH A O   1 
HETATM 1039 O  O   . HOH C 3 .   ? -13.589 4.462   -19.220 1.00 42.50 ? 216 HOH A O   1 
HETATM 1040 O  O   . HOH C 3 .   ? -12.850 0.838   1.151   1.00 43.06 ? 217 HOH A O   1 
HETATM 1041 O  O   . HOH C 3 .   ? -12.079 3.053   -3.288  1.00 43.28 ? 218 HOH A O   1 
HETATM 1042 O  O   . HOH C 3 .   ? 8.779   8.273   3.903   1.00 43.77 ? 219 HOH A O   1 
HETATM 1043 O  O   . HOH C 3 .   ? -14.610 1.769   -3.803  1.00 44.23 ? 220 HOH A O   1 
HETATM 1044 O  O   . HOH C 3 .   ? -7.580  16.739  7.795   1.00 44.43 ? 221 HOH A O   1 
HETATM 1045 O  O   . HOH C 3 .   ? 4.605   11.583  -4.462  1.00 45.47 ? 222 HOH A O   1 
HETATM 1046 O  O   . HOH C 3 .   ? -12.421 1.275   -9.073  1.00 45.49 ? 223 HOH A O   1 
HETATM 1047 O  O   . HOH C 3 .   ? 15.691  -9.250  8.207   1.00 45.68 ? 224 HOH A O   1 
HETATM 1048 O  O   . HOH C 3 .   ? 1.549   -16.365 13.010  1.00 46.10 ? 225 HOH A O   1 
HETATM 1049 O  O   . HOH C 3 .   ? -7.584  12.573  -10.515 1.00 46.54 ? 226 HOH A O   1 
HETATM 1050 O  O   . HOH C 3 .   ? 5.699   4.382   -13.641 1.00 47.28 ? 227 HOH A O   1 
HETATM 1051 O  O   . HOH C 3 .   ? -9.354  8.625   10.309  1.00 48.03 ? 228 HOH A O   1 
HETATM 1052 O  O   . HOH C 3 .   ? 8.150   -8.224  -11.778 1.00 48.14 ? 229 HOH A O   1 
HETATM 1053 O  O   . HOH C 3 .   ? -13.329 3.413   0.514   1.00 49.20 ? 230 HOH A O   1 
HETATM 1054 O  O   . HOH C 3 .   ? 9.179   6.079   7.339   1.00 49.48 ? 231 HOH A O   1 
HETATM 1055 O  O   . HOH C 3 .   ? 9.622   7.188   -22.477 1.00 49.65 ? 232 HOH A O   1 
HETATM 1056 O  O   . HOH C 3 .   ? -12.082 -7.611  12.820  1.00 49.97 ? 233 HOH A O   1 
HETATM 1057 O  O   . HOH C 3 .   ? -3.236  -13.605 4.790   1.00 50.33 ? 234 HOH A O   1 
HETATM 1058 O  O   . HOH C 3 .   ? 10.983  -19.102 5.333   1.00 51.41 ? 235 HOH A O   1 
HETATM 1059 O  O   . HOH C 3 .   ? 9.227   5.480   4.707   1.00 51.32 ? 236 HOH A O   1 
HETATM 1060 O  O   . HOH C 3 .   ? -12.797 -4.881  2.549   1.00 53.24 ? 237 HOH A O   1 
HETATM 1061 O  O   . HOH C 3 .   ? 11.322  -6.352  -16.533 1.00 54.10 ? 238 HOH A O   1 
HETATM 1062 O  O   . HOH C 3 .   ? -7.777  -11.414 -0.511  1.00 55.45 ? 239 HOH A O   1 
HETATM 1063 O  O   . HOH C 3 .   ? -3.905  -17.455 9.927   1.00 56.12 ? 240 HOH A O   1 
HETATM 1064 O  O   . HOH C 3 .   ? 11.468  3.591   0.414   1.00 59.12 ? 241 HOH A O   1 
HETATM 1065 O  O   . HOH C 3 .   ? 7.568   4.178   -17.952 1.00 62.56 ? 242 HOH A O   1 
HETATM 1066 O  O   . HOH C 3 .   ? -1.000  -1.079  10.889  1.00 63.00 ? 243 HOH A O   1 
# 
